data_4HVU
# 
_entry.id   4HVU 
# 
_audit_conform.dict_name       mmcif_pdbx.dic 
_audit_conform.dict_version    5.379 
_audit_conform.dict_location   http://mmcif.pdb.org/dictionaries/ascii/mmcif_pdbx.dic 
# 
loop_
_database_2.database_id 
_database_2.database_code 
_database_2.pdbx_database_accession 
_database_2.pdbx_DOI 
PDB   4HVU         pdb_00004hvu 10.2210/pdb4hvu/pdb 
RCSB  RCSB075983   ?            ?                   
WWPDB D_1000075983 ?            ?                   
# 
loop_
_pdbx_database_related.db_name 
_pdbx_database_related.db_id 
_pdbx_database_related.details 
_pdbx_database_related.content_type 
PDB 4HVV .                                                                      unspecified 
PDB 4HVW .                                                                      unspecified 
PDB 1QWE 'C-SRC SH3 DOMAIN COMPLEXED WITH LIGAND APP12 (NMR Structure)'         unspecified 
PDB 1QWF 'C-SRC SH3 DOMAIN COMPLEXED WITH LIGAND VSL12 (NMR Structure)'         unspecified 
PDB 3FJ5 'Crystal structure of the c-src-SH3 domain'                            unspecified 
PDB 1SRL '1H AND 15N ASSIGNMENTS AND SECONDARY STRUCTURE OF THE SRC SH3 DOMAIN' unspecified 
# 
_pdbx_database_status.entry_id                        4HVU 
_pdbx_database_status.status_code                     REL 
_pdbx_database_status.deposit_site                    RCSB 
_pdbx_database_status.process_site                    RCSB 
_pdbx_database_status.recvd_initial_deposition_date   2012-11-07 
_pdbx_database_status.status_code_sf                  REL 
_pdbx_database_status.status_code_mr                  ? 
_pdbx_database_status.SG_entry                        ? 
_pdbx_database_status.status_code_cs                  ? 
_pdbx_database_status.methods_development_category    ? 
_pdbx_database_status.pdb_format_compatible           Y 
_pdbx_database_status.status_code_nmr_data            ? 
# 
_audit_author.name           'Camara-Artigas, A.' 
_audit_author.pdbx_ordinal   1 
# 
_citation.id                        primary 
_citation.title                     
'Atomic resolution structures of the c-Src SH3 domain in complex with two high-affinity peptides from classes I and II.' 
_citation.journal_abbrev            'Acta Crystallogr.,Sect.D' 
_citation.journal_volume            69 
_citation.page_first                756 
_citation.page_last                 766 
_citation.year                      2013 
_citation.journal_id_ASTM           ABCRE6 
_citation.country                   DK 
_citation.journal_id_ISSN           0907-4449 
_citation.journal_id_CSD            0766 
_citation.book_publisher            ? 
_citation.pdbx_database_id_PubMed   23633584 
_citation.pdbx_database_id_DOI      10.1107/S0907444913001522 
# 
loop_
_citation_author.citation_id 
_citation_author.name 
_citation_author.ordinal 
_citation_author.identifier_ORCID 
primary 'Bacarizo, J.'       1 ? 
primary 'Camara-Artigas, A.' 2 ? 
# 
_cell.length_a           31.503 
_cell.length_b           31.503 
_cell.length_c           106.710 
_cell.angle_alpha        90.000 
_cell.angle_beta         90.000 
_cell.angle_gamma        120.000 
_cell.entry_id           4HVU 
_cell.pdbx_unique_axis   ? 
_cell.Z_PDB              6 
_cell.length_a_esd       ? 
_cell.length_b_esd       ? 
_cell.length_c_esd       ? 
_cell.angle_alpha_esd    ? 
_cell.angle_beta_esd     ? 
_cell.angle_gamma_esd    ? 
# 
_symmetry.space_group_name_H-M             'P 31 2 1' 
_symmetry.entry_id                         4HVU 
_symmetry.Int_Tables_number                152 
_symmetry.pdbx_full_space_group_name_H-M   ? 
_symmetry.cell_setting                     ? 
_symmetry.space_group_name_Hall            ? 
# 
loop_
_entity.id 
_entity.type 
_entity.src_method 
_entity.pdbx_description 
_entity.formula_weight 
_entity.pdbx_number_of_molecules 
_entity.pdbx_ec 
_entity.pdbx_mutation 
_entity.pdbx_fragment 
_entity.details 
1 polymer     man 'Proto-oncogene tyrosine-protein kinase Src' 6948.547 1  2.7.10.2 'T98D, Q128R' 'SH3 domain' ? 
2 polymer     syn 'SYNTHETIC PEPTIDE Acetyl-APPLPPRNRP'        1142.353 1  ?        ?             ?            ? 
3 non-polymer syn 'SULFATE ION'                                96.063   1  ?        ?             ?            ? 
4 non-polymer syn 'ACETYL GROUP'                               44.053   2  ?        ?             ?            ? 
5 water       nat water                                        18.015   89 ?        ?             ?            ? 
# 
_entity_name_com.entity_id   1 
_entity_name_com.name        'Proto-oncogene c-Src, pp60c-src, p60-Src' 
# 
loop_
_entity_poly.entity_id 
_entity_poly.type 
_entity_poly.nstd_linkage 
_entity_poly.nstd_monomer 
_entity_poly.pdbx_seq_one_letter_code 
_entity_poly.pdbx_seq_one_letter_code_can 
_entity_poly.pdbx_strand_id 
_entity_poly.pdbx_target_identifier 
1 'polypeptide(L)' no no  GSHMTFVALYDYESRTEDDLSFKKGERLQIVNNTEGDWWLAHSLTTGRTGYIPSNYVAPSD 
GSHMTFVALYDYESRTEDDLSFKKGERLQIVNNTEGDWWLAHSLTTGRTGYIPSNYVAPSD A ? 
2 'polypeptide(L)' no yes '(ACE)APPLPPRNRP'                                             XAPPLPPRNRP B ? 
# 
loop_
_entity_poly_seq.entity_id 
_entity_poly_seq.num 
_entity_poly_seq.mon_id 
_entity_poly_seq.hetero 
1 1  GLY n 
1 2  SER n 
1 3  HIS n 
1 4  MET n 
1 5  THR n 
1 6  PHE n 
1 7  VAL n 
1 8  ALA n 
1 9  LEU n 
1 10 TYR n 
1 11 ASP n 
1 12 TYR n 
1 13 GLU n 
1 14 SER n 
1 15 ARG n 
1 16 THR n 
1 17 GLU n 
1 18 ASP n 
1 19 ASP n 
1 20 LEU n 
1 21 SER n 
1 22 PHE n 
1 23 LYS n 
1 24 LYS n 
1 25 GLY n 
1 26 GLU n 
1 27 ARG n 
1 28 LEU n 
1 29 GLN n 
1 30 ILE n 
1 31 VAL n 
1 32 ASN n 
1 33 ASN n 
1 34 THR n 
1 35 GLU n 
1 36 GLY n 
1 37 ASP n 
1 38 TRP n 
1 39 TRP n 
1 40 LEU n 
1 41 ALA n 
1 42 HIS n 
1 43 SER n 
1 44 LEU n 
1 45 THR n 
1 46 THR n 
1 47 GLY n 
1 48 ARG n 
1 49 THR n 
1 50 GLY n 
1 51 TYR n 
1 52 ILE n 
1 53 PRO n 
1 54 SER n 
1 55 ASN n 
1 56 TYR n 
1 57 VAL n 
1 58 ALA n 
1 59 PRO n 
1 60 SER n 
1 61 ASP n 
2 1  ACE n 
2 2  ALA n 
2 3  PRO n 
2 4  PRO n 
2 5  LEU n 
2 6  PRO n 
2 7  PRO n 
2 8  ARG n 
2 9  ASN n 
2 10 ARG n 
2 11 PRO n 
# 
_entity_src_gen.entity_id                          1 
_entity_src_gen.pdbx_src_id                        1 
_entity_src_gen.pdbx_alt_source_flag               sample 
_entity_src_gen.pdbx_seq_type                      ? 
_entity_src_gen.pdbx_beg_seq_num                   ? 
_entity_src_gen.pdbx_end_seq_num                   ? 
_entity_src_gen.gene_src_common_name               bantam,chickens 
_entity_src_gen.gene_src_genus                     ? 
_entity_src_gen.pdbx_gene_src_gene                 SRC 
_entity_src_gen.gene_src_species                   ? 
_entity_src_gen.gene_src_strain                    ? 
_entity_src_gen.gene_src_tissue                    ? 
_entity_src_gen.gene_src_tissue_fraction           ? 
_entity_src_gen.gene_src_details                   ? 
_entity_src_gen.pdbx_gene_src_fragment             ? 
_entity_src_gen.pdbx_gene_src_scientific_name      'Gallus gallus' 
_entity_src_gen.pdbx_gene_src_ncbi_taxonomy_id     9031 
_entity_src_gen.pdbx_gene_src_variant              ? 
_entity_src_gen.pdbx_gene_src_cell_line            ? 
_entity_src_gen.pdbx_gene_src_atcc                 ? 
_entity_src_gen.pdbx_gene_src_organ                ? 
_entity_src_gen.pdbx_gene_src_organelle            ? 
_entity_src_gen.pdbx_gene_src_cell                 ? 
_entity_src_gen.pdbx_gene_src_cellular_location    ? 
_entity_src_gen.host_org_common_name               ? 
_entity_src_gen.pdbx_host_org_scientific_name      'Escherichia coli' 
_entity_src_gen.pdbx_host_org_ncbi_taxonomy_id     469008 
_entity_src_gen.host_org_genus                     ? 
_entity_src_gen.pdbx_host_org_gene                 ? 
_entity_src_gen.pdbx_host_org_organ                ? 
_entity_src_gen.host_org_species                   ? 
_entity_src_gen.pdbx_host_org_tissue               ? 
_entity_src_gen.pdbx_host_org_tissue_fraction      ? 
_entity_src_gen.pdbx_host_org_strain               'BL21(DE3)' 
_entity_src_gen.pdbx_host_org_variant              ? 
_entity_src_gen.pdbx_host_org_cell_line            ? 
_entity_src_gen.pdbx_host_org_atcc                 ? 
_entity_src_gen.pdbx_host_org_culture_collection   ? 
_entity_src_gen.pdbx_host_org_cell                 ? 
_entity_src_gen.pdbx_host_org_organelle            ? 
_entity_src_gen.pdbx_host_org_cellular_location    ? 
_entity_src_gen.pdbx_host_org_vector_type          plasmid 
_entity_src_gen.pdbx_host_org_vector               ? 
_entity_src_gen.host_org_details                   ? 
_entity_src_gen.expression_system_id               ? 
_entity_src_gen.plasmid_name                       pET15b 
_entity_src_gen.plasmid_details                    ? 
_entity_src_gen.pdbx_description                   ? 
# 
_pdbx_entity_src_syn.entity_id              2 
_pdbx_entity_src_syn.pdbx_src_id            1 
_pdbx_entity_src_syn.pdbx_alt_source_flag   sample 
_pdbx_entity_src_syn.pdbx_beg_seq_num       ? 
_pdbx_entity_src_syn.pdbx_end_seq_num       ? 
_pdbx_entity_src_syn.organism_scientific    ? 
_pdbx_entity_src_syn.organism_common_name   ? 
_pdbx_entity_src_syn.ncbi_taxonomy_id       ? 
_pdbx_entity_src_syn.details                'High affinity peptide designed from phage display experiments' 
# 
loop_
_struct_ref.id 
_struct_ref.db_name 
_struct_ref.db_code 
_struct_ref.pdbx_db_accession 
_struct_ref.entity_id 
_struct_ref.pdbx_seq_one_letter_code 
_struct_ref.pdbx_align_begin 
_struct_ref.pdbx_db_isoform 
1 UNP SRC_CHICK P00523 1 TFVALYDYESRTETDLSFKKGERLQIVNNTEGDWWLAHSLTTGQTGYIPSNYVAPSD 85 ? 
2 PDB 4HVU      4HVU   2 ?                                                         ?  ? 
# 
loop_
_struct_ref_seq.align_id 
_struct_ref_seq.ref_id 
_struct_ref_seq.pdbx_PDB_id_code 
_struct_ref_seq.pdbx_strand_id 
_struct_ref_seq.seq_align_beg 
_struct_ref_seq.pdbx_seq_align_beg_ins_code 
_struct_ref_seq.seq_align_end 
_struct_ref_seq.pdbx_seq_align_end_ins_code 
_struct_ref_seq.pdbx_db_accession 
_struct_ref_seq.db_align_beg 
_struct_ref_seq.pdbx_db_align_beg_ins_code 
_struct_ref_seq.db_align_end 
_struct_ref_seq.pdbx_db_align_end_ins_code 
_struct_ref_seq.pdbx_auth_seq_align_beg 
_struct_ref_seq.pdbx_auth_seq_align_end 
1 1 4HVU A 5 ? 61 ? P00523 85 ? 141 ? 85 141 
2 2 4HVU B 1 ? 11 ? 4HVU   0  ? 10  ? 0  10  
# 
loop_
_struct_ref_seq_dif.align_id 
_struct_ref_seq_dif.pdbx_pdb_id_code 
_struct_ref_seq_dif.mon_id 
_struct_ref_seq_dif.pdbx_pdb_strand_id 
_struct_ref_seq_dif.seq_num 
_struct_ref_seq_dif.pdbx_pdb_ins_code 
_struct_ref_seq_dif.pdbx_seq_db_name 
_struct_ref_seq_dif.pdbx_seq_db_accession_code 
_struct_ref_seq_dif.db_mon_id 
_struct_ref_seq_dif.pdbx_seq_db_seq_num 
_struct_ref_seq_dif.details 
_struct_ref_seq_dif.pdbx_auth_seq_num 
_struct_ref_seq_dif.pdbx_ordinal 
1 4HVU GLY A 1  ? UNP P00523 ?   ?   'expression tag'      81  1 
1 4HVU SER A 2  ? UNP P00523 ?   ?   'expression tag'      82  2 
1 4HVU HIS A 3  ? UNP P00523 ?   ?   'expression tag'      83  3 
1 4HVU MET A 4  ? UNP P00523 ?   ?   'expression tag'      84  4 
1 4HVU ASP A 18 ? UNP P00523 THR 98  'engineered mutation' 98  5 
1 4HVU ARG A 48 ? UNP P00523 GLN 128 'engineered mutation' 128 6 
# 
loop_
_chem_comp.id 
_chem_comp.type 
_chem_comp.mon_nstd_flag 
_chem_comp.name 
_chem_comp.pdbx_synonyms 
_chem_comp.formula 
_chem_comp.formula_weight 
ACE non-polymer         . 'ACETYL GROUP'  ? 'C2 H4 O'        44.053  
ALA 'L-peptide linking' y ALANINE         ? 'C3 H7 N O2'     89.093  
ARG 'L-peptide linking' y ARGININE        ? 'C6 H15 N4 O2 1' 175.209 
ASN 'L-peptide linking' y ASPARAGINE      ? 'C4 H8 N2 O3'    132.118 
ASP 'L-peptide linking' y 'ASPARTIC ACID' ? 'C4 H7 N O4'     133.103 
GLN 'L-peptide linking' y GLUTAMINE       ? 'C5 H10 N2 O3'   146.144 
GLU 'L-peptide linking' y 'GLUTAMIC ACID' ? 'C5 H9 N O4'     147.129 
GLY 'peptide linking'   y GLYCINE         ? 'C2 H5 N O2'     75.067  
HIS 'L-peptide linking' y HISTIDINE       ? 'C6 H10 N3 O2 1' 156.162 
HOH non-polymer         . WATER           ? 'H2 O'           18.015  
ILE 'L-peptide linking' y ISOLEUCINE      ? 'C6 H13 N O2'    131.173 
LEU 'L-peptide linking' y LEUCINE         ? 'C6 H13 N O2'    131.173 
LYS 'L-peptide linking' y LYSINE          ? 'C6 H15 N2 O2 1' 147.195 
MET 'L-peptide linking' y METHIONINE      ? 'C5 H11 N O2 S'  149.211 
PHE 'L-peptide linking' y PHENYLALANINE   ? 'C9 H11 N O2'    165.189 
PRO 'L-peptide linking' y PROLINE         ? 'C5 H9 N O2'     115.130 
SER 'L-peptide linking' y SERINE          ? 'C3 H7 N O3'     105.093 
SO4 non-polymer         . 'SULFATE ION'   ? 'O4 S -2'        96.063  
THR 'L-peptide linking' y THREONINE       ? 'C4 H9 N O3'     119.119 
TRP 'L-peptide linking' y TRYPTOPHAN      ? 'C11 H12 N2 O2'  204.225 
TYR 'L-peptide linking' y TYROSINE        ? 'C9 H11 N O3'    181.189 
VAL 'L-peptide linking' y VALINE          ? 'C5 H11 N O2'    117.146 
# 
_exptl.crystals_number   1 
_exptl.entry_id          4HVU 
_exptl.method            'X-RAY DIFFRACTION' 
# 
_exptl_crystal.id                    1 
_exptl_crystal.density_Matthews      1.89 
_exptl_crystal.density_meas          ? 
_exptl_crystal.density_percent_sol   34.89 
_exptl_crystal.description           ? 
_exptl_crystal.F_000                 ? 
_exptl_crystal.preparation           ? 
# 
_exptl_crystal_grow.crystal_id      1 
_exptl_crystal_grow.method          'VAPOR DIFFUSION, HANGING DROP' 
_exptl_crystal_grow.pH              5 
_exptl_crystal_grow.temp            298 
_exptl_crystal_grow.pdbx_details    
'1.7 M Ammonium sulphate, 10% PEG 300, 10% glycerol and 0.1 M sodium acetate, pH 5, vapor diffusion, hanging drop, temperature 298K' 
_exptl_crystal_grow.temp_details    ? 
_exptl_crystal_grow.pdbx_pH_range   ? 
# 
_diffrn.id                     1 
_diffrn.ambient_temp           100 
_diffrn.ambient_temp_details   ? 
_diffrn.crystal_id             1 
# 
_diffrn_detector.diffrn_id              1 
_diffrn_detector.detector               PIXEL 
_diffrn_detector.details                
'vertical focusing mirror (VFM) and a horizontal focusing mirror(HFM), manufactured by IRELEC.' 
_diffrn_detector.type                   'DECTRIS PILATUS 6M' 
_diffrn_detector.pdbx_collection_date   2012-07-13 
# 
_diffrn_radiation.diffrn_id                        1 
_diffrn_radiation.pdbx_diffrn_protocol             'SINGLE WAVELENGTH' 
_diffrn_radiation.monochromator                    'Si(111) channel-cut crystal monochromator and a pair of KB mirrors' 
_diffrn_radiation.wavelength_id                    1 
_diffrn_radiation.pdbx_monochromatic_or_laue_m_l   M 
_diffrn_radiation.pdbx_scattering_type             x-ray 
# 
_diffrn_radiation_wavelength.id           1 
_diffrn_radiation_wavelength.wavelength   0.97951 
_diffrn_radiation_wavelength.wt           1.0 
# 
_diffrn_source.diffrn_id                   1 
_diffrn_source.source                      SYNCHROTRON 
_diffrn_source.type                        'ALBA BEAMLINE XALOC' 
_diffrn_source.pdbx_wavelength_list        0.97951 
_diffrn_source.pdbx_wavelength             ? 
_diffrn_source.pdbx_synchrotron_site       ALBA 
_diffrn_source.pdbx_synchrotron_beamline   XALOC 
# 
_reflns.entry_id                     4HVU 
_reflns.d_resolution_high            0.980 
_reflns.d_resolution_low             35.570 
_reflns.number_obs                   35524 
_reflns.pdbx_Rmerge_I_obs            0.037 
_reflns.pdbx_netI_over_sigmaI        29.500 
_reflns.pdbx_redundancy              4.800 
_reflns.percent_possible_obs         97.900 
_reflns.observed_criterion_sigma_F   0 
_reflns.observed_criterion_sigma_I   0 
_reflns.number_all                   36286 
_reflns.pdbx_Rsym_value              ? 
_reflns.B_iso_Wilson_estimate        10.023 
_reflns.R_free_details               ? 
_reflns.limit_h_max                  ? 
_reflns.limit_h_min                  ? 
_reflns.limit_k_max                  ? 
_reflns.limit_k_min                  ? 
_reflns.limit_l_max                  ? 
_reflns.limit_l_min                  ? 
_reflns.observed_criterion_F_max     ? 
_reflns.observed_criterion_F_min     ? 
_reflns.pdbx_chi_squared             ? 
_reflns.pdbx_scaling_rejects         ? 
_reflns.pdbx_ordinal                 1 
_reflns.pdbx_diffrn_id               1 
# 
loop_
_reflns_shell.d_res_high 
_reflns_shell.d_res_low 
_reflns_shell.number_measured_obs 
_reflns_shell.number_measured_all 
_reflns_shell.number_unique_obs 
_reflns_shell.Rmerge_I_obs 
_reflns_shell.meanI_over_sigI_obs 
_reflns_shell.pdbx_Rsym_value 
_reflns_shell.pdbx_chi_squared 
_reflns_shell.pdbx_redundancy 
_reflns_shell.percent_possible_obs 
_reflns_shell.number_unique_all 
_reflns_shell.percent_possible_all 
_reflns_shell.pdbx_ordinal 
_reflns_shell.pdbx_diffrn_id 
0.980 1.000  ? 2555 ? 0.169 3.900  ? ? 1.800 ? 1418 82.800 1 1 
5.370 19.070 ? 735  ? 0.048 36.800 ? ? 3.100 ? 236  85.800 2 1 
# 
_refine.ls_percent_reflns_R_free                 5.0000 
_refine.overall_SU_B                             ? 
_refine.pdbx_solvent_vdw_probe_radii             1.1100 
_refine.pdbx_R_Free_selection_details            RANDOM 
_refine.overall_FOM_free_R_set                   ? 
_refine.pdbx_data_cutoff_low_absF                ? 
_refine.entry_id                                 4HVU 
_refine.aniso_B[2][3]                            ? 
_refine.overall_SU_R_Cruickshank_DPI             ? 
_refine.overall_SU_ML                            0.0700 
_refine.pdbx_ls_sigma_I                          0 
_refine.aniso_B[1][3]                            ? 
_refine.pdbx_stereochemistry_target_values       ML 
_refine.aniso_B[3][3]                            ? 
_refine.occupancy_max                            1.000 
_refine.ls_number_restraints                     ? 
_refine.aniso_B[1][1]                            ? 
_refine.pdbx_overall_ESU_R                       ? 
_refine.ls_R_factor_obs                          0.1456 
_refine.pdbx_ls_cross_valid_method               THROUGHOUT 
_refine.pdbx_solvent_ion_probe_radii             ? 
_refine.pdbx_starting_model                      'PDB entry 3FJ5' 
_refine.ls_wR_factor_R_free                      ? 
_refine.ls_wR_factor_R_work                      ? 
_refine.pdbx_isotropic_thermal_model             ? 
_refine.pdbx_method_to_determine_struct          'MOLECULAR REPLACEMENT' 
_refine.solvent_model_param_ksol                 ? 
_refine.pdbx_solvent_shrinkage_radii             0.9000 
_refine.correlation_coeff_Fo_to_Fc               ? 
_refine.ls_number_reflns_R_free                  3221 
_refine.correlation_coeff_Fo_to_Fc_free          ? 
_refine.pdbx_ls_sigma_F                          1.440 
_refine.ls_percent_reflns_obs                    94.7000 
_refine.ls_R_factor_R_work                       0.1449 
_refine.overall_SU_R_free                        ? 
_refine.ls_d_res_high                            0.9800 
_refine.pdbx_overall_ESU_R_Free                  ? 
_refine.B_iso_min                                6.320 
_refine.occupancy_min                            0.100 
_refine.B_iso_mean                               18.5467 
_refine.pdbx_stereochem_target_val_spec_case     ? 
_refine.ls_R_factor_all                          0.1456 
_refine.aniso_B[2][2]                            ? 
_refine.B_iso_max                                48.090 
_refine.ls_d_res_low                             19.0740 
_refine.pdbx_overall_phase_error                 11.5400 
_refine.solvent_model_details                    'FLAT BULK SOLVENT MODEL' 
_refine.aniso_B[1][2]                            ? 
_refine.ls_R_factor_R_free                       0.1600 
_refine.ls_R_factor_R_free_error                 ? 
_refine.ls_number_reflns_obs                     64397 
_refine.overall_FOM_work_R_set                   0.9381 
_refine.ls_number_parameters                     ? 
_refine.details                                  ? 
_refine.ls_number_reflns_all                     68001 
_refine.ls_redundancy_reflns_obs                 ? 
_refine.pdbx_data_cutoff_high_absF               ? 
_refine.solvent_model_param_bsol                 ? 
_refine.ls_R_factor_R_free_error_details         ? 
_refine.pdbx_data_cutoff_high_rms_absF           ? 
_refine.pdbx_diffrn_id                           1 
_refine.pdbx_refine_id                           'X-RAY DIFFRACTION' 
_refine.pdbx_TLS_residual_ADP_flag               ? 
_refine.pdbx_overall_SU_R_free_Cruickshank_DPI   ? 
_refine.pdbx_overall_SU_R_Blow_DPI               ? 
_refine.pdbx_overall_SU_R_free_Blow_DPI          ? 
# 
_refine_hist.pdbx_refine_id                   'X-RAY DIFFRACTION' 
_refine_hist.cycle_id                         LAST 
_refine_hist.pdbx_number_atoms_protein        544 
_refine_hist.pdbx_number_atoms_nucleic_acid   0 
_refine_hist.pdbx_number_atoms_ligand         11 
_refine_hist.number_atoms_solvent             89 
_refine_hist.number_atoms_total               644 
_refine_hist.d_res_high                       0.9800 
_refine_hist.d_res_low                        19.0740 
# 
loop_
_refine_ls_restr.type 
_refine_ls_restr.number 
_refine_ls_restr.dev_ideal 
_refine_ls_restr.dev_ideal_target 
_refine_ls_restr.weight 
_refine_ls_restr.pdbx_restraint_function 
_refine_ls_restr.pdbx_refine_id 
f_bond_d           577 0.011  ? ? ? 'X-RAY DIFFRACTION' 
f_angle_d          783 1.551  ? ? ? 'X-RAY DIFFRACTION' 
f_chiral_restr     82  0.086  ? ? ? 'X-RAY DIFFRACTION' 
f_plane_restr      102 0.011  ? ? ? 'X-RAY DIFFRACTION' 
f_dihedral_angle_d 210 11.022 ? ? ? 'X-RAY DIFFRACTION' 
# 
loop_
_refine_ls_shell.d_res_high 
_refine_ls_shell.d_res_low 
_refine_ls_shell.pdbx_total_number_of_bins_used 
_refine_ls_shell.percent_reflns_obs 
_refine_ls_shell.number_reflns_R_work 
_refine_ls_shell.R_factor_all 
_refine_ls_shell.R_factor_R_work 
_refine_ls_shell.R_factor_R_free 
_refine_ls_shell.percent_reflns_R_free 
_refine_ls_shell.number_reflns_R_free 
_refine_ls_shell.R_factor_R_free_error 
_refine_ls_shell.number_reflns_all 
_refine_ls_shell.number_reflns_obs 
_refine_ls_shell.redundancy_reflns_obs 
_refine_ls_shell.pdbx_refine_id 
0.9800 0.9947  23 58.0000  1600 . 0.1839 0.1860 . 83  . 1683 . . 'X-RAY DIFFRACTION' 
0.9947 1.0102  23 72.0000  2073 . 0.1853 0.1751 . 90  . 2163 . . 'X-RAY DIFFRACTION' 
1.0102 1.0268  23 83.0000  2300 . 0.1662 0.1628 . 130 . 2430 . . 'X-RAY DIFFRACTION' 
1.0268 1.0445  23 90.0000  2527 . 0.1450 0.1430 . 142 . 2669 . . 'X-RAY DIFFRACTION' 
1.0445 1.0635  23 96.0000  2676 . 0.1332 0.1257 . 149 . 2825 . . 'X-RAY DIFFRACTION' 
1.0635 1.0839  23 98.0000  2788 . 0.1129 0.1336 . 153 . 2941 . . 'X-RAY DIFFRACTION' 
1.0839 1.1060  23 99.0000  2731 . 0.1108 0.1264 . 144 . 2875 . . 'X-RAY DIFFRACTION' 
1.1060 1.1301  23 98.0000  2853 . 0.1036 0.1105 . 125 . 2978 . . 'X-RAY DIFFRACTION' 
1.1301 1.1564  23 99.0000  2750 . 0.0972 0.1358 . 136 . 2886 . . 'X-RAY DIFFRACTION' 
1.1564 1.1853  23 99.0000  2766 . 0.1054 0.1159 . 171 . 2937 . . 'X-RAY DIFFRACTION' 
1.1853 1.2173  23 99.0000  2767 . 0.1034 0.1451 . 155 . 2922 . . 'X-RAY DIFFRACTION' 
1.2173 1.2532  23 99.0000  2778 . 0.1084 0.1276 . 159 . 2937 . . 'X-RAY DIFFRACTION' 
1.2532 1.2936  23 99.0000  2753 . 0.1095 0.1390 . 124 . 2877 . . 'X-RAY DIFFRACTION' 
1.2936 1.3398  23 99.0000  2790 . 0.1029 0.1501 . 161 . 2951 . . 'X-RAY DIFFRACTION' 
1.3398 1.3934  23 100.0000 2796 . 0.1003 0.1177 . 157 . 2953 . . 'X-RAY DIFFRACTION' 
1.3934 1.4568  23 99.0000  2774 . 0.1042 0.1441 . 174 . 2948 . . 'X-RAY DIFFRACTION' 
1.4568 1.5336  23 100.0000 2775 . 0.1034 0.1277 . 145 . 2920 . . 'X-RAY DIFFRACTION' 
1.5336 1.6297  23 100.0000 2839 . 0.1078 0.1329 . 122 . 2961 . . 'X-RAY DIFFRACTION' 
1.6297 1.7554  23 100.0000 2846 . 0.1150 0.1596 . 155 . 3001 . . 'X-RAY DIFFRACTION' 
1.7554 1.9319  23 100.0000 2815 . 0.1234 0.1371 . 118 . 2933 . . 'X-RAY DIFFRACTION' 
1.9319 2.2111  23 100.0000 2773 . 0.1300 0.1181 . 155 . 2928 . . 'X-RAY DIFFRACTION' 
2.2111 2.7844  23 100.0000 2820 . 0.1684 0.1748 . 141 . 2961 . . 'X-RAY DIFFRACTION' 
2.7844 19.0777 23 92.0000  2586 . 0.2224 0.2368 . 132 . 2718 . . 'X-RAY DIFFRACTION' 
# 
_struct.entry_id                  4HVU 
_struct.title                     
'Crystal structure of the T98D c-Src-SH3 domain mutant in complex with the high affinity peptide APP12' 
_struct.pdbx_model_details        ? 
_struct.pdbx_CASP_flag            ? 
_struct.pdbx_model_type_details   ? 
# 
_struct_keywords.entry_id        4HVU 
_struct_keywords.text            'beta shandwich, SH3 like barrel, Kinase, Proline Rich Motifs, Signaling Protein-Peptide complex' 
_struct_keywords.pdbx_keywords   'Signaling Protein/Peptide' 
# 
loop_
_struct_asym.id 
_struct_asym.pdbx_blank_PDB_chainid_flag 
_struct_asym.pdbx_modified 
_struct_asym.entity_id 
_struct_asym.details 
A N N 1 ? 
B N N 2 ? 
C N N 3 ? 
D N N 4 ? 
E N N 4 ? 
F N N 5 ? 
G N N 5 ? 
# 
_struct_biol.id        1 
_struct_biol.details   'biological unit is the same as asym.' 
# 
_struct_conn.id                            covale1 
_struct_conn.conn_type_id                  covale 
_struct_conn.pdbx_leaving_atom_flag        both 
_struct_conn.pdbx_PDB_id                   ? 
_struct_conn.ptnr1_label_asym_id           B 
_struct_conn.ptnr1_label_comp_id           ACE 
_struct_conn.ptnr1_label_seq_id            1 
_struct_conn.ptnr1_label_atom_id           C 
_struct_conn.pdbx_ptnr1_label_alt_id       ? 
_struct_conn.pdbx_ptnr1_PDB_ins_code       ? 
_struct_conn.pdbx_ptnr1_standard_comp_id   ? 
_struct_conn.ptnr1_symmetry                1_555 
_struct_conn.ptnr2_label_asym_id           B 
_struct_conn.ptnr2_label_comp_id           ALA 
_struct_conn.ptnr2_label_seq_id            2 
_struct_conn.ptnr2_label_atom_id           N 
_struct_conn.pdbx_ptnr2_label_alt_id       ? 
_struct_conn.pdbx_ptnr2_PDB_ins_code       ? 
_struct_conn.ptnr1_auth_asym_id            B 
_struct_conn.ptnr1_auth_comp_id            ACE 
_struct_conn.ptnr1_auth_seq_id             0 
_struct_conn.ptnr2_auth_asym_id            B 
_struct_conn.ptnr2_auth_comp_id            ALA 
_struct_conn.ptnr2_auth_seq_id             1 
_struct_conn.ptnr2_symmetry                1_555 
_struct_conn.pdbx_ptnr3_label_atom_id      ? 
_struct_conn.pdbx_ptnr3_label_seq_id       ? 
_struct_conn.pdbx_ptnr3_label_comp_id      ? 
_struct_conn.pdbx_ptnr3_label_asym_id      ? 
_struct_conn.pdbx_ptnr3_label_alt_id       ? 
_struct_conn.pdbx_ptnr3_PDB_ins_code       ? 
_struct_conn.details                       ? 
_struct_conn.pdbx_dist_value               1.325 
_struct_conn.pdbx_value_order              ? 
_struct_conn.pdbx_role                     ? 
# 
_struct_conn_type.id          covale 
_struct_conn_type.criteria    ? 
_struct_conn_type.reference   ? 
# 
_struct_sheet.id               A 
_struct_sheet.type             ? 
_struct_sheet.number_strands   5 
_struct_sheet.details          ? 
# 
loop_
_struct_sheet_order.sheet_id 
_struct_sheet_order.range_id_1 
_struct_sheet_order.range_id_2 
_struct_sheet_order.offset 
_struct_sheet_order.sense 
A 1 2 ? anti-parallel 
A 2 3 ? anti-parallel 
A 3 4 ? anti-parallel 
A 4 5 ? anti-parallel 
# 
loop_
_struct_sheet_range.sheet_id 
_struct_sheet_range.id 
_struct_sheet_range.beg_label_comp_id 
_struct_sheet_range.beg_label_asym_id 
_struct_sheet_range.beg_label_seq_id 
_struct_sheet_range.pdbx_beg_PDB_ins_code 
_struct_sheet_range.end_label_comp_id 
_struct_sheet_range.end_label_asym_id 
_struct_sheet_range.end_label_seq_id 
_struct_sheet_range.pdbx_end_PDB_ins_code 
_struct_sheet_range.beg_auth_comp_id 
_struct_sheet_range.beg_auth_asym_id 
_struct_sheet_range.beg_auth_seq_id 
_struct_sheet_range.end_auth_comp_id 
_struct_sheet_range.end_auth_asym_id 
_struct_sheet_range.end_auth_seq_id 
A 1 THR A 49 ? PRO A 53 ? THR A 129 PRO A 133 
A 2 TRP A 38 ? SER A 43 ? TRP A 118 SER A 123 
A 3 ARG A 27 ? ASN A 32 ? ARG A 107 ASN A 112 
A 4 PHE A 6  ? ALA A 8  ? PHE A 86  ALA A 88  
A 5 VAL A 57 ? PRO A 59 ? VAL A 137 PRO A 139 
# 
loop_
_pdbx_struct_sheet_hbond.sheet_id 
_pdbx_struct_sheet_hbond.range_id_1 
_pdbx_struct_sheet_hbond.range_id_2 
_pdbx_struct_sheet_hbond.range_1_label_atom_id 
_pdbx_struct_sheet_hbond.range_1_label_comp_id 
_pdbx_struct_sheet_hbond.range_1_label_asym_id 
_pdbx_struct_sheet_hbond.range_1_label_seq_id 
_pdbx_struct_sheet_hbond.range_1_PDB_ins_code 
_pdbx_struct_sheet_hbond.range_1_auth_atom_id 
_pdbx_struct_sheet_hbond.range_1_auth_comp_id 
_pdbx_struct_sheet_hbond.range_1_auth_asym_id 
_pdbx_struct_sheet_hbond.range_1_auth_seq_id 
_pdbx_struct_sheet_hbond.range_2_label_atom_id 
_pdbx_struct_sheet_hbond.range_2_label_comp_id 
_pdbx_struct_sheet_hbond.range_2_label_asym_id 
_pdbx_struct_sheet_hbond.range_2_label_seq_id 
_pdbx_struct_sheet_hbond.range_2_PDB_ins_code 
_pdbx_struct_sheet_hbond.range_2_auth_atom_id 
_pdbx_struct_sheet_hbond.range_2_auth_comp_id 
_pdbx_struct_sheet_hbond.range_2_auth_asym_id 
_pdbx_struct_sheet_hbond.range_2_auth_seq_id 
A 1 2 O GLY A 50 ? O GLY A 130 N ALA A 41 ? N ALA A 121 
A 2 3 O HIS A 42 ? O HIS A 122 N GLN A 29 ? N GLN A 109 
A 3 4 O LEU A 28 ? O LEU A 108 N PHE A 6  ? N PHE A 86  
A 4 5 N VAL A 7  ? N VAL A 87  O ALA A 58 ? O ALA A 138 
# 
loop_
_struct_site.id 
_struct_site.pdbx_evidence_code 
_struct_site.pdbx_auth_asym_id 
_struct_site.pdbx_auth_comp_id 
_struct_site.pdbx_auth_seq_id 
_struct_site.pdbx_auth_ins_code 
_struct_site.pdbx_num_residues 
_struct_site.details 
AC1 Software A SO4 201 ? 8 'BINDING SITE FOR RESIDUE SO4 A 201' 
AC2 Software A ACE 202 ? 5 'BINDING SITE FOR RESIDUE ACE A 202' 
# 
loop_
_struct_site_gen.id 
_struct_site_gen.site_id 
_struct_site_gen.pdbx_num_res 
_struct_site_gen.label_comp_id 
_struct_site_gen.label_asym_id 
_struct_site_gen.label_seq_id 
_struct_site_gen.pdbx_auth_ins_code 
_struct_site_gen.auth_comp_id 
_struct_site_gen.auth_asym_id 
_struct_site_gen.auth_seq_id 
_struct_site_gen.label_atom_id 
_struct_site_gen.label_alt_id 
_struct_site_gen.symmetry 
_struct_site_gen.details 
1  AC1 8 SER A 14 ? SER A 94  . ? 1_555 ? 
2  AC1 8 SER A 21 ? SER A 101 . ? 1_555 ? 
3  AC1 8 HOH F .  ? HOH A 311 . ? 1_555 ? 
4  AC1 8 HOH F .  ? HOH A 318 . ? 1_555 ? 
5  AC1 8 HOH F .  ? HOH A 323 . ? 1_555 ? 
6  AC1 8 HOH F .  ? HOH A 329 . ? 1_555 ? 
7  AC1 8 HOH F .  ? HOH A 333 . ? 1_555 ? 
8  AC1 8 HOH F .  ? HOH A 368 . ? 4_645 ? 
9  AC2 5 TRP A 39 ? TRP A 119 . ? 1_555 ? 
10 AC2 5 SER A 54 ? SER A 134 . ? 1_555 ? 
11 AC2 5 VAL A 57 ? VAL A 137 . ? 1_555 ? 
12 AC2 5 ALA A 58 ? ALA A 138 . ? 1_555 ? 
13 AC2 5 PRO A 59 ? PRO A 139 . ? 1_555 ? 
# 
_atom_sites.entry_id                    4HVU 
_atom_sites.fract_transf_matrix[1][1]   0.03654869 
_atom_sites.fract_transf_matrix[1][2]   0.00181725 
_atom_sites.fract_transf_matrix[1][3]   0.00209481 
_atom_sites.fract_transf_matrix[2][1]   0.01689692 
_atom_sites.fract_transf_matrix[2][2]   0.03244736 
_atom_sites.fract_transf_matrix[2][3]   -0.00227564 
_atom_sites.fract_transf_matrix[3][1]   -0.00058075 
_atom_sites.fract_transf_matrix[3][2]   0.00095495 
_atom_sites.fract_transf_matrix[3][3]   0.00930411 
_atom_sites.fract_transf_vector[1]      0.429963 
_atom_sites.fract_transf_vector[2]      -0.319069 
_atom_sites.fract_transf_vector[3]      -0.084861 
# 
loop_
_atom_type.symbol 
C 
H 
N 
O 
S 
# 
loop_
_atom_site.group_PDB 
_atom_site.id 
_atom_site.type_symbol 
_atom_site.label_atom_id 
_atom_site.label_alt_id 
_atom_site.label_comp_id 
_atom_site.label_asym_id 
_atom_site.label_entity_id 
_atom_site.label_seq_id 
_atom_site.pdbx_PDB_ins_code 
_atom_site.Cartn_x 
_atom_site.Cartn_y 
_atom_site.Cartn_z 
_atom_site.occupancy 
_atom_site.B_iso_or_equiv 
_atom_site.pdbx_formal_charge 
_atom_site.auth_seq_id 
_atom_site.auth_comp_id 
_atom_site.auth_asym_id 
_atom_site.auth_atom_id 
_atom_site.pdbx_PDB_model_num 
ATOM   1    N N    . THR A 1 5  ? 6.444   -1.953  -10.789 1.00 25.76 ? 85  THR A N    1 
ATOM   2    C CA   . THR A 1 5  ? 5.944   -2.580  -9.560  1.00 22.87 ? 85  THR A CA   1 
ATOM   3    C C    . THR A 1 5  ? 6.639   -1.982  -8.358  1.00 20.18 ? 85  THR A C    1 
ATOM   4    O O    . THR A 1 5  ? 7.618   -1.248  -8.515  1.00 20.96 ? 85  THR A O    1 
ATOM   5    C CB   . THR A 1 5  ? 6.160   -4.096  -9.619  1.00 26.81 ? 85  THR A CB   1 
ATOM   6    O OG1  . THR A 1 5  ? 7.567   -4.373  -9.565  1.00 30.00 ? 85  THR A OG1  1 
ATOM   7    C CG2  . THR A 1 5  ? 5.532   -4.678  -10.915 1.00 29.35 ? 85  THR A CG2  1 
ATOM   8    H HA   . THR A 1 5  ? 4.983   -2.409  -9.478  1.00 27.44 ? 85  THR A HA   1 
ATOM   9    H HB   . THR A 1 5  ? 5.724   -4.510  -8.857  1.00 32.17 ? 85  THR A HB   1 
ATOM   10   H HG1  . THR A 1 5  ? 7.695   -5.182  -9.595  1.00 36.00 ? 85  THR A HG1  1 
ATOM   11   H HG21 . THR A 1 5  ? 5.940   -4.276  -11.685 1.00 35.22 ? 85  THR A HG21 1 
ATOM   12   H HG22 . THR A 1 5  ? 5.670   -5.627  -10.948 1.00 35.22 ? 85  THR A HG22 1 
ATOM   13   H HG23 . THR A 1 5  ? 4.590   -4.498  -10.931 1.00 35.22 ? 85  THR A HG23 1 
ATOM   14   N N    . PHE A 1 6  ? 6.101   -2.263  -7.178  1.00 16.43 ? 86  PHE A N    1 
ATOM   15   C CA   . PHE A 1 6  ? 6.678   -1.784  -5.940  1.00 14.67 ? 86  PHE A CA   1 
ATOM   16   C C    . PHE A 1 6  ? 6.905   -2.970  -5.027  1.00 13.88 ? 86  PHE A C    1 
ATOM   17   O O    . PHE A 1 6  ? 6.300   -4.023  -5.216  1.00 15.59 ? 86  PHE A O    1 
ATOM   18   C CB   . PHE A 1 6  ? 5.748   -0.753  -5.296  1.00 14.81 ? 86  PHE A CB   1 
ATOM   19   C CG   . PHE A 1 6  ? 5.794   0.588   -5.968  1.00 15.76 ? 86  PHE A CG   1 
ATOM   20   C CD1  . PHE A 1 6  ? 5.189   0.781   -7.192  1.00 18.36 ? 86  PHE A CD1  1 
ATOM   21   C CD2  . PHE A 1 6  ? 6.490   1.646   -5.398  1.00 17.29 ? 86  PHE A CD2  1 
ATOM   22   C CE1  . PHE A 1 6  ? 5.252   2.019   -7.827  1.00 20.90 ? 86  PHE A CE1  1 
ATOM   23   C CE2  . PHE A 1 6  ? 6.551   2.873   -6.015  1.00 20.39 ? 86  PHE A CE2  1 
ATOM   24   C CZ   . PHE A 1 6  ? 5.933   3.061   -7.224  1.00 21.32 ? 86  PHE A CZ   1 
ATOM   25   H H    . PHE A 1 6  ? 5.392   -2.737  -7.071  1.00 19.72 ? 86  PHE A H    1 
ATOM   26   H HA   . PHE A 1 6  ? 7.542   -1.358  -6.121  1.00 17.61 ? 86  PHE A HA   1 
ATOM   27   H HB2  . PHE A 1 6  ? 4.837   -1.080  -5.343  1.00 17.77 ? 86  PHE A HB2  1 
ATOM   28   H HB3  . PHE A 1 6  ? 6.009   -0.632  -4.369  1.00 17.77 ? 86  PHE A HB3  1 
ATOM   29   H HD1  . PHE A 1 6  ? 4.728   0.080   -7.593  1.00 22.04 ? 86  PHE A HD1  1 
ATOM   30   H HD2  . PHE A 1 6  ? 6.907   1.528   -4.576  1.00 20.74 ? 86  PHE A HD2  1 
ATOM   31   H HE1  . PHE A 1 6  ? 4.831   2.146   -8.647  1.00 25.08 ? 86  PHE A HE1  1 
ATOM   32   H HE2  . PHE A 1 6  ? 7.012   3.574   -5.614  1.00 24.47 ? 86  PHE A HE2  1 
ATOM   33   H HZ   . PHE A 1 6  ? 5.977   3.890   -7.644  1.00 25.58 ? 86  PHE A HZ   1 
ATOM   34   N N    . VAL A 1 7  ? 7.791   -2.791  -4.060  1.00 12.72 ? 87  VAL A N    1 
ATOM   35   C CA   . VAL A 1 7  ? 8.039   -3.793  -3.042  1.00 11.88 ? 87  VAL A CA   1 
ATOM   36   C C    . VAL A 1 7  ? 7.805   -3.176  -1.665  1.00 10.64 ? 87  VAL A C    1 
ATOM   37   O O    . VAL A 1 7  ? 8.198   -2.043  -1.390  1.00 11.46 ? 87  VAL A O    1 
ATOM   38   C CB   . VAL A 1 7  ? 9.459   -4.381  -3.176  1.00 13.27 ? 87  VAL A CB   1 
ATOM   39   C CG1  . VAL A 1 7  ? 10.524  -3.317  -3.063  1.00 16.55 ? 87  VAL A CG1  1 
ATOM   40   C CG2  . VAL A 1 7  ? 9.673   -5.526  -2.216  1.00 14.40 ? 87  VAL A CG2  1 
ATOM   41   H H    . VAL A 1 7  ? 8.270   -2.083  -3.972  1.00 15.26 ? 87  VAL A H    1 
ATOM   42   H HA   . VAL A 1 7  ? 7.398   -4.526  -3.156  1.00 14.26 ? 87  VAL A HA   1 
ATOM   43   H HB   . VAL A 1 7  ? 9.537   -4.757  -4.078  1.00 15.93 ? 87  VAL A HB   1 
ATOM   44   H HG11 . VAL A 1 7  ? 10.102  -2.466  -2.927  1.00 19.86 ? 87  VAL A HG11 1 
ATOM   45   H HG12 . VAL A 1 7  ? 11.094  -3.524  -2.318  1.00 19.86 ? 87  VAL A HG12 1 
ATOM   46   H HG13 . VAL A 1 7  ? 11.039  -3.302  -3.874  1.00 19.86 ? 87  VAL A HG13 1 
ATOM   47   H HG21 . VAL A 1 7  ? 10.564  -5.865  -2.330  1.00 17.28 ? 87  VAL A HG21 1 
ATOM   48   H HG22 . VAL A 1 7  ? 9.555   -5.206  -1.319  1.00 17.28 ? 87  VAL A HG22 1 
ATOM   49   H HG23 . VAL A 1 7  ? 9.033   -6.216  -2.405  1.00 17.28 ? 87  VAL A HG23 1 
ATOM   50   N N    . ALA A 1 8  ? 7.138   -3.922  -0.801  1.00 9.60  ? 88  ALA A N    1 
ATOM   51   C CA   . ALA A 1 8  ? 6.897   -3.467  0.552   1.00 9.09  ? 88  ALA A CA   1 
ATOM   52   C C    . ALA A 1 8  ? 8.191   -3.484  1.366   1.00 9.08  ? 88  ALA A C    1 
ATOM   53   O O    . ALA A 1 8  ? 8.911   -4.474  1.391   1.00 10.12 ? 88  ALA A O    1 
ATOM   54   C CB   . ALA A 1 8  ? 5.872   -4.362  1.212   1.00 9.38  ? 88  ALA A CB   1 
ATOM   55   H H    . ALA A 1 8  ? 6.812   -4.699  -0.975  1.00 11.52 ? 88  ALA A H    1 
ATOM   56   H HA   . ALA A 1 8  ? 6.549   -2.552  0.535   1.00 10.91 ? 88  ALA A HA   1 
ATOM   57   H HB1  . ALA A 1 8  ? 5.719   -4.054  2.108   1.00 11.25 ? 88  ALA A HB1  1 
ATOM   58   H HB2  . ALA A 1 8  ? 5.055   -4.325  0.708   1.00 11.25 ? 88  ALA A HB2  1 
ATOM   59   H HB3  . ALA A 1 8  ? 6.207   -5.262  1.227   1.00 11.25 ? 88  ALA A HB3  1 
ATOM   60   N N    . LEU A 1 9  ? 8.432   -2.384  2.069   1.00 9.00  ? 89  LEU A N    1 
ATOM   61   C CA   . LEU A 1 9  ? 9.600   -2.241  2.940   1.00 9.48  ? 89  LEU A CA   1 
ATOM   62   C C    . LEU A 1 9  ? 9.331   -2.597  4.393   1.00 8.28  ? 89  LEU A C    1 
ATOM   63   O O    . LEU A 1 9  ? 10.264  -2.804  5.165   1.00 9.38  ? 89  LEU A O    1 
ATOM   64   C CB   . LEU A 1 9  ? 10.110  -0.804  2.877   1.00 10.87 ? 89  LEU A CB   1 
ATOM   65   C CG   . LEU A 1 9  ? 10.549  -0.330  1.496   1.00 13.82 ? 89  LEU A CG   1 
ATOM   66   C CD1  . LEU A 1 9  ? 10.903  1.135   1.567   1.00 17.95 ? 89  LEU A CD1  1 
ATOM   67   C CD2  . LEU A 1 9  ? 11.699  -1.181  1.007   1.00 18.39 ? 89  LEU A CD2  1 
ATOM   68   H H    . LEU A 1 9  ? 7.924   -1.690  2.061   1.00 10.80 ? 89  LEU A H    1 
ATOM   69   H HA   . LEU A 1 9  ? 10.312  -2.829  2.613   1.00 11.37 ? 89  LEU A HA   1 
ATOM   70   H HB2  . LEU A 1 9  ? 9.402   -0.213  3.177   1.00 13.04 ? 89  LEU A HB2  1 
ATOM   71   H HB3  . LEU A 1 9  ? 10.873  -0.723  3.470   1.00 13.04 ? 89  LEU A HB3  1 
ATOM   72   H HG   . LEU A 1 9  ? 9.811   -0.433  0.875   1.00 16.58 ? 89  LEU A HG   1 
ATOM   73   H HD11 . LEU A 1 9  ? 10.131  1.630   1.853   1.00 21.55 ? 89  LEU A HD11 1 
ATOM   74   H HD12 . LEU A 1 9  ? 11.618  1.253   2.197   1.00 21.55 ? 89  LEU A HD12 1 
ATOM   75   H HD13 . LEU A 1 9  ? 11.179  1.432   0.698   1.00 21.55 ? 89  LEU A HD13 1 
ATOM   76   H HD21 . LEU A 1 9  ? 12.431  -1.101  1.623   1.00 22.07 ? 89  LEU A HD21 1 
ATOM   77   H HD22 . LEU A 1 9  ? 11.411  -2.095  0.957   1.00 22.07 ? 89  LEU A HD22 1 
ATOM   78   H HD23 . LEU A 1 9  ? 11.967  -0.874  0.137   1.00 22.07 ? 89  LEU A HD23 1 
ATOM   79   N N    . TYR A 1 10 ? 8.054   -2.614  4.764   1.00 7.78  ? 90  TYR A N    1 
ATOM   80   C CA   . TYR A 1 10 ? 7.572   -2.863  6.107   1.00 7.63  ? 90  TYR A CA   1 
ATOM   81   C C    . TYR A 1 10 ? 6.334   -3.752  5.987   1.00 7.28  ? 90  TYR A C    1 
ATOM   82   O O    . TYR A 1 10 ? 5.686   -3.757  4.933   1.00 8.47  ? 90  TYR A O    1 
ATOM   83   C CB   . TYR A 1 10 ? 7.158   -1.547  6.804   1.00 8.81  ? 90  TYR A CB   1 
ATOM   84   C CG   . TYR A 1 10 ? 8.189   -0.479  6.809   1.00 8.20  ? 90  TYR A CG   1 
ATOM   85   C CD1  . TYR A 1 10 ? 9.099   -0.356  7.848   1.00 10.13 ? 90  TYR A CD1  1 
ATOM   86   C CD2  . TYR A 1 10 ? 8.275   0.412   5.763   1.00 9.84  ? 90  TYR A CD2  1 
ATOM   87   C CE1  . TYR A 1 10 ? 10.070  0.617   7.830   1.00 12.04 ? 90  TYR A CE1  1 
ATOM   88   C CE2  . TYR A 1 10 ? 9.239   1.379   5.731   1.00 12.25 ? 90  TYR A CE2  1 
ATOM   89   C CZ   . TYR A 1 10 ? 10.141  1.480   6.762   1.00 12.82 ? 90  TYR A CZ   1 
ATOM   90   O OH   . TYR A 1 10 ? 11.110  2.463   6.729   1.00 17.06 ? 90  TYR A OH   1 
ATOM   91   H H    . TYR A 1 10 ? 7.411   -2.474  4.210   1.00 9.34  ? 90  TYR A H    1 
ATOM   92   H HA   . TYR A 1 10 ? 8.255   -3.319  6.642   1.00 9.15  ? 90  TYR A HA   1 
ATOM   93   H HB2  . TYR A 1 10 ? 6.375   -1.194  6.352   1.00 10.58 ? 90  TYR A HB2  1 
ATOM   94   H HB3  . TYR A 1 10 ? 6.937   -1.743  7.727   1.00 10.58 ? 90  TYR A HB3  1 
ATOM   95   H HD1  . TYR A 1 10 ? 9.062   -0.951  8.561   1.00 12.15 ? 90  TYR A HD1  1 
ATOM   96   H HD2  . TYR A 1 10 ? 7.680   0.339   5.052   1.00 11.81 ? 90  TYR A HD2  1 
ATOM   97   H HE1  . TYR A 1 10 ? 10.679  0.685   8.529   1.00 14.45 ? 90  TYR A HE1  1 
ATOM   98   H HE2  . TYR A 1 10 ? 9.285   1.968   5.013   1.00 14.71 ? 90  TYR A HE2  1 
ATOM   99   H HH   . TYR A 1 10 ? 10.756  3.202   6.693   1.00 20.47 ? 90  TYR A HH   1 
ATOM   100  N N    . ASP A 1 11 ? 5.977   -4.417  7.080   1.00 6.69  ? 91  ASP A N    1 
ATOM   101  C CA   . ASP A 1 11 ? 4.628   -4.966  7.179   1.00 6.70  ? 91  ASP A CA   1 
ATOM   102  C C    . ASP A 1 11 ? 3.644   -3.806  7.412   1.00 6.32  ? 91  ASP A C    1 
ATOM   103  O O    . ASP A 1 11 ? 3.998   -2.777  8.004   1.00 7.11  ? 91  ASP A O    1 
ATOM   104  C CB   . ASP A 1 11 ? 4.485   -5.941  8.360   1.00 6.72  ? 91  ASP A CB   1 
ATOM   105  C CG   . ASP A 1 11 ? 5.232   -7.259  8.265   1.00 7.16  ? 91  ASP A CG   1 
ATOM   106  O OD1  . ASP A 1 11 ? 6.040   -7.483  7.339   1.00 8.49  ? 91  ASP A OD1  1 
ATOM   107  O OD2  . ASP A 1 11 ? 5.020   -8.067  9.203   1.00 8.96  ? 91  ASP A OD2  1 
ATOM   108  H H    . ASP A 1 11 ? 6.481   -4.560  7.761   1.00 8.03  ? 91  ASP A H    1 
ATOM   109  H HA   . ASP A 1 11 ? 4.390   -5.429  6.348   1.00 8.04  ? 91  ASP A HA   1 
ATOM   110  H HB2  . ASP A 1 11 ? 4.799   -5.492  9.160   1.00 8.06  ? 91  ASP A HB2  1 
ATOM   111  H HB3  . ASP A 1 11 ? 3.544   -6.154  8.463   1.00 8.06  ? 91  ASP A HB3  1 
ATOM   112  N N    . TYR A 1 12 ? 2.409   -4.016  7.015   1.00 6.73  ? 92  TYR A N    1 
ATOM   113  C CA   . TYR A 1 12 ? 1.345   -3.040  7.236   1.00 6.54  ? 92  TYR A CA   1 
ATOM   114  C C    . TYR A 1 12 ? 0.062   -3.784  7.557   1.00 6.57  ? 92  TYR A C    1 
ATOM   115  O O    . TYR A 1 12 ? -0.417  -4.603  6.753   1.00 7.52  ? 92  TYR A O    1 
ATOM   116  C CB   . TYR A 1 12 ? 1.151   -2.126  6.001   1.00 7.12  ? 92  TYR A CB   1 
ATOM   117  C CG   . TYR A 1 12 ? 0.007   -1.172  6.202   1.00 6.82  ? 92  TYR A CG   1 
ATOM   118  C CD1  . TYR A 1 12 ? 0.123   -0.120  7.125   1.00 7.40  ? 92  TYR A CD1  1 
ATOM   119  C CD2  . TYR A 1 12 ? -1.180  -1.329  5.543   1.00 7.36  ? 92  TYR A CD2  1 
ATOM   120  C CE1  . TYR A 1 12 ? -0.933  0.699   7.392   1.00 8.07  ? 92  TYR A CE1  1 
ATOM   121  C CE2  . TYR A 1 12 ? -2.261  -0.487  5.797   1.00 7.85  ? 92  TYR A CE2  1 
ATOM   122  C CZ   . TYR A 1 12 ? -2.139  0.502   6.754   1.00 8.12  ? 92  TYR A CZ   1 
ATOM   123  O OH   . TYR A 1 12 ? -3.190  1.328   7.106   1.00 9.97  ? 92  TYR A OH   1 
ATOM   124  H H    . TYR A 1 12 ? 2.148   -4.728  6.609   1.00 8.08  ? 92  TYR A H    1 
ATOM   125  H HA   . TYR A 1 12 ? 1.575   -2.476  8.003   1.00 7.84  ? 92  TYR A HA   1 
ATOM   126  H HB2  . TYR A 1 12 ? 1.957   -1.609  5.855   1.00 8.54  ? 92  TYR A HB2  1 
ATOM   127  H HB3  . TYR A 1 12 ? 0.957   -2.674  5.224   1.00 8.54  ? 92  TYR A HB3  1 
ATOM   128  H HD1  . TYR A 1 12 ? 0.914   -0.016  7.602   1.00 8.89  ? 92  TYR A HD1  1 
ATOM   129  H HD2  . TYR A 1 12 ? -1.278  -2.028  4.938   1.00 8.83  ? 92  TYR A HD2  1 
ATOM   130  H HE1  . TYR A 1 12 ? -0.851  1.366   8.035   1.00 9.68  ? 92  TYR A HE1  1 
ATOM   131  H HE2  . TYR A 1 12 ? -3.075  -0.628  5.370   1.00 9.42  ? 92  TYR A HE2  1 
ATOM   132  H HH   . TYR A 1 12 ? -3.812  0.882   7.400   1.00 11.97 ? 92  TYR A HH   1 
ATOM   133  N N    . GLU A 1 13 ? -0.499  -3.492  8.719   1.00 7.01  ? 93  GLU A N    1 
ATOM   134  C CA   . GLU A 1 13 ? -1.785  -4.031  9.164   1.00 7.63  ? 93  GLU A CA   1 
ATOM   135  C C    . GLU A 1 13 ? -2.881  -3.039  8.805   1.00 7.26  ? 93  GLU A C    1 
ATOM   136  O O    . GLU A 1 13 ? -2.836  -1.876  9.170   1.00 8.31  ? 93  GLU A O    1 
ATOM   137  C CB   . GLU A 1 13 ? -1.743  -4.270  10.675  1.00 10.58 ? 93  GLU A CB   1 
ATOM   138  C CG   . GLU A 1 13 ? -0.780  -5.450  11.059  1.00 15.02 ? 93  GLU A CG   1 
ATOM   139  C CD   . GLU A 1 13 ? -1.398  -6.815  10.828  0.50 18.02 ? 93  GLU A CD   1 
ATOM   140  O OE1  . GLU A 1 13 ? -1.062  -7.474  9.822   0.50 22.74 ? 93  GLU A OE1  1 
ATOM   141  O OE2  . GLU A 1 13 ? -2.069  -7.284  11.773  1.00 23.28 ? 93  GLU A OE2  1 
ATOM   142  H H    . GLU A 1 13 ? -0.142  -2.962  9.294   1.00 8.41  ? 93  GLU A H    1 
ATOM   143  H HA   . GLU A 1 13 ? -1.967  -4.882  8.713   1.00 9.15  ? 93  GLU A HA   1 
ATOM   144  H HB2  . GLU A 1 13 ? -1.427  -3.466  11.116  1.00 12.70 ? 93  GLU A HB2  1 
ATOM   145  H HB3  . GLU A 1 13 ? -2.634  -4.493  10.987  1.00 12.70 ? 93  GLU A HB3  1 
ATOM   146  H HG2  . GLU A 1 13 ? 0.023   -5.390  10.519  1.00 18.03 ? 93  GLU A HG2  1 
ATOM   147  H HG3  . GLU A 1 13 ? -0.553  -5.378  11.999  1.00 18.03 ? 93  GLU A HG3  1 
ATOM   148  N N    . SER A 1 14 ? -3.905  -3.500  8.130   1.00 8.56  ? 94  SER A N    1 
ATOM   149  C CA   A SER A 1 14 ? -5.019  -2.637  7.737   0.61 10.00 ? 94  SER A CA   1 
ATOM   150  C CA   B SER A 1 14 ? -5.007  -2.653  7.734   0.39 9.28  ? 94  SER A CA   1 
ATOM   151  C C    . SER A 1 14 ? -5.614  -1.895  8.923   1.00 9.78  ? 94  SER A C    1 
ATOM   152  O O    . SER A 1 14 ? -5.884  -2.477  9.973   1.00 11.27 ? 94  SER A O    1 
ATOM   153  C CB   A SER A 1 14 ? -6.128  -3.457  7.076   0.61 11.68 ? 94  SER A CB   1 
ATOM   154  C CB   B SER A 1 14 ? -6.058  -3.539  7.075   0.39 11.26 ? 94  SER A CB   1 
ATOM   155  O OG   A SER A 1 14 ? -5.809  -3.710  5.725   0.61 13.35 ? 94  SER A OG   1 
ATOM   156  O OG   B SER A 1 14 ? -7.266  -2.845  6.941   0.39 11.66 ? 94  SER A OG   1 
ATOM   157  H H    . SER A 1 14 ? -3.991  -4.319  7.881   0.39 10.28 ? 94  SER A H    1 
ATOM   158  H HA   . SER A 1 14 ? -4.697  -1.986  7.082   0.61 11.14 ? 94  SER A HA   1 
ATOM   159  H HB2  A SER A 1 14 ? -6.220  -4.301  7.543   0.61 14.02 ? 94  SER A HB2  1 
ATOM   160  H HB2  B SER A 1 14 ? -5.744  -3.802  6.194   0.39 13.51 ? 94  SER A HB2  1 
ATOM   161  H HB3  A SER A 1 14 ? -6.959  -2.958  7.119   0.61 14.02 ? 94  SER A HB3  1 
ATOM   162  H HB3  B SER A 1 14 ? -6.202  -4.324  7.625   0.39 13.51 ? 94  SER A HB3  1 
ATOM   163  H HG   A SER A 1 14 ? -6.406  -4.148  5.374   0.61 16.01 ? 94  SER A HG   1 
ATOM   164  H HG   B SER A 1 14 ? -7.829  -3.326  6.586   0.39 13.99 ? 94  SER A HG   1 
ATOM   165  N N    . ARG A 1 15 ? -5.863  -0.621  8.714   1.00 9.73  ? 95  ARG A N    1 
ATOM   166  C CA   . ARG A 1 15 ? -6.494  0.221   9.718   1.00 10.71 ? 95  ARG A CA   1 
ATOM   167  C C    . ARG A 1 15 ? -7.872  0.715   9.318   1.00 10.35 ? 95  ARG A C    1 
ATOM   168  O O    . ARG A 1 15 ? -8.539  1.362   10.097  1.00 11.63 ? 95  ARG A O    1 
ATOM   169  C CB   . ARG A 1 15 ? -5.588  1.392   10.004  1.00 11.40 ? 95  ARG A CB   1 
ATOM   170  C CG   . ARG A 1 15 ? -4.407  0.935   10.873  1.00 10.44 ? 95  ARG A CG   1 
ATOM   171  C CD   . ARG A 1 15 ? -3.323  1.904   10.752  1.00 11.07 ? 95  ARG A CD   1 
ATOM   172  N NE   . ARG A 1 15 ? -2.241  1.763   11.720  1.00 9.34  ? 95  ARG A NE   1 
ATOM   173  C CZ   . ARG A 1 15 ? -1.223  0.929   11.590  1.00 8.06  ? 95  ARG A CZ   1 
ATOM   174  N NH1  . ARG A 1 15 ? -1.219  -0.007  10.663  1.00 8.62  ? 95  ARG A NH1  1 
ATOM   175  N NH2  . ARG A 1 15 ? -0.203  1.037   12.382  1.00 9.54  ? 95  ARG A NH2  1 
ATOM   176  H H    . ARG A 1 15 ? -5.673  -0.206  7.984   1.00 11.68 ? 95  ARG A H    1 
ATOM   177  H HA   . ARG A 1 15 ? -6.590  -0.293  10.546  1.00 12.85 ? 95  ARG A HA   1 
ATOM   178  H HB2  . ARG A 1 15 ? -5.240  1.745   9.171   1.00 13.68 ? 95  ARG A HB2  1 
ATOM   179  H HB3  . ARG A 1 15 ? -6.080  2.075   10.485  1.00 13.68 ? 95  ARG A HB3  1 
ATOM   180  H HG2  . ARG A 1 15 ? -4.681  0.890   11.802  1.00 12.52 ? 95  ARG A HG2  1 
ATOM   181  H HG3  . ARG A 1 15 ? -4.089  0.071   10.567  1.00 12.52 ? 95  ARG A HG3  1 
ATOM   182  H HD2  . ARG A 1 15 ? -2.934  1.820   9.867   1.00 13.28 ? 95  ARG A HD2  1 
ATOM   183  H HD3  . ARG A 1 15 ? -3.694  2.793   10.859  1.00 13.28 ? 95  ARG A HD3  1 
ATOM   184  H HE   . ARG A 1 15 ? -2.265  2.256   12.423  1.00 11.21 ? 95  ARG A HE   1 
ATOM   185  H HH11 . ARG A 1 15 ? -1.861  -0.050  10.092  1.00 10.34 ? 95  ARG A HH11 1 
ATOM   186  H HH12 . ARG A 1 15 ? -0.562  -0.561  10.614  1.00 10.34 ? 95  ARG A HH12 1 
ATOM   187  H HH21 . ARG A 1 15 ? -0.221  1.612   13.022  1.00 11.45 ? 95  ARG A HH21 1 
ATOM   188  H HH22 . ARG A 1 15 ? 0.413   0.438   12.365  1.00 11.45 ? 95  ARG A HH22 1 
ATOM   189  N N    . THR A 1 16 ? -8.292  0.388   8.108   1.00 10.71 ? 96  THR A N    1 
ATOM   190  C CA   . THR A 1 16 ? -9.617  0.711   7.607   1.00 10.49 ? 96  THR A CA   1 
ATOM   191  C C    . THR A 1 16 ? -10.127 -0.450  6.761   1.00 10.50 ? 96  THR A C    1 
ATOM   192  O O    . THR A 1 16 ? -9.346  -1.263  6.277   1.00 11.54 ? 96  THR A O    1 
ATOM   193  C CB   . THR A 1 16 ? -9.677  1.995   6.749   1.00 11.95 ? 96  THR A CB   1 
ATOM   194  O OG1  . THR A 1 16 ? -9.453  1.712   5.363   1.00 13.59 ? 96  THR A OG1  1 
ATOM   195  C CG2  . THR A 1 16 ? -8.796  3.097   7.262   1.00 13.59 ? 96  THR A CG2  1 
ATOM   196  H H    . THR A 1 16 ? -7.808  -0.037  7.538   1.00 12.85 ? 96  THR A H    1 
ATOM   197  H HA   . THR A 1 16 ? -10.227 0.825   8.366   1.00 12.59 ? 96  THR A HA   1 
ATOM   198  H HB   . THR A 1 16 ? -10.584 2.332   6.819   1.00 14.34 ? 96  THR A HB   1 
ATOM   199  H HG1  . THR A 1 16 ? -8.714  1.371   5.263   1.00 16.31 ? 96  THR A HG1  1 
ATOM   200  H HG21 . THR A 1 16 ? -8.871  3.868   6.694   1.00 16.31 ? 96  THR A HG21 1 
ATOM   201  H HG22 . THR A 1 16 ? -9.059  3.339   8.152   1.00 16.31 ? 96  THR A HG22 1 
ATOM   202  H HG23 . THR A 1 16 ? -7.881  2.808   7.274   1.00 16.31 ? 96  THR A HG23 1 
ATOM   203  N N    . GLU A 1 17 ? -11.435 -0.481  6.522   1.00 10.60 ? 97  GLU A N    1 
ATOM   204  C CA   . GLU A 1 17 ? -12.015 -1.531  5.683   1.00 11.95 ? 97  GLU A CA   1 
ATOM   205  C C    . GLU A 1 17 ? -11.557 -1.463  4.237   1.00 13.26 ? 97  GLU A C    1 
ATOM   206  O O    . GLU A 1 17 ? -11.742 -2.410  3.498   1.00 16.45 ? 97  GLU A O    1 
ATOM   207  C CB   . GLU A 1 17 ? -13.534 -1.476  5.730   1.00 13.61 ? 97  GLU A CB   1 
ATOM   208  C CG   . GLU A 1 17 ? -14.110 -0.274  5.062   1.00 14.90 ? 97  GLU A CG   1 
ATOM   209  C CD   . GLU A 1 17 ? -15.643 -0.288  5.008   1.00 16.17 ? 97  GLU A CD   1 
ATOM   210  O OE1  . GLU A 1 17 ? -16.299 -1.159  5.654   1.00 17.91 ? 97  GLU A OE1  1 
ATOM   211  O OE2  . GLU A 1 17 ? -16.202 0.598   4.334   1.00 16.46 ? 97  GLU A OE2  1 
ATOM   212  H H    . GLU A 1 17 ? -12.004 0.085   6.829   1.00 12.72 ? 97  GLU A H    1 
ATOM   213  H HA   . GLU A 1 17 ? -11.740 -2.402  6.039   1.00 14.35 ? 97  GLU A HA   1 
ATOM   214  H HB2  . GLU A 1 17 ? -13.890 -2.262  5.285   1.00 16.33 ? 97  GLU A HB2  1 
ATOM   215  H HB3  . GLU A 1 17 ? -13.818 -1.465  6.657   1.00 16.33 ? 97  GLU A HB3  1 
ATOM   216  H HG2  . GLU A 1 17 ? -13.837 0.518   5.550   1.00 17.88 ? 97  GLU A HG2  1 
ATOM   217  H HG3  . GLU A 1 17 ? -13.780 -0.232  4.151   1.00 17.88 ? 97  GLU A HG3  1 
ATOM   218  N N    . ASP A 1 18 ? -10.978 -0.337  3.841   1.00 12.56 ? 98  ASP A N    1 
ATOM   219  C CA   . ASP A 1 18 ? -10.523 -0.116  2.474   1.00 14.86 ? 98  ASP A CA   1 
ATOM   220  C C    . ASP A 1 18 ? -9.034  -0.406  2.259   1.00 10.77 ? 98  ASP A C    1 
ATOM   221  O O    . ASP A 1 18 ? -8.556  -0.351  1.131   1.00 11.56 ? 98  ASP A O    1 
ATOM   222  C CB   . ASP A 1 18 ? -10.827 1.324   2.080   1.00 18.14 ? 98  ASP A CB   1 
ATOM   223  C CG   . ASP A 1 18 ? -12.295 1.649   2.210   1.00 21.29 ? 98  ASP A CG   1 
ATOM   224  O OD1  . ASP A 1 18 ? -13.130 0.860   1.720   1.00 24.86 ? 98  ASP A OD1  1 
ATOM   225  O OD2  . ASP A 1 18 ? -12.611 2.678   2.805   1.00 21.86 ? 98  ASP A OD2  1 
ATOM   226  H H    . ASP A 1 18 ? -10.834 0.333   4.361   1.00 15.08 ? 98  ASP A H    1 
ATOM   227  H HA   . ASP A 1 18 ? -11.031 -0.703  1.876   1.00 17.83 ? 98  ASP A HA   1 
ATOM   228  H HB2  . ASP A 1 18 ? -10.332 1.924   2.660   1.00 21.77 ? 98  ASP A HB2  1 
ATOM   229  H HB3  . ASP A 1 18 ? -10.567 1.463   1.156   1.00 21.77 ? 98  ASP A HB3  1 
ATOM   230  N N    . ASP A 1 19 ? -8.304  -0.693  3.329   1.00 9.36  ? 99  ASP A N    1 
ATOM   231  C CA   . ASP A 1 19 ? -6.863  -0.869  3.252   1.00 8.97  ? 99  ASP A CA   1 
ATOM   232  C C    . ASP A 1 19 ? -6.506  -2.273  2.761   1.00 8.78  ? 99  ASP A C    1 
ATOM   233  O O    . ASP A 1 19 ? -7.284  -3.213  2.838   1.00 11.12 ? 99  ASP A O    1 
ATOM   234  C CB   . ASP A 1 19 ? -6.229  -0.674  4.647   1.00 9.59  ? 99  ASP A CB   1 
ATOM   235  C CG   . ASP A 1 19 ? -6.193  0.742   5.152   1.00 11.02 ? 99  ASP A CG   1 
ATOM   236  O OD1  . ASP A 1 19 ? -6.822  1.594   4.519   1.00 12.80 ? 99  ASP A OD1  1 
ATOM   237  O OD2  . ASP A 1 19 ? -5.581  0.952   6.247   1.00 12.38 ? 99  ASP A OD2  1 
ATOM   238  H H    . ASP A 1 19 ? -8.625  -0.791  4.121   1.00 11.23 ? 99  ASP A H    1 
ATOM   239  H HA   . ASP A 1 19 ? -6.481  -0.211  2.635   1.00 10.76 ? 99  ASP A HA   1 
ATOM   240  H HB2  . ASP A 1 19 ? -6.731  -1.198  5.289   1.00 11.51 ? 99  ASP A HB2  1 
ATOM   241  H HB3  . ASP A 1 19 ? -5.313  -0.992  4.614   1.00 11.51 ? 99  ASP A HB3  1 
ATOM   242  N N    . LEU A 1 20 ? -5.276  -2.378  2.256   1.00 8.07  ? 100 LEU A N    1 
ATOM   243  C CA   . LEU A 1 20 ? -4.623  -3.637  1.936   1.00 8.22  ? 100 LEU A CA   1 
ATOM   244  C C    . LEU A 1 20 ? -3.571  -3.909  2.996   1.00 8.01  ? 100 LEU A C    1 
ATOM   245  O O    . LEU A 1 20 ? -2.650  -3.108  3.147   1.00 9.34  ? 100 LEU A O    1 
ATOM   246  C CB   . LEU A 1 20 ? -3.962  -3.515  0.562   1.00 9.31  ? 100 LEU A CB   1 
ATOM   247  C CG   . LEU A 1 20 ? -3.110  -4.695  0.121   1.00 10.08 ? 100 LEU A CG   1 
ATOM   248  C CD1  . LEU A 1 20 ? -3.927  -5.954  -0.012  1.00 10.58 ? 100 LEU A CD1  1 
ATOM   249  C CD2  . LEU A 1 20 ? -2.433  -4.349  -1.207  1.00 13.05 ? 100 LEU A CD2  1 
ATOM   250  H H    . LEU A 1 20 ? -4.781  -1.695  2.086   1.00 9.68  ? 100 LEU A H    1 
ATOM   251  H HA   . LEU A 1 20 ? -5.275  -4.369  1.923   1.00 9.86  ? 100 LEU A HA   1 
ATOM   252  H HB2  . LEU A 1 20 ? -4.660  -3.398  -0.101  1.00 11.18 ? 100 LEU A HB2  1 
ATOM   253  H HB3  . LEU A 1 20 ? -3.390  -2.732  0.569   1.00 11.18 ? 100 LEU A HB3  1 
ATOM   254  H HG   . LEU A 1 20 ? -2.417  -4.852  0.781   1.00 12.10 ? 100 LEU A HG   1 
ATOM   255  H HD11 . LEU A 1 20 ? -4.615  -5.811  -0.666  1.00 12.69 ? 100 LEU A HD11 1 
ATOM   256  H HD12 . LEU A 1 20 ? -3.352  -6.670  -0.291  1.00 12.69 ? 100 LEU A HD12 1 
ATOM   257  H HD13 . LEU A 1 20 ? -4.320  -6.162  0.838   1.00 12.69 ? 100 LEU A HD13 1 
ATOM   258  H HD21 . LEU A 1 20 ? -1.881  -3.572  -1.083  1.00 15.66 ? 100 LEU A HD21 1 
ATOM   259  H HD22 . LEU A 1 20 ? -1.895  -5.092  -1.487  1.00 15.66 ? 100 LEU A HD22 1 
ATOM   260  H HD23 . LEU A 1 20 ? -3.109  -4.168  -1.865  1.00 15.66 ? 100 LEU A HD23 1 
ATOM   261  N N    . SER A 1 21 ? -3.685  -5.049  3.682   1.00 8.40  ? 101 SER A N    1 
ATOM   262  C CA   A SER A 1 21 ? -2.626  -5.505  4.568   0.66 8.90  ? 101 SER A CA   1 
ATOM   263  C CA   B SER A 1 21 ? -2.608  -5.492  4.558   0.34 8.15  ? 101 SER A CA   1 
ATOM   264  C C    . SER A 1 21 ? -1.547  -6.212  3.741   1.00 8.40  ? 101 SER A C    1 
ATOM   265  O O    . SER A 1 21 ? -1.880  -6.884  2.760   1.00 10.09 ? 101 SER A O    1 
ATOM   266  C CB   A SER A 1 21 ? -3.168  -6.495  5.591   0.66 9.97  ? 101 SER A CB   1 
ATOM   267  C CB   B SER A 1 21 ? -3.139  -6.400  5.637   0.34 9.77  ? 101 SER A CB   1 
ATOM   268  O OG   A SER A 1 21 ? -4.123  -5.908  6.487   0.66 8.83  ? 101 SER A OG   1 
ATOM   269  O OG   B SER A 1 21 ? -3.674  -7.546  5.045   0.34 14.15 ? 101 SER A OG   1 
ATOM   270  H H    . SER A 1 21 ? -4.365  -5.575  3.654   0.34 10.09 ? 101 SER A H    1 
ATOM   271  H HA   . SER A 1 21 ? -2.210  -4.728  5.011   0.66 9.78  ? 101 SER A HA   1 
ATOM   272  H HB2  A SER A 1 21 ? -3.596  -7.225  5.117   0.66 11.96 ? 101 SER A HB2  1 
ATOM   273  H HB2  B SER A 1 21 ? -2.414  -6.652  6.229   0.34 11.73 ? 101 SER A HB2  1 
ATOM   274  H HB3  A SER A 1 21 ? -2.425  -6.837  6.113   0.66 11.96 ? 101 SER A HB3  1 
ATOM   275  H HB3  B SER A 1 21 ? -3.835  -5.938  6.132   0.34 11.73 ? 101 SER A HB3  1 
ATOM   276  H HG   A SER A 1 21 ? -4.390  -6.470  7.019   0.66 10.59 ? 101 SER A HG   1 
ATOM   277  H HG   B SER A 1 21 ? -3.967  -8.049  5.622   0.34 16.99 ? 101 SER A HG   1 
ATOM   278  N N    . PHE A 1 22 ? -0.294  -6.089  4.154   1.00 7.50  ? 102 PHE A N    1 
ATOM   279  C CA   . PHE A 1 22 ? 0.797   -6.713  3.417   1.00 7.66  ? 102 PHE A CA   1 
ATOM   280  C C    . PHE A 1 22 ? 1.976   -6.939  4.347   1.00 7.09  ? 102 PHE A C    1 
ATOM   281  O O    . PHE A 1 22 ? 2.089   -6.342  5.413   1.00 7.68  ? 102 PHE A O    1 
ATOM   282  C CB   . PHE A 1 22 ? 1.192   -5.910  2.165   1.00 8.30  ? 102 PHE A CB   1 
ATOM   283  C CG   . PHE A 1 22 ? 1.559   -4.463  2.433   1.00 7.65  ? 102 PHE A CG   1 
ATOM   284  C CD1  . PHE A 1 22 ? 2.829   -4.110  2.846   1.00 8.16  ? 102 PHE A CD1  1 
ATOM   285  C CD2  . PHE A 1 22 ? 0.626   -3.453  2.270   1.00 8.15  ? 102 PHE A CD2  1 
ATOM   286  C CE1  . PHE A 1 22 ? 3.181   -2.777  3.048   1.00 8.10  ? 102 PHE A CE1  1 
ATOM   287  C CE2  . PHE A 1 22 ? 0.962   -2.131  2.465   1.00 8.05  ? 102 PHE A CE2  1 
ATOM   288  C CZ   . PHE A 1 22 ? 2.232   -1.790  2.841   1.00 7.78  ? 102 PHE A CZ   1 
ATOM   289  H H    . PHE A 1 22 ? -0.049  -5.654  4.854   1.00 9.00  ? 102 PHE A H    1 
ATOM   290  H HA   . PHE A 1 22 ? 0.495   -7.594  3.110   1.00 9.19  ? 102 PHE A HA   1 
ATOM   291  H HB2  . PHE A 1 22 ? 1.959   -6.337  1.753   1.00 9.96  ? 102 PHE A HB2  1 
ATOM   292  H HB3  . PHE A 1 22 ? 0.445   -5.914  1.546   1.00 9.96  ? 102 PHE A HB3  1 
ATOM   293  H HD1  . PHE A 1 22 ? 3.473   -4.773  2.952   1.00 9.79  ? 102 PHE A HD1  1 
ATOM   294  H HD2  . PHE A 1 22 ? -0.233  -3.667  1.983   1.00 9.78  ? 102 PHE A HD2  1 
ATOM   295  H HE1  . PHE A 1 22 ? 4.043   -2.554  3.317   1.00 9.72  ? 102 PHE A HE1  1 
ATOM   296  H HE2  . PHE A 1 22 ? 0.322   -1.468  2.341   1.00 9.66  ? 102 PHE A HE2  1 
ATOM   297  H HZ   . PHE A 1 22 ? 2.447   -0.900  3.003   1.00 9.33  ? 102 PHE A HZ   1 
ATOM   298  N N    . LYS A 1 23 ? 2.859   -7.824  3.910   1.00 8.27  ? 103 LYS A N    1 
ATOM   299  C CA   . LYS A 1 23 ? 4.115   -8.097  4.577   1.00 8.42  ? 103 LYS A CA   1 
ATOM   300  C C    . LYS A 1 23 ? 5.284   -7.487  3.815   1.00 8.03  ? 103 LYS A C    1 
ATOM   301  O O    . LYS A 1 23 ? 5.269   -7.393  2.588   1.00 9.25  ? 103 LYS A O    1 
ATOM   302  C CB   . LYS A 1 23 ? 4.341   -9.600  4.705   1.00 9.92  ? 103 LYS A CB   1 
ATOM   303  C CG   . LYS A 1 23 ? 3.367   -10.261 5.666   1.00 11.95 ? 103 LYS A CG   1 
ATOM   304  C CD   . LYS A 1 23 ? 3.468   -11.768 5.730   1.00 14.52 ? 103 LYS A CD   1 
ATOM   305  C CE   . LYS A 1 23 ? 2.423   -12.350 6.691   1.00 17.17 ? 103 LYS A CE   1 
ATOM   306  N NZ   . LYS A 1 23 ? 1.032   -11.986 6.294   1.00 23.63 ? 103 LYS A NZ   1 
ATOM   307  H H    . LYS A 1 23 ? 2.744   -8.296  3.200   1.00 9.92  ? 103 LYS A H    1 
ATOM   308  H HA   . LYS A 1 23 ? 4.098   -7.710  5.476   1.00 10.10 ? 103 LYS A HA   1 
ATOM   309  H HB2  . LYS A 1 23 ? 4.229   -10.012 3.833   1.00 11.90 ? 103 LYS A HB2  1 
ATOM   310  H HB3  . LYS A 1 23 ? 5.240   -9.758  5.033   1.00 11.90 ? 103 LYS A HB3  1 
ATOM   311  H HG2  . LYS A 1 23 ? 3.533   -9.918  6.558   1.00 14.33 ? 103 LYS A HG2  1 
ATOM   312  H HG3  . LYS A 1 23 ? 2.463   -10.039 5.393   1.00 14.33 ? 103 LYS A HG3  1 
ATOM   313  H HD2  . LYS A 1 23 ? 3.311   -12.137 4.847   1.00 17.43 ? 103 LYS A HD2  1 
ATOM   314  H HD3  . LYS A 1 23 ? 4.349   -12.017 6.049   1.00 17.43 ? 103 LYS A HD3  1 
ATOM   315  H HE2  . LYS A 1 23 ? 2.494   -13.318 6.690   1.00 20.61 ? 103 LYS A HE2  1 
ATOM   316  H HE3  . LYS A 1 23 ? 2.583   -12.005 7.583   1.00 20.61 ? 103 LYS A HE3  1 
ATOM   317  H HZ1  . LYS A 1 23 ? 0.449   -12.337 6.868   1.00 28.35 ? 103 LYS A HZ1  1 
ATOM   318  H HZ2  . LYS A 1 23 ? 0.939   -11.100 6.292   1.00 28.35 ? 103 LYS A HZ2  1 
ATOM   319  H HZ3  . LYS A 1 23 ? 0.858   -12.297 5.478   1.00 28.35 ? 103 LYS A HZ3  1 
ATOM   320  N N    . LYS A 1 24 ? 6.340   -7.167  4.560   1.00 8.32  ? 104 LYS A N    1 
ATOM   321  C CA   . LYS A 1 24 ? 7.595   -6.750  3.944   1.00 9.09  ? 104 LYS A CA   1 
ATOM   322  C C    . LYS A 1 24 ? 7.985   -7.777  2.868   1.00 9.46  ? 104 LYS A C    1 
ATOM   323  O O    . LYS A 1 24 ? 7.870   -8.990  3.076   1.00 10.86 ? 104 LYS A O    1 
ATOM   324  C CB   . LYS A 1 24 ? 8.664   -6.631  5.012   1.00 10.79 ? 104 LYS A CB   1 
ATOM   325  C CG   . LYS A 1 24 ? 10.084  -6.485  4.592   1.00 13.47 ? 104 LYS A CG   1 
ATOM   326  C CD   . LYS A 1 24 ? 11.074  -6.414  5.742   1.00 17.98 ? 104 LYS A CD   1 
ATOM   327  C CE   . LYS A 1 24 ? 12.426  -5.916  5.209   1.00 24.86 ? 104 LYS A CE   1 
ATOM   328  N NZ   . LYS A 1 24 ? 12.448  -4.413  4.978   1.00 27.26 ? 104 LYS A NZ   1 
ATOM   329  H H    . LYS A 1 24 ? 6.355   -7.184  5.419   1.00 9.98  ? 104 LYS A H    1 
ATOM   330  H HA   . LYS A 1 24 ? 7.479   -5.876  3.516   1.00 10.90 ? 104 LYS A HA   1 
ATOM   331  H HB2  . LYS A 1 24 ? 8.451   -5.856  5.556   1.00 12.95 ? 104 LYS A HB2  1 
ATOM   332  H HB3  . LYS A 1 24 ? 8.617   -7.426  5.566   1.00 12.95 ? 104 LYS A HB3  1 
ATOM   333  H HG2  . LYS A 1 24 ? 10.325  -7.247  4.043   1.00 16.17 ? 104 LYS A HG2  1 
ATOM   334  H HG3  . LYS A 1 24 ? 10.173  -5.668  4.077   1.00 16.17 ? 104 LYS A HG3  1 
ATOM   335  H HD2  . LYS A 1 24 ? 10.754  -5.790  6.412   1.00 21.57 ? 104 LYS A HD2  1 
ATOM   336  H HD3  . LYS A 1 24 ? 11.197  -7.297  6.124   1.00 21.57 ? 104 LYS A HD3  1 
ATOM   337  H HE2  . LYS A 1 24 ? 13.119  -6.131  5.852   1.00 29.84 ? 104 LYS A HE2  1 
ATOM   338  H HE3  . LYS A 1 24 ? 12.613  -6.351  4.362   1.00 29.84 ? 104 LYS A HE3  1 
ATOM   339  H HZ1  . LYS A 1 24 ? 12.287  -3.986  5.743   1.00 32.71 ? 104 LYS A HZ1  1 
ATOM   340  H HZ2  . LYS A 1 24 ? 13.246  -4.164  4.671   1.00 32.71 ? 104 LYS A HZ2  1 
ATOM   341  H HZ3  . LYS A 1 24 ? 11.825  -4.187  4.385   1.00 32.71 ? 104 LYS A HZ3  1 
ATOM   342  N N    . GLY A 1 25 ? 8.430   -7.262  1.733   1.00 10.07 ? 105 GLY A N    1 
ATOM   343  C CA   . GLY A 1 25 ? 8.878   -8.103  0.640   1.00 11.86 ? 105 GLY A CA   1 
ATOM   344  C C    . GLY A 1 25 ? 7.799   -8.429  -0.376  1.00 12.26 ? 105 GLY A C    1 
ATOM   345  O O    . GLY A 1 25 ? 8.127   -8.923  -1.457  1.00 14.38 ? 105 GLY A O    1 
ATOM   346  H H    . GLY A 1 25 ? 8.483   -6.419  1.570   1.00 12.09 ? 105 GLY A H    1 
ATOM   347  H HA2  . GLY A 1 25 ? 9.605   -7.659  0.176   1.00 14.23 ? 105 GLY A HA2  1 
ATOM   348  H HA3  . GLY A 1 25 ? 9.215   -8.938  1.001   1.00 14.23 ? 105 GLY A HA3  1 
ATOM   349  N N    . GLU A 1 26 ? 6.527   -8.181  -0.067  1.00 11.32 ? 106 GLU A N    1 
ATOM   350  C CA   . GLU A 1 26 ? 5.480   -8.390  -1.068  1.00 11.49 ? 106 GLU A CA   1 
ATOM   351  C C    . GLU A 1 26 ? 5.683   -7.440  -2.228  1.00 11.44 ? 106 GLU A C    1 
ATOM   352  O O    . GLU A 1 26 ? 6.155   -6.325  -2.072  1.00 13.50 ? 106 GLU A O    1 
ATOM   353  C CB   . GLU A 1 26 ? 4.077   -8.138  -0.513  1.00 12.79 ? 106 GLU A CB   1 
ATOM   354  C CG   . GLU A 1 26 ? 3.556   -9.229  0.328   1.00 13.48 ? 106 GLU A CG   1 
ATOM   355  C CD   . GLU A 1 26 ? 2.079   -9.095  0.636   1.00 11.66 ? 106 GLU A CD   1 
ATOM   356  O OE1  . GLU A 1 26 ? 1.771   -9.478  1.756   1.00 12.65 ? 106 GLU A OE1  1 
ATOM   357  O OE2  . GLU A 1 26 ? 1.244   -8.646  -0.187  1.00 13.54 ? 106 GLU A OE2  1 
ATOM   358  H H    . GLU A 1 26 ? 6.248   -7.898  0.696   1.00 13.59 ? 106 GLU A H    1 
ATOM   359  H HA   . GLU A 1 26 ? 5.523   -9.309  -1.403  1.00 13.79 ? 106 GLU A HA   1 
ATOM   360  H HB2  . GLU A 1 26 ? 4.097   -7.332  0.028   1.00 15.35 ? 106 GLU A HB2  1 
ATOM   361  H HB3  . GLU A 1 26 ? 3.464   -8.019  -1.255  1.00 15.35 ? 106 GLU A HB3  1 
ATOM   362  H HG2  . GLU A 1 26 ? 3.689   -10.073 -0.134  1.00 16.17 ? 106 GLU A HG2  1 
ATOM   363  H HG3  . GLU A 1 26 ? 4.038   -9.236  1.170   1.00 16.17 ? 106 GLU A HG3  1 
ATOM   364  N N    . ARG A 1 27 ? 5.298   -7.901  -3.408  1.00 12.26 ? 107 ARG A N    1 
ATOM   365  C CA   . ARG A 1 27 ? 5.346   -7.085  -4.605  1.00 12.94 ? 107 ARG A CA   1 
ATOM   366  C C    . ARG A 1 27 ? 3.941   -6.657  -4.950  1.00 12.41 ? 107 ARG A C    1 
ATOM   367  O O    . ARG A 1 27 ? 3.014   -7.451  -4.937  1.00 13.63 ? 107 ARG A O    1 
ATOM   368  C CB   . ARG A 1 27 ? 6.066   -7.835  -5.728  1.00 16.49 ? 107 ARG A CB   1 
ATOM   369  C CG   . ARG A 1 27 ? 7.503   -7.983  -5.291  1.00 24.10 ? 107 ARG A CG   1 
ATOM   370  C CD   . ARG A 1 27 ? 8.462   -8.705  -6.180  1.00 27.61 ? 107 ARG A CD   1 
ATOM   371  N NE   . ARG A 1 27 ? 9.706   -8.832  -5.414  1.00 29.55 ? 107 ARG A NE   1 
ATOM   372  C CZ   . ARG A 1 27 ? 10.650  -7.898  -5.347  1.00 28.56 ? 107 ARG A CZ   1 
ATOM   373  N NH1  . ARG A 1 27 ? 10.539  -6.786  -6.052  1.00 30.15 ? 107 ARG A NH1  1 
ATOM   374  N NH2  . ARG A 1 27 ? 11.732  -8.105  -4.610  1.00 29.53 ? 107 ARG A NH2  1 
ATOM   375  H H    . ARG A 1 27 ? 5.002   -8.697  -3.541  1.00 14.72 ? 107 ARG A H    1 
ATOM   376  H HA   . ARG A 1 27 ? 5.863   -6.275  -4.412  1.00 15.53 ? 107 ARG A HA   1 
ATOM   377  H HB2  . ARG A 1 27 ? 5.676   -8.715  -5.848  1.00 19.79 ? 107 ARG A HB2  1 
ATOM   378  H HB3  . ARG A 1 27 ? 6.034   -7.320  -6.549  1.00 19.79 ? 107 ARG A HB3  1 
ATOM   379  H HG2  . ARG A 1 27 ? 7.862   -7.093  -5.157  1.00 28.91 ? 107 ARG A HG2  1 
ATOM   380  H HG3  . ARG A 1 27 ? 7.504   -8.453  -4.442  1.00 28.91 ? 107 ARG A HG3  1 
ATOM   381  H HD2  . ARG A 1 27 ? 8.125   -9.588  -6.394  1.00 33.13 ? 107 ARG A HD2  1 
ATOM   382  H HD3  . ARG A 1 27 ? 8.632   -8.187  -6.983  1.00 33.13 ? 107 ARG A HD3  1 
ATOM   383  H HE   . ARG A 1 27 ? 9.834   -9.563  -4.979  1.00 35.46 ? 107 ARG A HE   1 
ATOM   384  H HH11 . ARG A 1 27 ? 9.837   -6.649  -6.530  1.00 36.18 ? 107 ARG A HH11 1 
ATOM   385  H HH12 . ARG A 1 27 ? 11.157  -6.189  -6.013  1.00 36.18 ? 107 ARG A HH12 1 
ATOM   386  H HH21 . ARG A 1 27 ? 11.814  -8.833  -4.161  1.00 35.43 ? 107 ARG A HH21 1 
ATOM   387  H HH22 . ARG A 1 27 ? 12.352  -7.509  -4.581  1.00 35.43 ? 107 ARG A HH22 1 
ATOM   388  N N    . LEU A 1 28 ? 3.813   -5.372  -5.220  1.00 13.13 ? 108 LEU A N    1 
ATOM   389  C CA   . LEU A 1 28 ? 2.533   -4.751  -5.426  1.00 13.91 ? 108 LEU A CA   1 
ATOM   390  C C    . LEU A 1 28 ? 2.526   -4.002  -6.754  1.00 15.95 ? 108 LEU A C    1 
ATOM   391  O O    . LEU A 1 28 ? 3.543   -3.487  -7.224  1.00 17.91 ? 108 LEU A O    1 
ATOM   392  C CB   . LEU A 1 28 ? 2.264   -3.752  -4.315  1.00 14.76 ? 108 LEU A CB   1 
ATOM   393  C CG   . LEU A 1 28 ? 2.412   -4.228  -2.855  1.00 15.33 ? 108 LEU A CG   1 
ATOM   394  C CD1  . LEU A 1 28 ? 2.159   -3.059  -1.901  1.00 23.19 ? 108 LEU A CD1  1 
ATOM   395  C CD2  . LEU A 1 28 ? 1.545   -5.406  -2.445  1.00 17.56 ? 108 LEU A CD2  1 
ATOM   396  H H    . LEU A 1 28 ? 4.475   -4.828  -5.290  1.00 15.76 ? 108 LEU A H    1 
ATOM   397  H HA   . LEU A 1 28 ? 1.824   -5.427  -5.432  1.00 16.70 ? 108 LEU A HA   1 
ATOM   398  H HB2  . LEU A 1 28 ? 2.874   -3.007  -4.431  1.00 17.72 ? 108 LEU A HB2  1 
ATOM   399  H HB3  . LEU A 1 28 ? 1.353   -3.434  -4.417  1.00 17.72 ? 108 LEU A HB3  1 
ATOM   400  H HG   . LEU A 1 28 ? 3.333   -4.502  -2.726  1.00 18.39 ? 108 LEU A HG   1 
ATOM   401  H HD11 . LEU A 1 28 ? 2.800   -2.367  -2.080  1.00 27.83 ? 108 LEU A HD11 1 
ATOM   402  H HD12 . LEU A 1 28 ? 1.270   -2.727  -2.043  1.00 27.83 ? 108 LEU A HD12 1 
ATOM   403  H HD13 . LEU A 1 28 ? 2.254   -3.368  -0.998  1.00 27.83 ? 108 LEU A HD13 1 
ATOM   404  H HD21 . LEU A 1 28 ? 0.622   -5.170  -2.559  1.00 21.07 ? 108 LEU A HD21 1 
ATOM   405  H HD22 . LEU A 1 28 ? 1.761   -6.161  -2.998  1.00 21.07 ? 108 LEU A HD22 1 
ATOM   406  H HD23 . LEU A 1 28 ? 1.717   -5.615  -1.524  1.00 21.07 ? 108 LEU A HD23 1 
ATOM   407  N N    . GLN A 1 29 ? 1.358   -3.917  -7.356  1.00 16.33 ? 109 GLN A N    1 
ATOM   408  C CA   . GLN A 1 29 ? 1.147   -3.027  -8.494  1.00 19.34 ? 109 GLN A CA   1 
ATOM   409  C C    . GLN A 1 29 ? 0.187   -1.923  -8.088  1.00 16.56 ? 109 GLN A C    1 
ATOM   410  O O    . GLN A 1 29 ? -0.769  -2.158  -7.344  1.00 17.26 ? 109 GLN A O    1 
ATOM   411  C CB   . GLN A 1 29 ? 0.616   -3.795  -9.678  1.00 25.55 ? 109 GLN A CB   1 
ATOM   412  C CG   . GLN A 1 29 ? -0.509  -4.741  -9.371  1.00 31.80 ? 109 GLN A CG   1 
ATOM   413  C CD   . GLN A 1 29 ? -1.000  -5.451  -10.617 1.00 33.91 ? 109 GLN A CD   1 
ATOM   414  O OE1  . GLN A 1 29 ? -1.965  -6.205  -10.573 1.00 35.28 ? 109 GLN A OE1  1 
ATOM   415  N NE2  . GLN A 1 29 ? -0.337  -5.205  -11.737 1.00 34.45 ? 109 GLN A NE2  1 
ATOM   416  H H    . GLN A 1 29 ? 0.660   -4.366  -7.128  1.00 19.59 ? 109 GLN A H    1 
ATOM   417  H HA   . GLN A 1 29 ? 2.000   -2.617  -8.749  1.00 23.21 ? 109 GLN A HA   1 
ATOM   418  H HB2  . GLN A 1 29 ? 0.293   -3.161  -10.338 1.00 30.66 ? 109 GLN A HB2  1 
ATOM   419  H HB3  . GLN A 1 29 ? 1.341   -4.316  -10.058 1.00 30.66 ? 109 GLN A HB3  1 
ATOM   420  H HG2  . GLN A 1 29 ? -0.199  -5.412  -8.741  1.00 38.16 ? 109 GLN A HG2  1 
ATOM   421  H HG3  . GLN A 1 29 ? -1.251  -4.244  -8.992  1.00 38.16 ? 109 GLN A HG3  1 
ATOM   422  H HE21 . GLN A 1 29 ? 0.335   -4.667  -11.731 1.00 41.34 ? 109 GLN A HE21 1 
ATOM   423  H HE22 . GLN A 1 29 ? -0.576  -5.584  -12.471 1.00 41.34 ? 109 GLN A HE22 1 
ATOM   424  N N    . ILE A 1 30 ? 0.457   -0.707  -8.550  1.00 17.16 ? 110 ILE A N    1 
ATOM   425  C CA   . ILE A 1 30 ? -0.395  0.420   -8.213  1.00 16.47 ? 110 ILE A CA   1 
ATOM   426  C C    . ILE A 1 30 ? -1.512  0.491   -9.238  1.00 16.50 ? 110 ILE A C    1 
ATOM   427  O O    . ILE A 1 30 ? -1.272  0.521   -10.437 1.00 20.92 ? 110 ILE A O    1 
ATOM   428  C CB   . ILE A 1 30 ? 0.413   1.746   -8.094  1.00 20.59 ? 110 ILE A CB   1 
ATOM   429  C CG1  . ILE A 1 30 ? 1.631   1.560   -7.158  1.00 21.58 ? 110 ILE A CG1  1 
ATOM   430  C CG2  . ILE A 1 30 ? -0.469  2.874   -7.588  1.00 21.65 ? 110 ILE A CG2  1 
ATOM   431  C CD1  . ILE A 1 30 ? 1.310   1.028   -5.769  1.00 22.42 ? 110 ILE A CD1  1 
ATOM   432  H H    . ILE A 1 30 ? 1.124   -0.511  -9.057  1.00 20.60 ? 110 ILE A H    1 
ATOM   433  H HA   . ILE A 1 30 ? -0.807  0.249   -7.341  1.00 19.76 ? 110 ILE A HA   1 
ATOM   434  H HB   . ILE A 1 30 ? 0.739   1.985   -8.977  1.00 24.71 ? 110 ILE A HB   1 
ATOM   435  H HG12 . ILE A 1 30 ? 2.246   0.936   -7.574  1.00 25.89 ? 110 ILE A HG12 1 
ATOM   436  H HG13 . ILE A 1 30 ? 2.067   2.419   -7.048  1.00 25.89 ? 110 ILE A HG13 1 
ATOM   437  H HG21 . ILE A 1 30 ? 0.055   3.675   -7.526  1.00 25.98 ? 110 ILE A HG21 1 
ATOM   438  H HG22 . ILE A 1 30 ? -1.193  3.003   -8.205  1.00 25.98 ? 110 ILE A HG22 1 
ATOM   439  H HG23 . ILE A 1 30 ? -0.811  2.637   -6.723  1.00 25.98 ? 110 ILE A HG23 1 
ATOM   440  H HD11 . ILE A 1 30 ? 0.715   1.640   -5.330  1.00 26.90 ? 110 ILE A HD11 1 
ATOM   441  H HD12 . ILE A 1 30 ? 0.892   0.167   -5.853  1.00 26.90 ? 110 ILE A HD12 1 
ATOM   442  H HD13 . ILE A 1 30 ? 2.126   0.948   -5.270  1.00 26.90 ? 110 ILE A HD13 1 
ATOM   443  N N    . VAL A 1 31 ? -2.733  0.450   -8.725  1.00 14.31 ? 111 VAL A N    1 
ATOM   444  C CA   . VAL A 1 31 ? -3.945  0.553   -9.524  1.00 13.40 ? 111 VAL A CA   1 
ATOM   445  C C    . VAL A 1 31 ? -4.241  2.014   -9.768  1.00 14.34 ? 111 VAL A C    1 
ATOM   446  O O    . VAL A 1 31 ? -4.569  2.395   -10.870 1.00 16.70 ? 111 VAL A O    1 
ATOM   447  C CB   . VAL A 1 31 ? -5.124  -0.114  -8.782  1.00 13.31 ? 111 VAL A CB   1 
ATOM   448  C CG1  . VAL A 1 31 ? -6.407  0.048   -9.556  1.00 14.17 ? 111 VAL A CG1  1 
ATOM   449  C CG2  . VAL A 1 31 ? -4.825  -1.585  -8.527  1.00 14.31 ? 111 VAL A CG2  1 
ATOM   450  H H    . VAL A 1 31 ? -2.890  0.360   -7.884  1.00 17.17 ? 111 VAL A H    1 
ATOM   451  H HA   . VAL A 1 31 ? -3.816  0.106   -10.386 1.00 16.08 ? 111 VAL A HA   1 
ATOM   452  H HB   . VAL A 1 31 ? -5.241  0.324   -7.912  1.00 15.97 ? 111 VAL A HB   1 
ATOM   453  H HG11 . VAL A 1 31 ? -7.120  -0.375  -9.072  1.00 17.01 ? 111 VAL A HG11 1 
ATOM   454  H HG12 . VAL A 1 31 ? -6.593  0.984   -9.660  1.00 17.01 ? 111 VAL A HG12 1 
ATOM   455  H HG13 . VAL A 1 31 ? -6.307  -0.364  -10.417 1.00 17.01 ? 111 VAL A HG13 1 
ATOM   456  H HG21 . VAL A 1 31 ? -5.569  -1.980  -8.065  1.00 17.17 ? 111 VAL A HG21 1 
ATOM   457  H HG22 . VAL A 1 31 ? -4.688  -2.026  -9.368  1.00 17.17 ? 111 VAL A HG22 1 
ATOM   458  H HG23 . VAL A 1 31 ? -4.032  -1.653  -7.989  1.00 17.17 ? 111 VAL A HG23 1 
ATOM   459  N N    . ASN A 1 32 ? -4.110  2.837   -8.734  1.00 15.10 ? 112 ASN A N    1 
ATOM   460  C CA   . ASN A 1 32 ? -4.379  4.250   -8.842  1.00 17.46 ? 112 ASN A CA   1 
ATOM   461  C C    . ASN A 1 32 ? -3.668  5.036   -7.752  1.00 17.35 ? 112 ASN A C    1 
ATOM   462  O O    . ASN A 1 32 ? -3.635  4.628   -6.613  1.00 15.85 ? 112 ASN A O    1 
ATOM   463  C CB   . ASN A 1 32 ? -5.888  4.459   -8.730  1.00 19.93 ? 112 ASN A CB   1 
ATOM   464  C CG   . ASN A 1 32 ? -6.320  5.829   -9.156  1.00 23.65 ? 112 ASN A CG   1 
ATOM   465  O OD1  . ASN A 1 32 ? -6.212  6.775   -8.386  1.00 27.73 ? 112 ASN A OD1  1 
ATOM   466  N ND2  . ASN A 1 32 ? -6.819  5.952   -10.378 1.00 23.60 ? 112 ASN A ND2  1 
ATOM   467  H H    . ASN A 1 32 ? -3.862  2.589   -7.949  1.00 18.12 ? 112 ASN A H    1 
ATOM   468  H HA   . ASN A 1 32 ? -4.078  4.579   -9.715  1.00 20.95 ? 112 ASN A HA   1 
ATOM   469  H HB2  . ASN A 1 32 ? -6.338  3.813   -9.296  1.00 23.91 ? 112 ASN A HB2  1 
ATOM   470  H HB3  . ASN A 1 32 ? -6.155  4.334   -7.806  1.00 23.91 ? 112 ASN A HB3  1 
ATOM   471  H HD21 . ASN A 1 32 ? -6.883  5.263   -10.889 1.00 28.32 ? 112 ASN A HD21 1 
ATOM   472  H HD22 . ASN A 1 32 ? -7.079  6.723   -10.661 1.00 28.32 ? 112 ASN A HD22 1 
ATOM   473  N N    . ASN A 1 33 ? -3.138  6.189   -8.101  1.00 22.15 ? 113 ASN A N    1 
ATOM   474  C CA   . ASN A 1 33 ? -2.466  7.043   -7.142  1.00 24.53 ? 113 ASN A CA   1 
ATOM   475  C C    . ASN A 1 33 ? -2.984  8.476   -7.157  1.00 25.89 ? 113 ASN A C    1 
ATOM   476  O O    . ASN A 1 33 ? -2.272  9.397   -6.782  1.00 28.74 ? 113 ASN A O    1 
ATOM   477  C CB   . ASN A 1 33 ? -1.013  7.089   -7.515  1.00 29.97 ? 113 ASN A CB   1 
ATOM   478  C CG   . ASN A 1 33 ? -0.825  7.425   -8.961  1.00 29.96 ? 113 ASN A CG   1 
ATOM   479  O OD1  . ASN A 1 33 ? -1.668  8.101   -9.558  1.00 31.25 ? 113 ASN A OD1  1 
ATOM   480  N ND2  . ASN A 1 33 ? 0.239   6.905   -9.557  1.00 31.89 ? 113 ASN A ND2  1 
ATOM   481  H H    . ASN A 1 33 ? -3.153  6.507   -8.900  1.00 26.59 ? 113 ASN A H    1 
ATOM   482  H HA   . ASN A 1 33 ? -2.558  6.675   -6.238  1.00 29.43 ? 113 ASN A HA   1 
ATOM   483  H HB2  . ASN A 1 33 ? -0.568  7.767   -6.985  1.00 35.97 ? 113 ASN A HB2  1 
ATOM   484  H HB3  . ASN A 1 33 ? -0.613  6.220   -7.351  1.00 35.97 ? 113 ASN A HB3  1 
ATOM   485  H HD21 . ASN A 1 33 ? 0.779   6.404   -9.114  1.00 38.27 ? 113 ASN A HD21 1 
ATOM   486  H HD22 . ASN A 1 33 ? 0.390   7.069   -10.388 1.00 38.27 ? 113 ASN A HD22 1 
ATOM   487  N N    . THR A 1 34 ? -4.213  8.675   -7.592  1.00 27.45 ? 114 THR A N    1 
ATOM   488  C CA   . THR A 1 34 ? -4.641  10.024  -7.919  1.00 29.31 ? 114 THR A CA   1 
ATOM   489  C C    . THR A 1 34 ? -5.329  10.755  -6.789  1.00 28.91 ? 114 THR A C    1 
ATOM   490  O O    . THR A 1 34 ? -5.746  11.902  -6.954  1.00 30.67 ? 114 THR A O    1 
ATOM   491  C CB   . THR A 1 34 ? -5.582  9.999   -9.119  1.00 29.03 ? 114 THR A CB   1 
ATOM   492  O OG1  . THR A 1 34 ? -6.834  9.417   -8.741  1.00 31.11 ? 114 THR A OG1  1 
ATOM   493  C CG2  . THR A 1 34 ? -4.957  9.189   -10.206 1.00 30.86 ? 114 THR A CG2  1 
ATOM   494  H H    . THR A 1 34 ? -4.809  8.065   -7.706  1.00 32.94 ? 114 THR A H    1 
ATOM   495  H HA   . THR A 1 34 ? -3.851  10.546  -8.172  1.00 35.17 ? 114 THR A HA   1 
ATOM   496  H HB   . THR A 1 34 ? -5.723  10.902  -9.444  1.00 34.83 ? 114 THR A HB   1 
ATOM   497  H HG1  . THR A 1 34 ? -7.178  9.858   -8.141  1.00 37.33 ? 114 THR A HG1  1 
ATOM   498  H HG21 . THR A 1 34 ? -4.805  8.292   -9.899  1.00 37.03 ? 114 THR A HG21 1 
ATOM   499  H HG22 . THR A 1 34 ? -5.538  9.163   -10.970 1.00 37.03 ? 114 THR A HG22 1 
ATOM   500  H HG23 . THR A 1 34 ? -4.118  9.577   -10.464 1.00 37.03 ? 114 THR A HG23 1 
ATOM   501  N N    . GLU A 1 35 ? -5.418  10.119  -5.635  1.00 28.00 ? 115 GLU A N    1 
ATOM   502  C CA   . GLU A 1 35 ? -6.244  10.674  -4.591  1.00 28.00 ? 115 GLU A CA   1 
ATOM   503  C C    . GLU A 1 35 ? -5.392  11.251  -3.459  1.00 23.52 ? 115 GLU A C    1 
ATOM   504  O O    . GLU A 1 35 ? -5.917  11.976  -2.624  1.00 28.28 ? 115 GLU A O    1 
ATOM   505  C CB   . GLU A 1 35 ? -7.250  9.617   -4.099  1.00 28.37 ? 115 GLU A CB   1 
ATOM   506  C CG   . GLU A 1 35 ? -8.180  9.114   -5.205  1.00 32.75 ? 115 GLU A CG   1 
ATOM   507  C CD   . GLU A 1 35 ? -9.083  7.978   -4.763  1.00 34.58 ? 115 GLU A CD   1 
ATOM   508  O OE1  . GLU A 1 35 ? -8.557  6.905   -4.403  1.00 34.98 ? 115 GLU A OE1  1 
ATOM   509  O OE2  . GLU A 1 35 ? -10.319 8.157   -4.790  1.00 39.44 ? 115 GLU A OE2  1 
ATOM   510  H H    . GLU A 1 35 ? -5.021  9.384   -5.437  1.00 33.60 ? 115 GLU A H    1 
ATOM   511  H HA   . GLU A 1 35 ? -6.763  11.414  -4.969  1.00 33.60 ? 115 GLU A HA   1 
ATOM   512  H HB2  . GLU A 1 35 ? -6.761  8.855   -3.750  1.00 34.05 ? 115 GLU A HB2  1 
ATOM   513  H HB3  . GLU A 1 35 ? -7.799  10.005  -3.400  1.00 34.05 ? 115 GLU A HB3  1 
ATOM   514  H HG2  . GLU A 1 35 ? -8.745  9.846   -5.498  1.00 39.29 ? 115 GLU A HG2  1 
ATOM   515  H HG3  . GLU A 1 35 ? -7.642  8.795   -5.948  1.00 39.29 ? 115 GLU A HG3  1 
ATOM   516  N N    . GLY A 1 36 ? -4.086  10.933  -3.428  1.00 24.94 ? 116 GLY A N    1 
ATOM   517  C CA   . GLY A 1 36 ? -3.181  11.387  -2.373  1.00 22.72 ? 116 GLY A CA   1 
ATOM   518  C C    . GLY A 1 36 ? -2.048  10.423  -2.040  1.00 20.98 ? 116 GLY A C    1 
ATOM   519  O O    . GLY A 1 36 ? -1.606  9.657   -2.894  1.00 21.42 ? 116 GLY A O    1 
ATOM   520  H H    . GLY A 1 36 ? -3.700  10.446  -4.023  1.00 29.93 ? 116 GLY A H    1 
ATOM   521  H HA2  . GLY A 1 36 ? -2.786  12.232  -2.639  1.00 27.26 ? 116 GLY A HA2  1 
ATOM   522  H HA3  . GLY A 1 36 ? -3.693  11.538  -1.563  1.00 27.26 ? 116 GLY A HA3  1 
ATOM   523  N N    . ASP A 1 37 ? -1.590  10.457  -0.789  1.00 18.50 ? 117 ASP A N    1 
ATOM   524  C CA   . ASP A 1 37 ? -0.479  9.627   -0.343  1.00 16.43 ? 117 ASP A CA   1 
ATOM   525  C C    . ASP A 1 37 ? -0.862  8.179   -0.027  1.00 13.45 ? 117 ASP A C    1 
ATOM   526  O O    . ASP A 1 37 ? 0.012   7.356   0.229   1.00 13.51 ? 117 ASP A O    1 
ATOM   527  C CB   . ASP A 1 37 ? 0.126   10.227  0.923   1.00 19.50 ? 117 ASP A CB   1 
ATOM   528  C CG   . ASP A 1 37 ? 0.748   11.580  0.723   1.00 26.22 ? 117 ASP A CG   1 
ATOM   529  O OD1  . ASP A 1 37 ? 1.243   11.857  -0.384  1.00 27.97 ? 117 ASP A OD1  1 
ATOM   530  O OD2  . ASP A 1 37 ? 0.776   12.350  1.718   1.00 29.49 ? 117 ASP A OD2  1 
ATOM   531  H H    . ASP A 1 37 ? -1.913  10.961  -0.172  1.00 22.20 ? 117 ASP A H    1 
ATOM   532  H HA   . ASP A 1 37 ? 0.212   9.616   -1.037  1.00 19.72 ? 117 ASP A HA   1 
ATOM   533  H HB2  . ASP A 1 37 ? -0.573  10.318  1.589   1.00 23.40 ? 117 ASP A HB2  1 
ATOM   534  H HB3  . ASP A 1 37 ? 0.817   9.629   1.251   1.00 23.40 ? 117 ASP A HB3  1 
ATOM   535  N N    . TRP A 1 38 ? -2.157  7.894   -0.008  1.00 11.98 ? 118 TRP A N    1 
ATOM   536  C CA   . TRP A 1 38 ? -2.649  6.521   0.057   1.00 11.10 ? 118 TRP A CA   1 
ATOM   537  C C    . TRP A 1 38 ? -2.967  6.094   -1.357  1.00 11.88 ? 118 TRP A C    1 
ATOM   538  O O    . TRP A 1 38 ? -3.785  6.721   -2.033  1.00 15.97 ? 118 TRP A O    1 
ATOM   539  C CB   . TRP A 1 38 ? -3.879  6.396   0.969   1.00 11.50 ? 118 TRP A CB   1 
ATOM   540  C CG   . TRP A 1 38 ? -3.511  6.587   2.404   1.00 10.61 ? 118 TRP A CG   1 
ATOM   541  C CD1  . TRP A 1 38 ? -3.301  7.772   3.047   1.00 11.77 ? 118 TRP A CD1  1 
ATOM   542  C CD2  . TRP A 1 38 ? -3.248  5.550   3.365   1.00 8.95  ? 118 TRP A CD2  1 
ATOM   543  N NE1  . TRP A 1 38 ? -2.925  7.530   4.353   1.00 10.79 ? 118 TRP A NE1  1 
ATOM   544  C CE2  . TRP A 1 38 ? -2.887  6.181   4.569   1.00 9.36  ? 118 TRP A CE2  1 
ATOM   545  C CE3  . TRP A 1 38 ? -3.298  4.160   3.327   1.00 9.21  ? 118 TRP A CE3  1 
ATOM   546  C CZ2  . TRP A 1 38 ? -2.574  5.459   5.722   1.00 9.30  ? 118 TRP A CZ2  1 
ATOM   547  C CZ3  . TRP A 1 38 ? -2.993  3.451   4.463   1.00 9.34  ? 118 TRP A CZ3  1 
ATOM   548  C CH2  . TRP A 1 38 ? -2.630  4.096   5.641   1.00 9.37  ? 118 TRP A CH2  1 
ATOM   549  H H    . TRP A 1 38 ? -2.782  8.485   -0.033  1.00 14.38 ? 118 TRP A H    1 
ATOM   550  H HA   . TRP A 1 38 ? -1.944  5.938   0.407   1.00 13.32 ? 118 TRP A HA   1 
ATOM   551  H HB2  . TRP A 1 38 ? -4.528  7.075   0.728   1.00 13.79 ? 118 TRP A HB2  1 
ATOM   552  H HB3  . TRP A 1 38 ? -4.264  5.511   0.869   1.00 13.79 ? 118 TRP A HB3  1 
ATOM   553  H HD1  . TRP A 1 38 ? -3.376  8.613   2.658   1.00 14.13 ? 118 TRP A HD1  1 
ATOM   554  H HE1  . TRP A 1 38 ? -2.743  8.132   4.939   1.00 12.94 ? 118 TRP A HE1  1 
ATOM   555  H HE3  . TRP A 1 38 ? -3.524  3.718   2.541   1.00 11.05 ? 118 TRP A HE3  1 
ATOM   556  H HZ2  . TRP A 1 38 ? -2.350  5.888   6.516   1.00 11.17 ? 118 TRP A HZ2  1 
ATOM   557  H HZ3  . TRP A 1 38 ? -3.015  2.522   4.440   1.00 11.20 ? 118 TRP A HZ3  1 
ATOM   558  H HH2  . TRP A 1 38 ? -2.436  3.588   6.395   1.00 11.25 ? 118 TRP A HH2  1 
ATOM   559  N N    . TRP A 1 39 ? -2.297  5.049   -1.811  1.00 10.68 ? 119 TRP A N    1 
ATOM   560  C CA   . TRP A 1 39 ? -2.431  4.547   -3.172  1.00 12.19 ? 119 TRP A CA   1 
ATOM   561  C C    . TRP A 1 39 ? -3.282  3.292   -3.190  1.00 10.62 ? 119 TRP A C    1 
ATOM   562  O O    . TRP A 1 39 ? -3.177  2.465   -2.293  1.00 10.71 ? 119 TRP A O    1 
ATOM   563  C CB   . TRP A 1 39 ? -1.042  4.210   -3.728  1.00 14.44 ? 119 TRP A CB   1 
ATOM   564  C CG   . TRP A 1 39 ? -0.124  5.350   -3.903  1.00 16.05 ? 119 TRP A CG   1 
ATOM   565  C CD1  . TRP A 1 39 ? -0.389  6.680   -3.751  1.00 18.37 ? 119 TRP A CD1  1 
ATOM   566  C CD2  . TRP A 1 39 ? 1.235   5.253   -4.307  1.00 18.59 ? 119 TRP A CD2  1 
ATOM   567  N NE1  . TRP A 1 39 ? 0.729   7.417   -4.059  1.00 19.34 ? 119 TRP A NE1  1 
ATOM   568  C CE2  . TRP A 1 39 ? 1.742   6.561   -4.399  1.00 19.67 ? 119 TRP A CE2  1 
ATOM   569  C CE3  . TRP A 1 39 ? 2.076   4.183   -4.591  1.00 20.81 ? 119 TRP A CE3  1 
ATOM   570  C CZ2  . TRP A 1 39 ? 3.056   6.827   -4.777  1.00 20.85 ? 119 TRP A CZ2  1 
ATOM   571  C CZ3  . TRP A 1 39 ? 3.374   4.443   -4.961  1.00 24.10 ? 119 TRP A CZ3  1 
ATOM   572  C CH2  . TRP A 1 39 ? 3.851   5.756   -5.055  1.00 23.57 ? 119 TRP A CH2  1 
ATOM   573  H H    . TRP A 1 39 ? -1.740  4.598   -1.335  1.00 12.81 ? 119 TRP A H    1 
ATOM   574  H HA   . TRP A 1 39 ? -2.849  5.226   -3.741  1.00 14.62 ? 119 TRP A HA   1 
ATOM   575  H HB2  . TRP A 1 39 ? -0.614  3.583   -3.124  1.00 17.32 ? 119 TRP A HB2  1 
ATOM   576  H HB3  . TRP A 1 39 ? -1.154  3.794   -4.597  1.00 17.32 ? 119 TRP A HB3  1 
ATOM   577  H HD1  . TRP A 1 39 ? -1.214  7.036   -3.514  1.00 22.05 ? 119 TRP A HD1  1 
ATOM   578  H HE1  . TRP A 1 39 ? 0.787   8.274   -4.035  1.00 23.21 ? 119 TRP A HE1  1 
ATOM   579  H HE3  . TRP A 1 39 ? 1.760   3.308   -4.553  1.00 24.97 ? 119 TRP A HE3  1 
ATOM   580  H HZ2  . TRP A 1 39 ? 3.382   7.697   -4.818  1.00 25.02 ? 119 TRP A HZ2  1 
ATOM   581  H HZ3  . TRP A 1 39 ? 3.941   3.735   -5.167  1.00 28.92 ? 119 TRP A HZ3  1 
ATOM   582  H HH2  . TRP A 1 39 ? 4.738   5.900   -5.297  1.00 28.29 ? 119 TRP A HH2  1 
ATOM   583  N N    . LEU A 1 40 ? -4.111  3.123   -4.215  1.00 11.76 ? 120 LEU A N    1 
ATOM   584  C CA   . LEU A 1 40 ? -4.838  1.881   -4.393  1.00 11.06 ? 120 LEU A CA   1 
ATOM   585  C C    . LEU A 1 40 ? -3.889  0.914   -5.067  1.00 11.18 ? 120 LEU A C    1 
ATOM   586  O O    . LEU A 1 40 ? -3.364  1.192   -6.144  1.00 12.45 ? 120 LEU A O    1 
ATOM   587  C CB   . LEU A 1 40 ? -6.093  2.105   -5.224  1.00 12.75 ? 120 LEU A CB   1 
ATOM   588  C CG   . LEU A 1 40 ? -6.968  0.869   -5.386  1.00 13.62 ? 120 LEU A CG   1 
ATOM   589  C CD1  . LEU A 1 40 ? -7.496  0.377   -4.089  1.00 13.50 ? 120 LEU A CD1  1 
ATOM   590  C CD2  . LEU A 1 40 ? -8.120  1.178   -6.315  1.00 16.24 ? 120 LEU A CD2  1 
ATOM   591  H H    . LEU A 1 40 ? -4.268  3.714   -4.820  1.00 14.11 ? 120 LEU A H    1 
ATOM   592  H HA   . LEU A 1 40 ? -5.096  1.517   -3.520  1.00 13.27 ? 120 LEU A HA   1 
ATOM   593  H HB2  . LEU A 1 40 ? -6.629  2.791   -4.797  1.00 15.30 ? 120 LEU A HB2  1 
ATOM   594  H HB3  . LEU A 1 40 ? -5.831  2.399   -6.111  1.00 15.30 ? 120 LEU A HB3  1 
ATOM   595  H HG   . LEU A 1 40 ? -6.442  0.159   -5.786  1.00 16.34 ? 120 LEU A HG   1 
ATOM   596  H HD11 . LEU A 1 40 ? -6.759  0.151   -3.518  1.00 16.20 ? 120 LEU A HD11 1 
ATOM   597  H HD12 . LEU A 1 40 ? -8.024  1.069   -3.685  1.00 16.20 ? 120 LEU A HD12 1 
ATOM   598  H HD13 . LEU A 1 40 ? -8.038  -0.399  -4.247  1.00 16.20 ? 120 LEU A HD13 1 
ATOM   599  H HD21 . LEU A 1 40 ? -7.770  1.441   -7.170  1.00 19.49 ? 120 LEU A HD21 1 
ATOM   600  H HD22 . LEU A 1 40 ? -8.664  0.393   -6.410  1.00 19.49 ? 120 LEU A HD22 1 
ATOM   601  H HD23 . LEU A 1 40 ? -8.639  1.894   -5.940  1.00 19.49 ? 120 LEU A HD23 1 
ATOM   602  N N    . ALA A 1 41 ? -3.661  -0.223  -4.425  1.00 11.45 ? 121 ALA A N    1 
ATOM   603  C CA   . ALA A 1 41 ? -2.689  -1.195  -4.871  1.00 12.06 ? 121 ALA A CA   1 
ATOM   604  C C    . ALA A 1 41 ? -3.297  -2.576  -4.942  1.00 12.20 ? 121 ALA A C    1 
ATOM   605  O O    . ALA A 1 41 ? -4.324  -2.878  -4.328  1.00 12.48 ? 121 ALA A O    1 
ATOM   606  C CB   . ALA A 1 41 ? -1.482  -1.189  -3.918  1.00 13.42 ? 121 ALA A CB   1 
ATOM   607  H H    . ALA A 1 41 ? -4.072  -0.457  -3.707  1.00 13.74 ? 121 ALA A H    1 
ATOM   608  H HA   . ALA A 1 41 ? -2.374  -0.951  -5.767  1.00 14.47 ? 121 ALA A HA   1 
ATOM   609  H HB1  . ALA A 1 41 ? -0.841  -1.836  -4.220  1.00 16.11 ? 121 ALA A HB1  1 
ATOM   610  H HB2  . ALA A 1 41 ? -1.087  -0.313  -3.919  1.00 16.11 ? 121 ALA A HB2  1 
ATOM   611  H HB3  . ALA A 1 41 ? -1.780  -1.412  -3.033  1.00 16.11 ? 121 ALA A HB3  1 
ATOM   612  N N    . HIS A 1 42 ? -2.646  -3.413  -5.732  1.00 12.43 ? 122 HIS A N    1 
ATOM   613  C CA   . HIS A 1 42 ? -3.000  -4.810  -5.854  1.00 13.18 ? 122 HIS A CA   1 
ATOM   614  C C    . HIS A 1 42 ? -1.764  -5.643  -5.545  1.00 12.86 ? 122 HIS A C    1 
ATOM   615  O O    . HIS A 1 42 ? -0.726  -5.457  -6.170  1.00 15.05 ? 122 HIS A O    1 
ATOM   616  C CB   . HIS A 1 42 ? -3.480  -5.087  -7.285  1.00 14.87 ? 122 HIS A CB   1 
ATOM   617  C CG   . HIS A 1 42 ? -3.810  -6.514  -7.517  1.00 17.30 ? 122 HIS A CG   1 
ATOM   618  N ND1  . HIS A 1 42 ? -4.936  -7.100  -6.988  1.00 19.62 ? 122 HIS A ND1  1 
ATOM   619  C CD2  . HIS A 1 42 ? -3.148  -7.488  -8.178  1.00 19.96 ? 122 HIS A CD2  1 
ATOM   620  C CE1  . HIS A 1 42 ? -4.970  -8.372  -7.345  1.00 21.17 ? 122 HIS A CE1  1 
ATOM   621  N NE2  . HIS A 1 42 ? -3.889  -8.635  -8.054  1.00 22.56 ? 122 HIS A NE2  1 
ATOM   622  H H    . HIS A 1 42 ? -1.976  -3.186  -6.221  1.00 14.92 ? 122 HIS A H    1 
ATOM   623  H HA   . HIS A 1 42 ? -3.713  -5.038  -5.221  1.00 15.81 ? 122 HIS A HA   1 
ATOM   624  H HB2  . HIS A 1 42 ? -4.277  -4.563  -7.457  1.00 17.84 ? 122 HIS A HB2  1 
ATOM   625  H HB3  . HIS A 1 42 ? -2.779  -4.837  -7.907  1.00 17.84 ? 122 HIS A HB3  1 
ATOM   626  H HD1  . HIS A 1 42 ? -5.535  -6.698  -6.521  1.00 23.54 ? 122 HIS A HD1  1 
ATOM   627  H HD2  . HIS A 1 42 ? -2.343  -7.397  -8.634  1.00 23.96 ? 122 HIS A HD2  1 
ATOM   628  H HE1  . HIS A 1 42 ? -5.633  -8.983  -7.116  1.00 25.41 ? 122 HIS A HE1  1 
ATOM   629  H HE2  . HIS A 1 42 ? -3.691  -9.399  -8.396  1.00 27.07 ? 122 HIS A HE2  1 
ATOM   630  N N    . SER A 1 43 ? -1.846  -6.550  -4.583  1.00 12.25 ? 123 SER A N    1 
ATOM   631  C CA   . SER A 1 43 ? -0.687  -7.387  -4.274  1.00 11.97 ? 123 SER A CA   1 
ATOM   632  C C    . SER A 1 43 ? -0.543  -8.493  -5.318  1.00 12.28 ? 123 SER A C    1 
ATOM   633  O O    . SER A 1 43 ? -1.451  -9.291  -5.531  1.00 13.32 ? 123 SER A O    1 
ATOM   634  C CB   . SER A 1 43 ? -0.843  -8.023  -2.918  1.00 13.55 ? 123 SER A CB   1 
ATOM   635  O OG   . SER A 1 43 ? 0.257   -8.899  -2.719  1.00 14.22 ? 123 SER A OG   1 
ATOM   636  H H    . SER A 1 43 ? -2.541  -6.701  -4.101  1.00 14.70 ? 123 SER A H    1 
ATOM   637  H HA   . SER A 1 43 ? 0.128   -6.843  -4.276  1.00 14.36 ? 123 SER A HA   1 
ATOM   638  H HB2  . SER A 1 43 ? -0.840  -7.337  -2.234  1.00 16.26 ? 123 SER A HB2  1 
ATOM   639  H HB3  . SER A 1 43 ? -1.670  -8.529  -2.889  1.00 16.26 ? 123 SER A HB3  1 
ATOM   640  H HG   . SER A 1 43 ? 0.197   -9.261  -1.985  1.00 17.06 ? 123 SER A HG   1 
ATOM   641  N N    . LEU A 1 44 ? 0.620   -8.521  -5.961  1.00 12.98 ? 124 LEU A N    1 
ATOM   642  C CA   . LEU A 1 44 ? 0.948   -9.569  -6.888  1.00 14.12 ? 124 LEU A CA   1 
ATOM   643  C C    . LEU A 1 44 ? 1.227   -10.834 -6.137  1.00 14.66 ? 124 LEU A C    1 
ATOM   644  O O    . LEU A 1 44 ? 1.155   -11.932 -6.691  1.00 16.15 ? 124 LEU A O    1 
ATOM   645  C CB   . LEU A 1 44 ? 2.166   -9.163  -7.713  1.00 15.19 ? 124 LEU A CB   1 
ATOM   646  C CG   . LEU A 1 44 ? 1.942   -7.929  -8.579  1.00 17.17 ? 124 LEU A CG   1 
ATOM   647  C CD1  . LEU A 1 44 ? 3.266   -7.432  -9.112  1.00 19.77 ? 124 LEU A CD1  1 
ATOM   648  C CD2  . LEU A 1 44 ? 1.010   -8.259  -9.713  1.00 19.97 ? 124 LEU A CD2  1 
ATOM   649  H H    . LEU A 1 44 ? 1.239   -7.931  -5.867  1.00 15.58 ? 124 LEU A H    1 
ATOM   650  H HA   . LEU A 1 44 ? 0.193   -9.721  -7.494  1.00 16.94 ? 124 LEU A HA   1 
ATOM   651  H HB2  . LEU A 1 44 ? 2.902   -8.973  -7.111  1.00 18.23 ? 124 LEU A HB2  1 
ATOM   652  H HB3  . LEU A 1 44 ? 2.404   -9.898  -8.300  1.00 18.23 ? 124 LEU A HB3  1 
ATOM   653  H HG   . LEU A 1 44 ? 1.541   -7.226  -8.045  1.00 20.60 ? 124 LEU A HG   1 
ATOM   654  H HD11 . LEU A 1 44 ? 3.835   -7.207  -8.372  1.00 23.73 ? 124 LEU A HD11 1 
ATOM   655  H HD12 . LEU A 1 44 ? 3.671   -8.125  -9.638  1.00 23.73 ? 124 LEU A HD12 1 
ATOM   656  H HD13 . LEU A 1 44 ? 3.112   -6.656  -9.655  1.00 23.73 ? 124 LEU A HD13 1 
ATOM   657  H HD21 . LEU A 1 44 ? 1.400   -8.957  -10.245 1.00 23.96 ? 124 LEU A HD21 1 
ATOM   658  H HD22 . LEU A 1 44 ? 0.170   -8.554  -9.352  1.00 23.96 ? 124 LEU A HD22 1 
ATOM   659  H HD23 . LEU A 1 44 ? 0.879   -7.473  -10.248 1.00 23.96 ? 124 LEU A HD23 1 
ATOM   660  N N    . THR A 1 45 ? 1.604   -10.680 -4.873  1.00 16.18 ? 125 THR A N    1 
ATOM   661  C CA   . THR A 1 45 ? 1.932   -11.794 -4.006  1.00 15.64 ? 125 THR A CA   1 
ATOM   662  C C    . THR A 1 45 ? 0.646   -12.494 -3.550  1.00 16.90 ? 125 THR A C    1 
ATOM   663  O O    . THR A 1 45 ? 0.558   -13.709 -3.675  1.00 18.88 ? 125 THR A O    1 
ATOM   664  C CB   . THR A 1 45 ? 2.757   -11.347 -2.794  1.00 15.78 ? 125 THR A CB   1 
ATOM   665  O OG1  . THR A 1 45 ? 3.953   -10.696 -3.229  1.00 17.01 ? 125 THR A OG1  1 
ATOM   666  C CG2  . THR A 1 45 ? 3.095   -12.518 -1.902  1.00 18.16 ? 125 THR A CG2  1 
ATOM   667  H H    . THR A 1 45 ? 1.678   -9.914  -4.489  1.00 19.42 ? 125 THR A H    1 
ATOM   668  H HA   . THR A 1 45 ? 2.465   -12.443 -4.512  1.00 18.77 ? 125 THR A HA   1 
ATOM   669  H HB   . THR A 1 45 ? 2.231   -10.720 -2.273  1.00 18.94 ? 125 THR A HB   1 
ATOM   670  H HG1  . THR A 1 45 ? 3.766   -10.037 -3.680  1.00 20.42 ? 125 THR A HG1  1 
ATOM   671  H HG21 . THR A 1 45 ? 3.606   -13.167 -2.392  1.00 21.79 ? 125 THR A HG21 1 
ATOM   672  H HG22 . THR A 1 45 ? 3.611   -12.218 -1.150  1.00 21.79 ? 125 THR A HG22 1 
ATOM   673  H HG23 . THR A 1 45 ? 2.289   -12.931 -1.583  1.00 21.79 ? 125 THR A HG23 1 
ATOM   674  N N    . THR A 1 46 ? -0.342  -11.741 -3.044  1.00 15.90 ? 126 THR A N    1 
ATOM   675  C CA   . THR A 1 46 ? -1.530  -12.338 -2.401  1.00 16.27 ? 126 THR A CA   1 
ATOM   676  C C    . THR A 1 46 ? -2.825  -12.243 -3.211  1.00 16.04 ? 126 THR A C    1 
ATOM   677  O O    . THR A 1 46 ? -3.805  -12.917 -2.890  1.00 18.48 ? 126 THR A O    1 
ATOM   678  C CB   . THR A 1 46 ? -1.847  -11.675 -1.046  1.00 15.68 ? 126 THR A CB   1 
ATOM   679  O OG1  . THR A 1 46 ? -2.340  -10.365 -1.307  1.00 13.35 ? 126 THR A OG1  1 
ATOM   680  C CG2  . THR A 1 46 ? -0.615  -11.662 -0.149  1.00 15.83 ? 126 THR A CG2  1 
ATOM   681  H H    . THR A 1 46 ? -0.350  -10.881 -3.059  1.00 19.09 ? 126 THR A H    1 
ATOM   682  H HA   . THR A 1 46 ? -1.351  -13.287 -2.235  1.00 19.53 ? 126 THR A HA   1 
ATOM   683  H HB   . THR A 1 46 ? -2.538  -12.189 -0.598  1.00 18.81 ? 126 THR A HB   1 
ATOM   684  H HG1  . THR A 1 46 ? -2.518  -9.987  -0.602  1.00 16.02 ? 126 THR A HG1  1 
ATOM   685  H HG21 . THR A 1 46 ? -0.826  -11.247 0.691   1.00 19.00 ? 126 THR A HG21 1 
ATOM   686  H HG22 . THR A 1 46 ? -0.317  -12.560 0.012   1.00 19.00 ? 126 THR A HG22 1 
ATOM   687  H HG23 . THR A 1 46 ? 0.093   -11.169 -0.572  1.00 19.00 ? 126 THR A HG23 1 
ATOM   688  N N    . GLY A 1 47 ? -2.844  -11.390 -4.232  1.00 14.85 ? 127 GLY A N    1 
ATOM   689  C CA   . GLY A 1 47 ? -4.030  -11.154 -5.025  1.00 14.91 ? 127 GLY A CA   1 
ATOM   690  C C    . GLY A 1 47 ? -5.051  -10.196 -4.436  1.00 15.50 ? 127 GLY A C    1 
ATOM   691  O O    . GLY A 1 47 ? -6.089  -9.976  -5.048  1.00 16.94 ? 127 GLY A O    1 
ATOM   692  H H    . GLY A 1 47 ? -2.163  -10.930 -4.485  1.00 17.81 ? 127 GLY A H    1 
ATOM   693  H HA2  . GLY A 1 47 ? -3.760  -10.802 -5.888  1.00 17.89 ? 127 GLY A HA2  1 
ATOM   694  H HA3  . GLY A 1 47 ? -4.475  -12.002 -5.177  1.00 17.89 ? 127 GLY A HA3  1 
ATOM   695  N N    . ARG A 1 48 ? -4.784  -9.624  -3.275  1.00 14.12 ? 128 ARG A N    1 
ATOM   696  C CA   . ARG A 1 48 ? -5.737  -8.702  -2.654  1.00 13.53 ? 128 ARG A CA   1 
ATOM   697  C C    . ARG A 1 48 ? -5.521  -7.280  -3.132  1.00 12.56 ? 128 ARG A C    1 
ATOM   698  O O    . ARG A 1 48 ? -4.436  -6.932  -3.557  1.00 13.28 ? 128 ARG A O    1 
ATOM   699  C CB   . ARG A 1 48 ? -5.616  -8.771  -1.133  1.00 12.94 ? 128 ARG A CB   1 
ATOM   700  C CG   . ARG A 1 48 ? -5.930  -10.152 -0.587  1.00 14.45 ? 128 ARG A CG   1 
ATOM   701  C CD   . ARG A 1 48 ? -6.162  -10.139 0.919   1.00 15.87 ? 128 ARG A CD   1 
ATOM   702  N NE   . ARG A 1 48 ? -5.085  -9.548  1.703   1.00 15.43 ? 128 ARG A NE   1 
ATOM   703  C CZ   . ARG A 1 48 ? -4.001  -10.203 2.131   1.00 14.62 ? 128 ARG A CZ   1 
ATOM   704  N NH1  . ARG A 1 48 ? -3.824  -11.480 1.821   1.00 16.23 ? 128 ARG A NH1  1 
ATOM   705  N NH2  . ARG A 1 48 ? -3.099  -9.589  2.878   1.00 14.64 ? 128 ARG A NH2  1 
ATOM   706  H H    . ARG A 1 48 ? -4.063  -9.747  -2.823  1.00 16.94 ? 128 ARG A H    1 
ATOM   707  H HA   . ARG A 1 48 ? -6.648  -8.969  -2.899  1.00 16.23 ? 128 ARG A HA   1 
ATOM   708  H HB2  . ARG A 1 48 ? -4.707  -8.547  -0.877  1.00 15.52 ? 128 ARG A HB2  1 
ATOM   709  H HB3  . ARG A 1 48 ? -6.238  -8.142  -0.736  1.00 15.52 ? 128 ARG A HB3  1 
ATOM   710  H HG2  . ARG A 1 48 ? -6.735  -10.485 -1.013  1.00 17.34 ? 128 ARG A HG2  1 
ATOM   711  H HG3  . ARG A 1 48 ? -5.184  -10.744 -0.772  1.00 17.34 ? 128 ARG A HG3  1 
ATOM   712  H HD2  . ARG A 1 48 ? -6.969  -9.633  1.102   1.00 19.05 ? 128 ARG A HD2  1 
ATOM   713  H HD3  . ARG A 1 48 ? -6.276  -11.054 1.222   1.00 19.05 ? 128 ARG A HD3  1 
ATOM   714  H HE   . ARG A 1 48 ? -5.151  -8.714  1.905   1.00 18.52 ? 128 ARG A HE   1 
ATOM   715  H HH11 . ARG A 1 48 ? -4.411  -11.893 1.346   1.00 19.47 ? 128 ARG A HH11 1 
ATOM   716  H HH12 . ARG A 1 48 ? -3.123  -11.895 2.094   1.00 19.47 ? 128 ARG A HH12 1 
ATOM   717  H HH21 . ARG A 1 48 ? -3.199  -8.758  3.078   1.00 17.57 ? 128 ARG A HH21 1 
ATOM   718  H HH22 . ARG A 1 48 ? -2.394  -10.011 3.136   1.00 17.57 ? 128 ARG A HH22 1 
ATOM   719  N N    . THR A 1 49 ? -6.555  -6.456  -3.021  1.00 12.56 ? 129 THR A N    1 
ATOM   720  C CA   . THR A 1 49 ? -6.538  -5.075  -3.492  1.00 12.27 ? 129 THR A CA   1 
ATOM   721  C C    . THR A 1 49 ? -6.986  -4.174  -2.350  1.00 11.39 ? 129 THR A C    1 
ATOM   722  O O    . THR A 1 49 ? -7.883  -4.512  -1.579  1.00 13.66 ? 129 THR A O    1 
ATOM   723  C CB   . THR A 1 49 ? -7.494  -4.908  -4.695  1.00 15.25 ? 129 THR A CB   1 
ATOM   724  O OG1  . THR A 1 49 ? -7.125  -5.844  -5.714  1.00 16.81 ? 129 THR A OG1  1 
ATOM   725  C CG2  . THR A 1 49 ? -7.437  -3.511  -5.267  1.00 18.03 ? 129 THR A CG2  1 
ATOM   726  H H    . THR A 1 49 ? -7.304  -6.682  -2.663  1.00 15.07 ? 129 THR A H    1 
ATOM   727  H HA   . THR A 1 49 ? -5.631  -4.822  -3.765  1.00 14.73 ? 129 THR A HA   1 
ATOM   728  H HB   . THR A 1 49 ? -8.405  -5.086  -4.409  1.00 18.30 ? 129 THR A HB   1 
ATOM   729  H HG1  . THR A 1 49 ? -7.179  -6.609  -5.425  1.00 20.17 ? 129 THR A HG1  1 
ATOM   730  H HG21 . THR A 1 49 ? -6.546  -3.315  -5.566  1.00 21.64 ? 129 THR A HG21 1 
ATOM   731  H HG22 . THR A 1 49 ? -8.040  -3.435  -6.010  1.00 21.64 ? 129 THR A HG22 1 
ATOM   732  H HG23 . THR A 1 49 ? -7.688  -2.871  -4.596  1.00 21.64 ? 129 THR A HG23 1 
ATOM   733  N N    . GLY A 1 50 ? -6.367  -3.006  -2.242  1.00 10.21 ? 130 GLY A N    1 
ATOM   734  C CA   . GLY A 1 50 ? -6.782  -2.026  -1.247  1.00 9.96  ? 130 GLY A CA   1 
ATOM   735  C C    . GLY A 1 50 ? -5.778  -0.905  -1.145  1.00 9.13  ? 130 GLY A C    1 
ATOM   736  O O    . GLY A 1 50 ? -4.754  -0.899  -1.845  1.00 9.68  ? 130 GLY A O    1 
ATOM   737  H H    . GLY A 1 50 ? -5.705  -2.757  -2.731  1.00 12.25 ? 130 GLY A H    1 
ATOM   738  H HA2  . GLY A 1 50 ? -7.643  -1.652  -1.492  1.00 11.95 ? 130 GLY A HA2  1 
ATOM   739  H HA3  . GLY A 1 50 ? -6.863  -2.452  -0.379  1.00 11.95 ? 130 GLY A HA3  1 
ATOM   740  N N    . TYR A 1 51 ? -6.067  0.059   -0.286  1.00 8.93  ? 131 TYR A N    1 
ATOM   741  C CA   . TYR A 1 51 ? -5.208  1.220   -0.125  1.00 8.81  ? 131 TYR A CA   1 
ATOM   742  C C    . TYR A 1 51 ? -4.006  0.916   0.764   1.00 8.20  ? 131 TYR A C    1 
ATOM   743  O O    . TYR A 1 51 ? -4.099  0.221   1.777   1.00 8.58  ? 131 TYR A O    1 
ATOM   744  C CB   . TYR A 1 51 ? -6.018  2.390   0.456   1.00 9.51  ? 131 TYR A CB   1 
ATOM   745  C CG   . TYR A 1 51 ? -6.937  3.010   -0.580  1.00 10.52 ? 131 TYR A CG   1 
ATOM   746  C CD1  . TYR A 1 51 ? -6.476  3.991   -1.438  1.00 12.60 ? 131 TYR A CD1  1 
ATOM   747  C CD2  . TYR A 1 51 ? -8.235  2.574   -0.737  1.00 13.58 ? 131 TYR A CD2  1 
ATOM   748  C CE1  . TYR A 1 51 ? -7.306  4.552   -2.411  1.00 16.81 ? 131 TYR A CE1  1 
ATOM   749  C CE2  . TYR A 1 51 ? -9.071  3.122   -1.699  1.00 16.59 ? 131 TYR A CE2  1 
ATOM   750  C CZ   . TYR A 1 51 ? -8.598  4.108   -2.528  1.00 18.35 ? 131 TYR A CZ   1 
ATOM   751  O OH   . TYR A 1 51 ? -9.429  4.647   -3.479  1.00 23.46 ? 131 TYR A OH   1 
ATOM   752  H H    . TYR A 1 51 ? -6.762  0.065   0.221   1.00 10.72 ? 131 TYR A H    1 
ATOM   753  H HA   . TYR A 1 51 ? -4.872  1.491   -1.005  1.00 10.58 ? 131 TYR A HA   1 
ATOM   754  H HB2  . TYR A 1 51 ? -6.563  2.067   1.190   1.00 11.42 ? 131 TYR A HB2  1 
ATOM   755  H HB3  . TYR A 1 51 ? -5.408  3.076   0.770   1.00 11.42 ? 131 TYR A HB3  1 
ATOM   756  H HD1  . TYR A 1 51 ? -5.601  4.293   -1.356  1.00 15.13 ? 131 TYR A HD1  1 
ATOM   757  H HD2  . TYR A 1 51 ? -8.562  1.908   -0.177  1.00 16.29 ? 131 TYR A HD2  1 
ATOM   758  H HE1  . TYR A 1 51 ? -6.985  5.220   -2.973  1.00 20.17 ? 131 TYR A HE1  1 
ATOM   759  H HE2  . TYR A 1 51 ? -9.947  2.823   -1.781  1.00 19.91 ? 131 TYR A HE2  1 
ATOM   760  H HH   . TYR A 1 51 ? -10.082 4.989   -3.119  1.00 28.15 ? 131 TYR A HH   1 
ATOM   761  N N    . ILE A 1 52 ? -2.890  1.536   0.382   1.00 8.38  ? 132 ILE A N    1 
ATOM   762  C CA   . ILE A 1 52 ? -1.624  1.394   1.082   1.00 8.21  ? 132 ILE A CA   1 
ATOM   763  C C    . ILE A 1 52 ? -0.989  2.741   1.330   1.00 8.13  ? 132 ILE A C    1 
ATOM   764  O O    . ILE A 1 52 ? -1.165  3.677   0.537   1.00 9.13  ? 132 ILE A O    1 
ATOM   765  C CB   . ILE A 1 52 ? -0.622  0.489   0.292   1.00 8.80  ? 132 ILE A CB   1 
ATOM   766  C CG1  . ILE A 1 52 ? -0.175  1.128   -1.017  1.00 10.12 ? 132 ILE A CG1  1 
ATOM   767  C CG2  . ILE A 1 52 ? -1.235  -0.885  0.071   1.00 9.02  ? 132 ILE A CG2  1 
ATOM   768  C CD1  . ILE A 1 52 ? 1.004   0.443   -1.653  1.00 12.89 ? 132 ILE A CD1  1 
ATOM   769  H H    . ILE A 1 52 ? -2.846  2.060   -0.299  1.00 10.06 ? 132 ILE A H    1 
ATOM   770  H HA   . ILE A 1 52 ? -1.788  0.973   1.952   1.00 9.85  ? 132 ILE A HA   1 
ATOM   771  H HB   . ILE A 1 52 ? 0.166   0.372   0.846   1.00 10.56 ? 132 ILE A HB   1 
ATOM   772  H HG12 . ILE A 1 52 ? -0.911  1.096   -1.648  1.00 12.14 ? 132 ILE A HG12 1 
ATOM   773  H HG13 . ILE A 1 52 ? 0.074   2.049   -0.847  1.00 12.14 ? 132 ILE A HG13 1 
ATOM   774  H HG21 . ILE A 1 52 ? -0.612  -1.430  -0.414  1.00 10.82 ? 132 ILE A HG21 1 
ATOM   775  H HG22 . ILE A 1 52 ? -1.426  -1.283  0.923   1.00 10.82 ? 132 ILE A HG22 1 
ATOM   776  H HG23 . ILE A 1 52 ? -2.046  -0.786  -0.434  1.00 10.82 ? 132 ILE A HG23 1 
ATOM   777  H HD11 . ILE A 1 52 ? 1.226   0.900   -2.469  1.00 15.47 ? 132 ILE A HD11 1 
ATOM   778  H HD12 . ILE A 1 52 ? 1.748   0.475   -1.047  1.00 15.47 ? 132 ILE A HD12 1 
ATOM   779  H HD13 . ILE A 1 52 ? 0.772   -0.469  -1.841  1.00 15.47 ? 132 ILE A HD13 1 
ATOM   780  N N    . PRO A 1 53 ? -0.179  2.851   2.381   1.00 7.87  ? 133 PRO A N    1 
ATOM   781  C CA   . PRO A 1 53 ? 0.557   4.099   2.611   1.00 8.18  ? 133 PRO A CA   1 
ATOM   782  C C    . PRO A 1 53 ? 1.779   4.089   1.679   1.00 8.50  ? 133 PRO A C    1 
ATOM   783  O O    . PRO A 1 53 ? 2.610   3.200   1.716   1.00 8.89  ? 133 PRO A O    1 
ATOM   784  C CB   . PRO A 1 53 ? 0.954   4.012   4.084   1.00 8.62  ? 133 PRO A CB   1 
ATOM   785  C CG   . PRO A 1 53 ? 1.016   2.522   4.379   1.00 7.89  ? 133 PRO A CG   1 
ATOM   786  C CD   . PRO A 1 53 ? 0.038   1.863   3.468   1.00 7.72  ? 133 PRO A CD   1 
ATOM   787  H HA   . PRO A 1 53 ? -0.002  4.886   2.447   1.00 9.81  ? 133 PRO A HA   1 
ATOM   788  H HB2  . PRO A 1 53 ? 1.822   4.425   4.216   1.00 10.34 ? 133 PRO A HB2  1 
ATOM   789  H HB3  . PRO A 1 53 ? 0.280   4.443   4.632   1.00 10.34 ? 133 PRO A HB3  1 
ATOM   790  H HG2  . PRO A 1 53 ? 1.913   2.196   4.206   1.00 9.46  ? 133 PRO A HG2  1 
ATOM   791  H HG3  . PRO A 1 53 ? 0.773   2.366   5.305   1.00 9.46  ? 133 PRO A HG3  1 
ATOM   792  H HD2  . PRO A 1 53 ? 0.414   1.044   3.107   1.00 9.27  ? 133 PRO A HD2  1 
ATOM   793  H HD3  . PRO A 1 53 ? -0.794  1.692   3.936   1.00 9.27  ? 133 PRO A HD3  1 
ATOM   794  N N    . SER A 1 54 ? 1.867   5.112   0.835   1.00 9.77  ? 134 SER A N    1 
ATOM   795  C CA   . SER A 1 54 ? 2.881   5.098   -0.220  1.00 11.18 ? 134 SER A CA   1 
ATOM   796  C C    . SER A 1 54 ? 4.314   5.160   0.286   1.00 11.44 ? 134 SER A C    1 
ATOM   797  O O    . SER A 1 54 ? 5.244   4.785   -0.431  1.00 14.57 ? 134 SER A O    1 
ATOM   798  C CB   . SER A 1 54 ? 2.600   6.235   -1.216  1.00 13.80 ? 134 SER A CB   1 
ATOM   799  O OG   . SER A 1 54 ? 2.693   7.508   -0.596  1.00 15.86 ? 134 SER A OG   1 
ATOM   800  H H    . SER A 1 54 ? 1.367   5.810   0.847   1.00 11.72 ? 134 SER A H    1 
ATOM   801  H HA   . SER A 1 54 ? 2.790   4.257   -0.714  1.00 13.41 ? 134 SER A HA   1 
ATOM   802  H HB2  . SER A 1 54 ? 3.249   6.190   -1.935  1.00 16.56 ? 134 SER A HB2  1 
ATOM   803  H HB3  . SER A 1 54 ? 1.705   6.126   -1.573  1.00 16.56 ? 134 SER A HB3  1 
ATOM   804  H HG   . SER A 1 54 ? 2.884   7.420   0.197   1.00 19.04 ? 134 SER A HG   1 
ATOM   805  N N    . ASN A 1 55 ? 4.515   5.612   1.521   1.00 9.96  ? 135 ASN A N    1 
ATOM   806  C CA   . ASN A 1 55 ? 5.838   5.653   2.109   1.00 10.33 ? 135 ASN A CA   1 
ATOM   807  C C    . ASN A 1 55 ? 6.317   4.314   2.676   1.00 9.83  ? 135 ASN A C    1 
ATOM   808  O O    . ASN A 1 55 ? 7.419   4.214   3.190   1.00 11.92 ? 135 ASN A O    1 
ATOM   809  C CB   . ASN A 1 55 ? 5.944   6.778   3.153   1.00 10.37 ? 135 ASN A CB   1 
ATOM   810  C CG   . ASN A 1 55 ? 4.968   6.648   4.289   1.00 9.39  ? 135 ASN A CG   1 
ATOM   811  O OD1  . ASN A 1 55 ? 3.890   6.093   4.181   1.00 10.37 ? 135 ASN A OD1  1 
ATOM   812  N ND2  . ASN A 1 55 ? 5.344   7.201   5.402   1.00 11.88 ? 135 ASN A ND2  1 
ATOM   813  H H    . ASN A 1 55 ? 3.892   5.901   2.038   1.00 11.95 ? 135 ASN A H    1 
ATOM   814  H HA   . ASN A 1 55 ? 6.465   5.885   1.392   1.00 12.40 ? 135 ASN A HA   1 
ATOM   815  H HB2  . ASN A 1 55 ? 6.838   6.772   3.529   1.00 12.44 ? 135 ASN A HB2  1 
ATOM   816  H HB3  . ASN A 1 55 ? 5.777   7.628   2.715   1.00 12.44 ? 135 ASN A HB3  1 
ATOM   817  H HD21 . ASN A 1 55 ? 6.104   7.603   5.447   1.00 14.26 ? 135 ASN A HD21 1 
ATOM   818  H HD22 . ASN A 1 55 ? 4.835   7.166   6.094   1.00 14.26 ? 135 ASN A HD22 1 
ATOM   819  N N    . TYR A 1 56 ? 5.495   3.275   2.553   1.00 8.78  ? 136 TYR A N    1 
ATOM   820  C CA   . TYR A 1 56 ? 5.860   1.946   3.035   1.00 8.46  ? 136 TYR A CA   1 
ATOM   821  C C    . TYR A 1 56 ? 6.393   1.038   1.918   1.00 9.45  ? 136 TYR A C    1 
ATOM   822  O O    . TYR A 1 56 ? 6.718   -0.106  2.188   1.00 10.16 ? 136 TYR A O    1 
ATOM   823  C CB   . TYR A 1 56 ? 4.682   1.255   3.746   1.00 8.21  ? 136 TYR A CB   1 
ATOM   824  C CG   . TYR A 1 56 ? 4.495   1.675   5.189   1.00 8.28  ? 136 TYR A CG   1 
ATOM   825  C CD1  . TYR A 1 56 ? 4.569   3.023   5.579   1.00 9.49  ? 136 TYR A CD1  1 
ATOM   826  C CD2  . TYR A 1 56 ? 4.236   0.767   6.165   1.00 8.37  ? 136 TYR A CD2  1 
ATOM   827  C CE1  . TYR A 1 56 ? 4.427   3.404   6.899   1.00 9.89  ? 136 TYR A CE1  1 
ATOM   828  C CE2  . TYR A 1 56 ? 4.087   1.167   7.538   1.00 8.29  ? 136 TYR A CE2  1 
ATOM   829  C CZ   . TYR A 1 56 ? 4.206   2.471   7.866   1.00 8.56  ? 136 TYR A CZ   1 
ATOM   830  O OH   . TYR A 1 56 ? 4.068   2.796   9.197   1.00 9.40  ? 136 TYR A OH   1 
ATOM   831  H H    . TYR A 1 56 ? 4.715   3.314   2.191   1.00 10.53 ? 136 TYR A H    1 
ATOM   832  H HA   . TYR A 1 56 ? 6.578   2.047   3.694   1.00 10.15 ? 136 TYR A HA   1 
ATOM   833  H HB2  . TYR A 1 56 ? 3.863   1.465   3.268   1.00 9.85  ? 136 TYR A HB2  1 
ATOM   834  H HB3  . TYR A 1 56 ? 4.831   0.297   3.735   1.00 9.85  ? 136 TYR A HB3  1 
ATOM   835  H HD1  . TYR A 1 56 ? 4.750   3.671   4.936   1.00 11.39 ? 136 TYR A HD1  1 
ATOM   836  H HD2  . TYR A 1 56 ? 4.184   -0.135  5.945   1.00 10.04 ? 136 TYR A HD2  1 
ATOM   837  H HE1  . TYR A 1 56 ? 4.504   4.301   7.131   1.00 11.86 ? 136 TYR A HE1  1 
ATOM   838  H HE2  . TYR A 1 56 ? 3.934   0.529   8.198   1.00 9.94  ? 136 TYR A HE2  1 
ATOM   839  H HH   . TYR A 1 56 ? 3.431   3.303   9.296   1.00 11.28 ? 136 TYR A HH   1 
ATOM   840  N N    . VAL A 1 57 ? 6.468   1.543   0.688   1.00 10.51 ? 137 VAL A N    1 
ATOM   841  C CA   . VAL A 1 57 ? 6.880   0.756   -0.462  1.00 11.26 ? 137 VAL A CA   1 
ATOM   842  C C    . VAL A 1 57 ? 7.967   1.498   -1.224  1.00 12.63 ? 137 VAL A C    1 
ATOM   843  O O    . VAL A 1 57 ? 8.104   2.708   -1.110  1.00 14.88 ? 137 VAL A O    1 
ATOM   844  C CB   . VAL A 1 57 ? 5.669   0.447   -1.387  1.00 12.56 ? 137 VAL A CB   1 
ATOM   845  C CG1  . VAL A 1 57 ? 4.636   -0.393  -0.677  1.00 13.50 ? 137 VAL A CG1  1 
ATOM   846  C CG2  . VAL A 1 57 ? 5.030   1.703   -1.964  1.00 14.54 ? 137 VAL A CG2  1 
ATOM   847  H H    . VAL A 1 57 ? 6.281   2.359   0.495   1.00 12.61 ? 137 VAL A H    1 
ATOM   848  H HA   . VAL A 1 57 ? 7.252   -0.097  -0.152  1.00 13.51 ? 137 VAL A HA   1 
ATOM   849  H HB   . VAL A 1 57 ? 5.995   -0.082  -2.146  1.00 15.08 ? 137 VAL A HB   1 
ATOM   850  H HG11 . VAL A 1 57 ? 3.906   -0.564  -1.276  1.00 16.20 ? 137 VAL A HG11 1 
ATOM   851  H HG12 . VAL A 1 57 ? 5.039   -1.222  -0.406  1.00 16.20 ? 137 VAL A HG12 1 
ATOM   852  H HG13 . VAL A 1 57 ? 4.322   0.085   0.095   1.00 16.20 ? 137 VAL A HG13 1 
ATOM   853  H HG21 . VAL A 1 57 ? 4.293   1.450   -2.524  1.00 17.45 ? 137 VAL A HG21 1 
ATOM   854  H HG22 . VAL A 1 57 ? 4.720   2.255   -1.243  1.00 17.45 ? 137 VAL A HG22 1 
ATOM   855  H HG23 . VAL A 1 57 ? 5.686   2.178   -2.482  1.00 17.45 ? 137 VAL A HG23 1 
ATOM   856  N N    . ALA A 1 58 ? 8.735   0.744   -2.007  1.00 13.68 ? 138 ALA A N    1 
ATOM   857  C CA   . ALA A 1 58 ? 9.775   1.270   -2.878  1.00 16.22 ? 138 ALA A CA   1 
ATOM   858  C C    . ALA A 1 58 ? 9.594   0.705   -4.259  1.00 15.21 ? 138 ALA A C    1 
ATOM   859  O O    . ALA A 1 58 ? 9.121   -0.401  -4.437  1.00 13.95 ? 138 ALA A O    1 
ATOM   860  C CB   . ALA A 1 58 ? 11.126  0.890   -2.359  1.00 19.66 ? 138 ALA A CB   1 
ATOM   861  H H    . ALA A 1 58 ? 8.665   -0.113  -2.049  1.00 16.41 ? 138 ALA A H    1 
ATOM   862  H HA   . ALA A 1 58 ? 9.713   2.247   -2.923  1.00 19.47 ? 138 ALA A HA   1 
ATOM   863  H HB1  . ALA A 1 58 ? 11.190  -0.068  -2.328  1.00 23.59 ? 138 ALA A HB1  1 
ATOM   864  H HB2  . ALA A 1 58 ? 11.797  1.245   -2.946  1.00 23.59 ? 138 ALA A HB2  1 
ATOM   865  H HB3  . ALA A 1 58 ? 11.234  1.253   -1.477  1.00 23.59 ? 138 ALA A HB3  1 
ATOM   866  N N    . PRO A 1 59 ? 10.021  1.443   -5.270  1.00 18.83 ? 139 PRO A N    1 
ATOM   867  C CA   . PRO A 1 59 ? 9.884   0.898   -6.621  1.00 20.13 ? 139 PRO A CA   1 
ATOM   868  C C    . PRO A 1 59 ? 10.731  -0.345  -6.855  1.00 19.36 ? 139 PRO A C    1 
ATOM   869  O O    . PRO A 1 59 ? 11.791  -0.506  -6.252  1.00 19.81 ? 139 PRO A O    1 
ATOM   870  C CB   . PRO A 1 59 ? 10.356  2.046   -7.510  1.00 24.57 ? 139 PRO A CB   1 
ATOM   871  C CG   . PRO A 1 59 ? 11.085  2.978   -6.612  1.00 25.45 ? 139 PRO A CG   1 
ATOM   872  C CD   . PRO A 1 59 ? 10.551  2.812   -5.249  1.00 21.72 ? 139 PRO A CD   1 
ATOM   873  H HA   . PRO A 1 59 ? 8.945   0.697   -6.818  1.00 24.15 ? 139 PRO A HA   1 
ATOM   874  H HB2  . PRO A 1 59 ? 10.947  1.702   -8.198  1.00 29.48 ? 139 PRO A HB2  1 
ATOM   875  H HB3  . PRO A 1 59 ? 9.588   2.486   -7.907  1.00 29.48 ? 139 PRO A HB3  1 
ATOM   876  H HG2  . PRO A 1 59 ? 12.031  2.762   -6.628  1.00 30.55 ? 139 PRO A HG2  1 
ATOM   877  H HG3  . PRO A 1 59 ? 10.946  3.889   -6.918  1.00 30.55 ? 139 PRO A HG3  1 
ATOM   878  H HD2  . PRO A 1 59 ? 11.261  2.891   -4.594  1.00 26.07 ? 139 PRO A HD2  1 
ATOM   879  H HD3  . PRO A 1 59 ? 9.838   3.449   -5.084  1.00 26.07 ? 139 PRO A HD3  1 
ATOM   880  N N    . SER A 1 60 ? 10.248  -1.208  -7.740  1.00 21.04 ? 140 SER A N    1 
ATOM   881  C CA   . SER A 1 60 ? 10.995  -2.372  -8.180  1.00 24.04 ? 140 SER A CA   1 
ATOM   882  C C    . SER A 1 60 ? 10.917  -2.538  -9.692  1.00 23.88 ? 140 SER A C    1 
ATOM   883  O O    . SER A 1 60 ? 9.970   -2.080  -10.338 1.00 26.23 ? 140 SER A O    1 
ATOM   884  C CB   . SER A 1 60 ? 10.457  -3.631  -7.504  1.00 28.63 ? 140 SER A CB   1 
ATOM   885  O OG   . SER A 1 60 ? 11.101  -4.783  -8.012  1.00 32.15 ? 140 SER A OG   1 
ATOM   886  H H    . SER A 1 60 ? 9.473   -1.138  -8.106  1.00 25.25 ? 140 SER A H    1 
ATOM   887  H HA   . SER A 1 60 ? 11.937  -2.265  -7.929  1.00 28.85 ? 140 SER A HA   1 
ATOM   888  H HB2  . SER A 1 60 ? 10.620  -3.573  -6.549  1.00 34.35 ? 140 SER A HB2  1 
ATOM   889  H HB3  . SER A 1 60 ? 9.505   -3.699  -7.674  1.00 34.35 ? 140 SER A HB3  1 
ATOM   890  H HG   . SER A 1 60 ? 10.806  -5.454  -7.644  1.00 38.58 ? 140 SER A HG   1 
ATOM   891  N N    . ASP A 1 61 ? 11.935  -3.184  -10.247 1.00 23.34 ? 141 ASP A N    1 
ATOM   892  C CA   . ASP A 1 61 ? 11.891  -3.659  -11.616 1.00 23.48 ? 141 ASP A CA   1 
ATOM   893  C C    . ASP A 1 61 ? 11.249  -5.036  -11.601 1.00 22.17 ? 141 ASP A C    1 
ATOM   894  O O    . ASP A 1 61 ? 11.013  -5.606  -10.541 1.00 23.32 ? 141 ASP A O    1 
ATOM   895  C CB   . ASP A 1 61 ? 13.301  -3.743  -12.204 1.00 29.47 ? 141 ASP A CB   1 
ATOM   896  C CG   . ASP A 1 61 ? 13.623  -2.581  -13.125 1.00 35.54 ? 141 ASP A CG   1 
ATOM   897  O OD1  . ASP A 1 61 ? 12.946  -1.535  -13.038 1.00 37.50 ? 141 ASP A OD1  1 
ATOM   898  O OD2  . ASP A 1 61 ? 14.562  -2.718  -13.935 1.00 38.48 ? 141 ASP A OD2  1 
ATOM   899  H H    . ASP A 1 61 ? 12.673  -3.361  -9.842  1.00 28.01 ? 141 ASP A H    1 
ATOM   900  H HA   . ASP A 1 61 ? 11.349  -3.056  -12.166 1.00 28.17 ? 141 ASP A HA   1 
ATOM   901  H HB2  . ASP A 1 61 ? 13.945  -3.738  -11.478 1.00 35.37 ? 141 ASP A HB2  1 
ATOM   902  H HB3  . ASP A 1 61 ? 13.382  -4.563  -12.715 1.00 35.37 ? 141 ASP A HB3  1 
HETATM 903  C C    . ACE B 2 1  ? 10.278  2.638   12.182  1.00 11.82 ? 0   ACE B C    1 
HETATM 904  O O    . ACE B 2 1  ? 10.810  3.331   11.313  1.00 13.90 ? 0   ACE B O    1 
HETATM 905  C CH3  . ACE B 2 1  ? 10.964  2.359   13.484  1.00 13.53 ? 0   ACE B CH3  1 
ATOM   906  N N    . ALA B 2 2  ? 9.063   2.140   12.007  1.00 10.45 ? 1   ALA B N    1 
ATOM   907  C CA   . ALA B 2 2  ? 8.323   2.384   10.778  1.00 9.83  ? 1   ALA B CA   1 
ATOM   908  C C    . ALA B 2 2  ? 7.934   3.859   10.701  1.00 10.63 ? 1   ALA B C    1 
ATOM   909  O O    . ALA B 2 2  ? 7.724   4.516   11.706  1.00 12.22 ? 1   ALA B O    1 
ATOM   910  C CB   . ALA B 2 2  ? 7.082   1.549   10.743  1.00 11.25 ? 1   ALA B CB   1 
ATOM   911  H H    . ALA B 2 2  ? 8.664   1.612   12.556  1.00 12.53 ? 1   ALA B H    1 
ATOM   912  H HA   . ALA B 2 2  ? 8.878   2.161   10.002  1.00 11.80 ? 1   ALA B HA   1 
ATOM   913  H HB1  . ALA B 2 2  ? 6.610   1.725   9.926   1.00 13.50 ? 1   ALA B HB1  1 
ATOM   914  H HB2  . ALA B 2 2  ? 7.328   0.623   10.786  1.00 13.50 ? 1   ALA B HB2  1 
ATOM   915  H HB3  . ALA B 2 2  ? 6.531   1.777   11.496  1.00 13.50 ? 1   ALA B HB3  1 
ATOM   916  N N    . PRO B 2 3  ? 7.839   4.391   9.492   1.00 11.96 ? 2   PRO B N    1 
ATOM   917  C CA   . PRO B 2 3  ? 7.541   5.820   9.401   1.00 12.43 ? 2   PRO B CA   1 
ATOM   918  C C    . PRO B 2 3  ? 6.089   6.100   9.759   1.00 10.34 ? 2   PRO B C    1 
ATOM   919  O O    . PRO B 2 3  ? 5.211   5.235   9.721   1.00 10.61 ? 2   PRO B O    1 
ATOM   920  C CB   . PRO B 2 3  ? 7.852   6.164   7.960   1.00 16.74 ? 2   PRO B CB   1 
ATOM   921  C CG   . PRO B 2 3  ? 7.836   4.902   7.245   1.00 16.63 ? 2   PRO B CG   1 
ATOM   922  C CD   . PRO B 2 3  ? 8.111   3.786   8.188   1.00 14.51 ? 2   PRO B CD   1 
ATOM   923  H HA   . PRO B 2 3  ? 8.130   6.332   9.994   1.00 14.92 ? 2   PRO B HA   1 
ATOM   924  H HB2  . PRO B 2 3  ? 7.171   6.762   7.614   1.00 20.09 ? 2   PRO B HB2  1 
ATOM   925  H HB3  . PRO B 2 3  ? 8.729   6.576   7.906   1.00 20.09 ? 2   PRO B HB3  1 
ATOM   926  H HG2  . PRO B 2 3  ? 6.962   4.782   6.841   1.00 19.96 ? 2   PRO B HG2  1 
ATOM   927  H HG3  . PRO B 2 3  ? 8.517   4.925   6.555   1.00 19.96 ? 2   PRO B HG3  1 
ATOM   928  H HD2  . PRO B 2 3  ? 7.507   3.045   8.024   1.00 17.41 ? 2   PRO B HD2  1 
ATOM   929  H HD3  . PRO B 2 3  ? 9.040   3.511   8.128   1.00 17.41 ? 2   PRO B HD3  1 
ATOM   930  N N    . PRO B 2 4  ? 5.824   7.332   10.162  1.00 10.46 ? 3   PRO B N    1 
ATOM   931  C CA   . PRO B 2 4  ? 4.442   7.728   10.398  1.00 10.16 ? 3   PRO B CA   1 
ATOM   932  C C    . PRO B 2 4  ? 3.614   7.561   9.136   1.00 8.79  ? 3   PRO B C    1 
ATOM   933  O O    . PRO B 2 4  ? 4.088   7.759   8.030   1.00 10.71 ? 3   PRO B O    1 
ATOM   934  C CB   . PRO B 2 4  ? 4.575   9.213   10.789  1.00 13.15 ? 3   PRO B CB   1 
ATOM   935  C CG   . PRO B 2 4  ? 5.946   9.365   11.275  1.00 15.86 ? 3   PRO B CG   1 
ATOM   936  C CD   . PRO B 2 4  ? 6.763   8.437   10.432  1.00 13.49 ? 3   PRO B CD   1 
ATOM   937  H HA   . PRO B 2 4  ? 4.047   7.217   11.135  1.00 12.19 ? 3   PRO B HA   1 
ATOM   938  H HB2  . PRO B 2 4  ? 4.424   9.770   10.010  1.00 15.77 ? 3   PRO B HB2  1 
ATOM   939  H HB3  . PRO B 2 4  ? 3.938   9.424   11.489  1.00 15.77 ? 3   PRO B HB3  1 
ATOM   940  H HG2  . PRO B 2 4  ? 6.237   10.282  11.156  1.00 19.03 ? 3   PRO B HG2  1 
ATOM   941  H HG3  . PRO B 2 4  ? 5.993   9.108   12.209  1.00 19.03 ? 3   PRO B HG3  1 
ATOM   942  H HD2  . PRO B 2 4  ? 7.023   8.871   9.604   1.00 16.19 ? 3   PRO B HD2  1 
ATOM   943  H HD3  . PRO B 2 4  ? 7.533   8.117   10.925  1.00 16.19 ? 3   PRO B HD3  1 
ATOM   944  N N    . LEU B 2 5  ? 2.346   7.208   9.327   1.00 8.76  ? 4   LEU B N    1 
ATOM   945  C CA   . LEU B 2 5  ? 1.449   7.060   8.206   1.00 8.37  ? 4   LEU B CA   1 
ATOM   946  C C    . LEU B 2 5  ? 1.038   8.433   7.660   1.00 8.70  ? 4   LEU B C    1 
ATOM   947  O O    . LEU B 2 5  ? 0.888   9.379   8.427   1.00 9.99  ? 4   LEU B O    1 
ATOM   948  C CB   . LEU B 2 5  ? 0.216   6.283   8.608   1.00 9.38  ? 4   LEU B CB   1 
ATOM   949  C CG   . LEU B 2 5  ? 0.496   4.832   9.033   1.00 9.44  ? 4   LEU B CG   1 
ATOM   950  C CD1  . LEU B 2 5  ? -0.764  4.207   9.603   1.00 11.48 ? 4   LEU B CD1  1 
ATOM   951  C CD2  . LEU B 2 5  ? 0.977   4.021   7.857   1.00 9.85  ? 4   LEU B CD2  1 
ATOM   952  H H    . LEU B 2 5  ? 1.988   7.051   10.093  1.00 10.52 ? 4   LEU B H    1 
ATOM   953  H HA   . LEU B 2 5  ? 1.903   6.567   7.490   1.00 10.04 ? 4   LEU B HA   1 
ATOM   954  H HB2  . LEU B 2 5  ? -0.204  6.734   9.358   1.00 11.26 ? 4   LEU B HB2  1 
ATOM   955  H HB3  . LEU B 2 5  ? -0.396  6.259   7.857   1.00 11.26 ? 4   LEU B HB3  1 
ATOM   956  H HG   . LEU B 2 5  ? 1.183   4.821   9.717   1.00 11.32 ? 4   LEU B HG   1 
ATOM   957  H HD11 . LEU B 2 5  ? -0.574  3.303   9.863   1.00 13.78 ? 4   LEU B HD11 1 
ATOM   958  H HD12 . LEU B 2 5  ? -1.047  4.715   10.366  1.00 13.78 ? 4   LEU B HD12 1 
ATOM   959  H HD13 . LEU B 2 5  ? -1.450  4.218   8.931   1.00 13.78 ? 4   LEU B HD13 1 
ATOM   960  H HD21 . LEU B 2 5  ? 1.145   3.121   8.147   1.00 11.82 ? 4   LEU B HD21 1 
ATOM   961  H HD22 . LEU B 2 5  ? 0.299   4.025   7.176   1.00 11.82 ? 4   LEU B HD22 1 
ATOM   962  H HD23 . LEU B 2 5  ? 1.786   4.412   7.517   1.00 11.82 ? 4   LEU B HD23 1 
ATOM   963  N N    . PRO B 2 6  ? 0.823   8.535   6.352   1.00 9.33  ? 5   PRO B N    1 
ATOM   964  C CA   . PRO B 2 6  ? 0.351   9.813   5.807   1.00 10.28 ? 5   PRO B CA   1 
ATOM   965  C C    . PRO B 2 6  ? -1.073  10.092  6.251   1.00 10.82 ? 5   PRO B C    1 
ATOM   966  O O    . PRO B 2 6  ? -1.821  9.174   6.578   1.00 10.90 ? 5   PRO B O    1 
ATOM   967  C CB   . PRO B 2 6  ? 0.382   9.600   4.276   1.00 12.35 ? 5   PRO B CB   1 
ATOM   968  C CG   . PRO B 2 6  ? 1.096   8.328   4.049   1.00 14.02 ? 5   PRO B CG   1 
ATOM   969  C CD   . PRO B 2 6  ? 0.970   7.520   5.307   1.00 9.69  ? 5   PRO B CD   1 
ATOM   970  H HA   . PRO B 2 6  ? 0.943   10.552  6.062   1.00 12.34 ? 5   PRO B HA   1 
ATOM   971  H HB2  . PRO B 2 6  ? -0.526  9.544   3.939   1.00 14.82 ? 5   PRO B HB2  1 
ATOM   972  H HB3  . PRO B 2 6  ? 0.856   10.335  3.856   1.00 14.82 ? 5   PRO B HB3  1 
ATOM   973  H HG2  . PRO B 2 6  ? 0.688   7.859   3.304   1.00 16.83 ? 5   PRO B HG2  1 
ATOM   974  H HG3  . PRO B 2 6  ? 2.029   8.513   3.860   1.00 16.83 ? 5   PRO B HG3  1 
ATOM   975  H HD2  . PRO B 2 6  ? 0.180   6.958   5.269   1.00 11.63 ? 5   PRO B HD2  1 
ATOM   976  H HD3  . PRO B 2 6  ? 1.772   6.996   5.455   1.00 11.63 ? 5   PRO B HD3  1 
ATOM   977  N N    . PRO B 2 7  ? -1.473  11.365  6.202   1.00 12.56 ? 6   PRO B N    1 
ATOM   978  C CA   . PRO B 2 7  ? -2.894  11.668  6.397   1.00 14.78 ? 6   PRO B CA   1 
ATOM   979  C C    . PRO B 2 7  ? -3.706  10.938  5.338   1.00 14.48 ? 6   PRO B C    1 
ATOM   980  O O    . PRO B 2 7  ? -3.222  10.695  4.240   1.00 14.76 ? 6   PRO B O    1 
ATOM   981  C CB   . PRO B 2 7  ? -2.972  13.194  6.160   1.00 16.94 ? 6   PRO B CB   1 
ATOM   982  C CG   . PRO B 2 7  ? -1.567  13.680  6.284   1.00 17.06 ? 6   PRO B CG   1 
ATOM   983  C CD   . PRO B 2 7  ? -0.731  12.549  5.758   1.00 14.66 ? 6   PRO B CD   1 
ATOM   984  H HA   . PRO B 2 7  ? -3.198  11.436  7.299   1.00 17.74 ? 6   PRO B HA   1 
ATOM   985  H HB2  . PRO B 2 7  ? -3.319  13.370  5.271   1.00 20.33 ? 6   PRO B HB2  1 
ATOM   986  H HB3  . PRO B 2 7  ? -3.537  13.601  6.836   1.00 20.33 ? 6   PRO B HB3  1 
ATOM   987  H HG2  . PRO B 2 7  ? -1.445  14.477  5.746   1.00 20.48 ? 6   PRO B HG2  1 
ATOM   988  H HG3  . PRO B 2 7  ? -1.361  13.858  7.216   1.00 20.48 ? 6   PRO B HG3  1 
ATOM   989  H HD2  . PRO B 2 7  ? -0.689  12.579  4.789   1.00 17.59 ? 6   PRO B HD2  1 
ATOM   990  H HD3  . PRO B 2 7  ? 0.153   12.565  6.157   1.00 17.59 ? 6   PRO B HD3  1 
ATOM   991  N N    . ARG B 2 8  ? -4.947  10.604  5.651   1.00 15.75 ? 7   ARG B N    1 
ATOM   992  C CA   . ARG B 2 8  ? -5.807  9.989   4.655   1.00 16.08 ? 7   ARG B CA   1 
ATOM   993  C C    . ARG B 2 8  ? -6.053  10.950  3.489   1.00 16.35 ? 7   ARG B C    1 
ATOM   994  O O    . ARG B 2 8  ? -5.935  12.166  3.629   1.00 17.73 ? 7   ARG B O    1 
ATOM   995  C CB   . ARG B 2 8  ? -7.120  9.497   5.281   1.00 17.35 ? 7   ARG B CB   1 
ATOM   996  C CG   . ARG B 2 8  ? -6.927  8.389   6.328   1.00 18.65 ? 7   ARG B CG   1 
ATOM   997  C CD   . ARG B 2 8  ? -6.482  7.070   5.698   1.00 18.30 ? 7   ARG B CD   1 
ATOM   998  N NE   . ARG B 2 8  ? -5.996  6.084   6.643   1.00 19.70 ? 7   ARG B NE   1 
ATOM   999  C CZ   . ARG B 2 8  ? -5.911  4.797   6.338   1.00 18.44 ? 7   ARG B CZ   1 
ATOM   1000 N NH1  . ARG B 2 8  ? -6.353  4.396   5.171   1.00 21.10 ? 7   ARG B NH1  1 
ATOM   1001 N NH2  . ARG B 2 8  ? -5.442  3.934   7.210   1.00 18.12 ? 7   ARG B NH2  1 
ATOM   1002 H H    . ARG B 2 8  ? -5.312  10.723  6.421   1.00 18.90 ? 7   ARG B H    1 
ATOM   1003 H HA   . ARG B 2 8  ? -5.345  9.203   4.293   1.00 19.29 ? 7   ARG B HA   1 
ATOM   1004 H HB2  . ARG B 2 8  ? -7.558  10.243  5.718   1.00 20.82 ? 7   ARG B HB2  1 
ATOM   1005 H HB3  . ARG B 2 8  ? -7.689  9.145   4.579   1.00 20.82 ? 7   ARG B HB3  1 
ATOM   1006 H HG2  . ARG B 2 8  ? -6.247  8.665   6.961   1.00 22.38 ? 7   ARG B HG2  1 
ATOM   1007 H HG3  . ARG B 2 8  ? -7.768  8.235   6.787   1.00 22.38 ? 7   ARG B HG3  1 
ATOM   1008 H HD2  . ARG B 2 8  ? -7.237  6.681   5.230   1.00 21.96 ? 7   ARG B HD2  1 
ATOM   1009 H HD3  . ARG B 2 8  ? -5.766  7.253   5.070   1.00 21.96 ? 7   ARG B HD3  1 
ATOM   1010 H HE   . ARG B 2 8  ? -5.562  6.364   7.330   1.00 23.64 ? 7   ARG B HE   1 
ATOM   1011 H HH11 . ARG B 2 8  ? -6.653  4.969   4.605   1.00 25.32 ? 7   ARG B HH11 1 
ATOM   1012 H HH12 . ARG B 2 8  ? -6.315  3.562   4.960   1.00 25.32 ? 7   ARG B HH12 1 
ATOM   1013 H HH21 . ARG B 2 8  ? -5.171  4.205   7.980   1.00 21.75 ? 7   ARG B HH21 1 
ATOM   1014 H HH22 . ARG B 2 8  ? -5.413  3.097   7.014   1.00 21.75 ? 7   ARG B HH22 1 
ATOM   1015 N N    . ASN B 2 9  ? -6.378  10.384  2.328   1.00 17.37 ? 8   ASN B N    1 
ATOM   1016 C CA   . ASN B 2 9  ? -6.601  11.185  1.138   1.00 18.94 ? 8   ASN B CA   1 
ATOM   1017 C C    . ASN B 2 9  ? -7.748  12.138  1.312   1.00 21.22 ? 8   ASN B C    1 
ATOM   1018 O O    . ASN B 2 9  ? -8.743  11.817  1.963   1.00 22.04 ? 8   ASN B O    1 
ATOM   1019 C CB   . ASN B 2 9  ? -6.875  10.298  -0.073  1.00 20.40 ? 8   ASN B CB   1 
ATOM   1020 C CG   . ASN B 2 9  ? -5.685  9.454   -0.459  1.00 19.42 ? 8   ASN B CG   1 
ATOM   1021 O OD1  . ASN B 2 9  ? -4.551  9.719   -0.064  1.00 18.25 ? 8   ASN B OD1  1 
ATOM   1022 N ND2  . ASN B 2 9  ? -5.942  8.423   -1.252  1.00 21.36 ? 8   ASN B ND2  1 
ATOM   1023 H H    . ASN B 2 9  ? -6.475  9.538   2.207   1.00 20.84 ? 8   ASN B H    1 
ATOM   1024 H HA   . ASN B 2 9  ? -5.795  11.711  0.953   1.00 22.73 ? 8   ASN B HA   1 
ATOM   1025 H HB2  . ASN B 2 9  ? -7.612  9.703   0.132   1.00 24.48 ? 8   ASN B HB2  1 
ATOM   1026 H HB3  . ASN B 2 9  ? -7.103  10.860  -0.830  1.00 24.48 ? 8   ASN B HB3  1 
ATOM   1027 H HD21 . ASN B 2 9  ? -6.747  8.272   -1.513  1.00 25.63 ? 8   ASN B HD21 1 
ATOM   1028 H HD22 . ASN B 2 9  ? -5.303  7.906   -1.505  1.00 25.63 ? 8   ASN B HD22 1 
ATOM   1029 N N    . ARG B 2 10 ? -7.596  13.307  0.696   1.00 23.93 ? 9   ARG B N    1 
ATOM   1030 C CA   . ARG B 2 10 ? -8.633  14.312  0.584   1.00 26.08 ? 9   ARG B CA   1 
ATOM   1031 C C    . ARG B 2 10 ? -9.457  14.012  -0.652  1.00 28.08 ? 9   ARG B C    1 
ATOM   1032 O O    . ARG B 2 10 ? -8.904  13.614  -1.674  1.00 32.65 ? 9   ARG B O    1 
ATOM   1033 C CB   . ARG B 2 10 ? -8.028  15.694  0.316   1.00 30.18 ? 9   ARG B CB   1 
ATOM   1034 C CG   . ARG B 2 10 ? -6.789  16.088  1.103   0.10 30.66 ? 9   ARG B CG   1 
ATOM   1035 C CD   . ARG B 2 10 ? -6.103  17.293  0.432   0.40 32.02 ? 9   ARG B CD   1 
ATOM   1036 N NE   . ARG B 2 10 ? -4.690  17.438  0.801   0.10 33.28 ? 9   ARG B NE   1 
ATOM   1037 C CZ   . ARG B 2 10 ? -3.662  17.144  0.002   1.00 34.09 ? 9   ARG B CZ   1 
ATOM   1038 N NH1  . ARG B 2 10 ? -3.884  16.680  -1.221  1.00 38.24 ? 9   ARG B NH1  1 
ATOM   1039 N NH2  . ARG B 2 10 ? -2.403  17.305  0.422   1.00 27.39 ? 9   ARG B NH2  1 
ATOM   1040 H H    . ARG B 2 10 ? -6.860  13.545  0.319   1.00 28.71 ? 9   ARG B H    1 
ATOM   1041 H HA   . ARG B 2 10 ? -9.203  14.335  1.380   1.00 31.30 ? 9   ARG B HA   1 
ATOM   1042 H HB2  . ARG B 2 10 ? -7.793  15.740  -0.624  1.00 36.22 ? 9   ARG B HB2  1 
ATOM   1043 H HB3  . ARG B 2 10 ? -8.708  16.360  0.507   1.00 36.22 ? 9   ARG B HB3  1 
ATOM   1044 H HG2  . ARG B 2 10 ? -7.042  16.340  2.004   0.10 36.79 ? 9   ARG B HG2  1 
ATOM   1045 H HG3  . ARG B 2 10 ? -6.164  15.346  1.119   0.10 36.79 ? 9   ARG B HG3  1 
ATOM   1046 H HD2  . ARG B 2 10 ? -6.150  17.184  -0.530  0.40 38.42 ? 9   ARG B HD2  1 
ATOM   1047 H HD3  . ARG B 2 10 ? -6.565  18.104  0.696   0.40 38.42 ? 9   ARG B HD3  1 
ATOM   1048 H HE   . ARG B 2 10 ? -4.510  17.733  1.589   0.10 39.93 ? 9   ARG B HE   1 
ATOM   1049 H HH11 . ARG B 2 10 ? -4.690  16.572  -1.500  1.00 45.89 ? 9   ARG B HH11 1 
ATOM   1050 H HH12 . ARG B 2 10 ? -3.222  16.489  -1.736  1.00 45.89 ? 9   ARG B HH12 1 
ATOM   1051 H HH21 . ARG B 2 10 ? -2.249  17.604  1.214   1.00 32.87 ? 9   ARG B HH21 1 
ATOM   1052 H HH22 . ARG B 2 10 ? -1.747  17.112  -0.100  1.00 32.87 ? 9   ARG B HH22 1 
ATOM   1053 N N    . PRO B 2 11 ? -10.775 14.244  -0.592  1.00 29.92 ? 10  PRO B N    1 
ATOM   1054 C CA   . PRO B 2 11 ? -11.553 14.047  -1.818  1.00 29.69 ? 10  PRO B CA   1 
ATOM   1055 C C    . PRO B 2 11 ? -11.141 15.060  -2.879  1.00 33.88 ? 10  PRO B C    1 
ATOM   1056 O O    . PRO B 2 11 ? -11.052 14.743  -4.066  1.00 39.78 ? 10  PRO B O    1 
ATOM   1057 C CB   . PRO B 2 11 ? -12.994 14.288  -1.359  1.00 32.64 ? 10  PRO B CB   1 
ATOM   1058 C CG   . PRO B 2 11 ? -12.877 15.199  -0.200  1.00 33.07 ? 10  PRO B CG   1 
ATOM   1059 C CD   . PRO B 2 11 ? -11.586 14.830  0.491   1.00 32.45 ? 10  PRO B CD   1 
ATOM   1060 O OXT  . PRO B 2 11 ? -10.877 16.224  -2.572  1.00 32.89 ? 10  PRO B OXT  1 
ATOM   1061 H HA   . PRO B 2 11 ? -11.454 13.134  -2.160  1.00 35.63 ? 10  PRO B HA   1 
ATOM   1062 H HB2  . PRO B 2 11 ? -13.500 14.705  -2.074  1.00 39.17 ? 10  PRO B HB2  1 
ATOM   1063 H HB3  . PRO B 2 11 ? -13.399 13.447  -1.097  1.00 39.17 ? 10  PRO B HB3  1 
ATOM   1064 H HG2  . PRO B 2 11 ? -12.847 16.117  -0.511  1.00 39.69 ? 10  PRO B HG2  1 
ATOM   1065 H HG3  . PRO B 2 11 ? -13.632 15.066  0.395   1.00 39.69 ? 10  PRO B HG3  1 
ATOM   1066 H HD2  . PRO B 2 11 ? -11.154 15.623  0.846   1.00 38.94 ? 10  PRO B HD2  1 
ATOM   1067 H HD3  . PRO B 2 11 ? -11.749 14.173  1.185   1.00 38.94 ? 10  PRO B HD3  1 
HETATM 1068 S S    . SO4 C 3 .  ? -6.938  -7.794  6.222   1.00 30.12 ? 201 SO4 A S    1 
HETATM 1069 O O1   . SO4 C 3 .  ? -5.825  -8.693  5.939   1.00 32.17 ? 201 SO4 A O1   1 
HETATM 1070 O O2   . SO4 C 3 .  ? -6.644  -6.541  5.539   1.00 27.98 ? 201 SO4 A O2   1 
HETATM 1071 O O3   . SO4 C 3 .  ? -8.208  -8.345  5.767   1.00 34.66 ? 201 SO4 A O3   1 
HETATM 1072 O O4   . SO4 C 3 .  ? -7.003  -7.511  7.649   1.00 36.38 ? 201 SO4 A O4   1 
HETATM 1073 C C    . ACE D 4 .  ? 7.140   4.943   -2.478  1.00 25.09 ? 202 ACE A C    1 
HETATM 1074 O O    . ACE D 4 .  ? 6.533   5.941   -2.869  1.00 28.94 ? 202 ACE A O    1 
HETATM 1075 C CH3  . ACE D 4 .  ? 8.535   4.648   -2.944  1.00 24.73 ? 202 ACE A CH3  1 
HETATM 1076 C C    . ACE E 4 .  ? -4.822  5.204   10.070  1.00 26.25 ? 101 ACE B C    1 
HETATM 1077 O O    . ACE E 4 .  ? -4.481  5.330   8.894   1.00 31.89 ? 101 ACE B O    1 
HETATM 1078 C CH3  . ACE E 4 .  ? -6.233  5.470   10.510  1.00 31.90 ? 101 ACE B CH3  1 
HETATM 1079 O O    . HOH F 5 .  ? -0.955  11.080  -5.544  1.00 30.00 ? 301 HOH A O    1 
HETATM 1080 O O    . HOH F 5 .  ? 11.701  3.790   4.479   1.00 29.28 ? 302 HOH A O    1 
HETATM 1081 O O    . HOH F 5 .  ? -7.647  -5.809  1.059   1.00 28.78 ? 303 HOH A O    1 
HETATM 1082 O O    . HOH F 5 .  ? 4.445   10.272  3.449   1.00 28.41 ? 304 HOH A O    1 
HETATM 1083 O O    . HOH F 5 .  ? -10.284 -0.796  -1.018  1.00 28.64 ? 305 HOH A O    1 
HETATM 1084 O O    . HOH F 5 .  ? -15.805 1.087   1.442   1.00 28.93 ? 306 HOH A O    1 
HETATM 1085 O O    . HOH F 5 .  ? 2.326   -15.777 -3.621  1.00 25.15 ? 307 HOH A O    1 
HETATM 1086 O O    . HOH F 5 .  ? 11.603  -9.653  3.130   1.00 33.34 ? 308 HOH A O    1 
HETATM 1087 O O    . HOH F 5 .  ? 13.315  -4.948  -5.648  1.00 32.69 ? 309 HOH A O    1 
HETATM 1088 O O    . HOH F 5 .  ? -6.565  6.113   -5.545  1.00 28.21 ? 310 HOH A O    1 
HETATM 1089 O O    . HOH F 5 .  ? -5.701  -11.330 4.981   1.00 31.12 ? 311 HOH A O    1 
HETATM 1090 O O    . HOH F 5 .  ? 8.444   -6.233  8.600   1.00 11.87 ? 312 HOH A O    1 
HETATM 1091 O O    . HOH F 5 .  ? 7.529   10.158  3.000   1.00 26.34 ? 313 HOH A O    1 
HETATM 1092 O O    . HOH F 5 .  ? 12.247  -7.748  1.545   1.00 34.49 ? 314 HOH A O    1 
HETATM 1093 O O    . HOH F 5 .  ? 13.536  -4.224  -0.572  1.00 31.86 ? 315 HOH A O    1 
HETATM 1094 O O    . HOH F 5 .  ? 6.229   -12.119 -3.264  1.00 29.29 ? 316 HOH A O    1 
HETATM 1095 O O    . HOH F 5 .  ? 10.768  -9.633  -1.892  1.00 28.40 ? 317 HOH A O    1 
HETATM 1096 O O    . HOH F 5 .  ? -8.872  -5.767  8.340   1.00 35.01 ? 318 HOH A O    1 
HETATM 1097 O O    . HOH F 5 .  ? -7.117  -2.257  12.348  1.00 30.95 ? 319 HOH A O    1 
HETATM 1098 O O    . HOH F 5 .  ? 11.680  -5.133  1.342   1.00 22.24 ? 320 HOH A O    1 
HETATM 1099 O O    . HOH F 5 .  ? 7.215   -4.032  9.661   1.00 9.41  ? 321 HOH A O    1 
HETATM 1100 O O    . HOH F 5 .  ? -1.402  -8.442  0.400   1.00 14.12 ? 322 HOH A O    1 
HETATM 1101 O O    . HOH F 5 .  ? -5.812  -6.993  2.881   1.00 14.81 ? 323 HOH A O    1 
HETATM 1102 O O    . HOH F 5 .  ? -0.303  -10.348 3.285   1.00 15.81 ? 324 HOH A O    1 
HETATM 1103 O O    . HOH F 5 .  ? -18.755 0.703   3.378   1.00 20.68 ? 325 HOH A O    1 
HETATM 1104 O O    . HOH F 5 .  ? 0.331   2.980   14.424  1.00 23.65 ? 326 HOH A O    1 
HETATM 1105 O O    . HOH F 5 .  ? 8.168   8.387   5.362   1.00 23.29 ? 327 HOH A O    1 
HETATM 1106 O O    . HOH F 5 .  ? 2.506   -12.256 2.063   1.00 24.08 ? 328 HOH A O    1 
HETATM 1107 O O    . HOH F 5 .  ? -8.613  -4.487  5.011   1.00 25.50 ? 329 HOH A O    1 
HETATM 1108 O O    . HOH F 5 .  ? -4.360  7.496   -4.686  1.00 26.07 ? 330 HOH A O    1 
HETATM 1109 O O    . HOH F 5 .  ? -5.407  13.709  -0.861  1.00 26.57 ? 331 HOH A O    1 
HETATM 1110 O O    . HOH F 5 .  ? -5.594  -5.118  10.946  1.00 25.77 ? 332 HOH A O    1 
HETATM 1111 O O    . HOH F 5 .  ? -4.360  -6.664  8.814   1.00 28.39 ? 333 HOH A O    1 
HETATM 1112 O O    . HOH F 5 .  ? 4.810   1.696   -12.016 1.00 39.63 ? 334 HOH A O    1 
HETATM 1113 O O    . HOH F 5 .  ? -10.232 -4.210  6.937   1.00 31.89 ? 335 HOH A O    1 
HETATM 1114 O O    . HOH F 5 .  ? 4.614   -0.665  -10.520 1.00 28.42 ? 336 HOH A O    1 
HETATM 1115 O O    . HOH F 5 .  ? 9.915   -11.143 -4.735  1.00 31.39 ? 337 HOH A O    1 
HETATM 1116 O O    . HOH F 5 .  ? 13.548  -2.141  -4.920  1.00 30.15 ? 338 HOH A O    1 
HETATM 1117 O O    . HOH F 5 .  ? -11.509 2.851   -4.422  1.00 36.18 ? 339 HOH A O    1 
HETATM 1118 O O    . HOH F 5 .  ? -11.568 0.065   -4.116  1.00 42.42 ? 340 HOH A O    1 
HETATM 1119 O O    . HOH F 5 .  ? 2.519   -18.037 -5.075  1.00 29.53 ? 341 HOH A O    1 
HETATM 1120 O O    . HOH F 5 .  ? 2.096   6.486   -8.060  1.00 36.98 ? 342 HOH A O    1 
HETATM 1121 O O    . HOH F 5 .  ? -7.988  0.697   12.732  1.00 27.78 ? 343 HOH A O    1 
HETATM 1122 O O    . HOH F 5 .  ? 9.965   5.083   2.615   1.00 34.32 ? 344 HOH A O    1 
HETATM 1123 O O    . HOH F 5 .  ? 8.561   -12.951 -3.689  1.00 41.28 ? 345 HOH A O    1 
HETATM 1124 O O    . HOH F 5 .  ? 3.628   -18.613 -2.717  1.00 45.82 ? 346 HOH A O    1 
HETATM 1125 O O    . HOH F 5 .  ? -7.543  -11.338 -6.944  1.00 30.68 ? 347 HOH A O    1 
HETATM 1126 O O    . HOH F 5 .  ? -9.837  -3.523  1.498   1.00 38.89 ? 348 HOH A O    1 
HETATM 1127 O O    . HOH F 5 .  ? 9.894   4.459   0.226   1.00 38.06 ? 349 HOH A O    1 
HETATM 1128 O O    . HOH F 5 .  ? 8.732   9.763   7.262   1.00 41.22 ? 350 HOH A O    1 
HETATM 1129 O O    . HOH F 5 .  ? 0.221   0.055   -12.896 1.00 44.74 ? 351 HOH A O    1 
HETATM 1130 O O    . HOH F 5 .  ? 9.688   12.010  2.293   1.00 46.04 ? 352 HOH A O    1 
HETATM 1131 O O    . HOH F 5 .  ? 8.555   -3.852  -11.999 1.00 44.59 ? 353 HOH A O    1 
HETATM 1132 O O    . HOH F 5 .  ? -14.855 2.978   4.304   1.00 14.51 ? 354 HOH A O    1 
HETATM 1133 O O    . HOH F 5 .  ? 5.834   2.085   -14.357 1.00 37.35 ? 355 HOH A O    1 
HETATM 1134 O O    . HOH F 5 .  ? 5.046   -13.051 1.558   1.00 36.14 ? 356 HOH A O    1 
HETATM 1135 O O    . HOH F 5 .  ? 3.077   9.547   -2.529  1.00 38.53 ? 357 HOH A O    1 
HETATM 1136 O O    . HOH F 5 .  ? 5.420   -14.853 -0.733  1.00 36.10 ? 358 HOH A O    1 
HETATM 1137 O O    . HOH F 5 .  ? 14.261  0.212   -14.988 1.00 43.21 ? 359 HOH A O    1 
HETATM 1138 O O    . HOH F 5 .  ? 8.246   -5.669  -14.171 1.00 37.84 ? 360 HOH A O    1 
HETATM 1139 O O    . HOH F 5 .  ? -1.580  13.612  -5.341  1.00 37.71 ? 361 HOH A O    1 
HETATM 1140 O O    . HOH F 5 .  ? 1.728   7.510   -11.896 1.00 42.33 ? 362 HOH A O    1 
HETATM 1141 O O    . HOH F 5 .  ? 0.108   -9.415  6.019   1.00 24.65 ? 363 HOH A O    1 
HETATM 1142 O O    . HOH F 5 .  ? -4.923  -13.368 -0.083  1.00 28.91 ? 364 HOH A O    1 
HETATM 1143 O O    . HOH F 5 .  ? -0.070  -11.935 -9.332  1.00 30.39 ? 365 HOH A O    1 
HETATM 1144 O O    . HOH F 5 .  ? 7.954   8.170   0.628   1.00 36.85 ? 366 HOH A O    1 
HETATM 1145 O O    . HOH F 5 .  ? 15.164  -6.210  -6.757  1.00 34.02 ? 367 HOH A O    1 
HETATM 1146 O O    . HOH F 5 .  ? -4.276  -8.517  13.047  1.00 42.06 ? 368 HOH A O    1 
HETATM 1147 O O    . HOH F 5 .  ? -11.800 -5.222  4.135   1.00 44.45 ? 369 HOH A O    1 
HETATM 1148 O O    . HOH F 5 .  ? 8.423   1.258   -9.824  1.00 40.16 ? 370 HOH A O    1 
HETATM 1149 O O    . HOH F 5 .  ? 11.981  -11.791 -0.133  1.00 41.77 ? 371 HOH A O    1 
HETATM 1150 O O    . HOH F 5 .  ? -16.132 5.090   2.945   1.00 24.64 ? 372 HOH A O    1 
HETATM 1151 O O    . HOH F 5 .  ? 9.470   1.876   -11.707 1.00 41.70 ? 373 HOH A O    1 
HETATM 1152 O O    . HOH F 5 .  ? 8.476   13.792  1.542   1.00 48.09 ? 374 HOH A O    1 
HETATM 1153 O O    . HOH F 5 .  ? 4.748   6.826   -9.134  0.50 43.83 ? 375 HOH A O    1 
HETATM 1154 O O    . HOH G 5 .  ? -3.824  7.905   8.212   1.00 19.89 ? 201 HOH B O    1 
HETATM 1155 O O    . HOH G 5 .  ? -9.720  9.321   3.081   1.00 27.56 ? 202 HOH B O    1 
HETATM 1156 O O    . HOH G 5 .  ? 5.765   9.809   7.328   1.00 27.36 ? 203 HOH B O    1 
HETATM 1157 O O    . HOH G 5 .  ? -7.539  7.727   2.334   1.00 24.85 ? 204 HOH B O    1 
HETATM 1158 O O    . HOH G 5 .  ? -3.058  11.479  1.621   1.00 24.49 ? 205 HOH B O    1 
HETATM 1159 O O    . HOH G 5 .  ? -5.932  11.113  8.303   1.00 34.95 ? 206 HOH B O    1 
HETATM 1160 O O    . HOH G 5 .  ? -10.323 10.644  5.632   1.00 31.16 ? 207 HOH B O    1 
HETATM 1161 O O    . HOH G 5 .  ? 12.434  2.667   9.246   1.00 31.28 ? 208 HOH B O    1 
HETATM 1162 O O    . HOH G 5 .  ? 11.262  5.173   9.352   1.00 35.56 ? 209 HOH B O    1 
HETATM 1163 O O    . HOH G 5 .  ? 12.691  5.214   12.534  1.00 42.48 ? 210 HOH B O    1 
HETATM 1164 O O    . HOH G 5 .  ? -6.302  13.865  5.971   1.00 44.39 ? 211 HOH B O    1 
HETATM 1165 O O    . HOH G 5 .  ? 7.277   6.798   13.194  1.00 29.45 ? 212 HOH B O    1 
HETATM 1166 O O    . HOH G 5 .  ? 4.808   7.196   13.982  1.00 41.08 ? 213 HOH B O    1 
HETATM 1167 O O    . HOH G 5 .  ? -4.650  14.670  2.991   1.00 34.32 ? 214 HOH B O    1 
# 
loop_
_atom_site_anisotrop.id 
_atom_site_anisotrop.type_symbol 
_atom_site_anisotrop.pdbx_label_atom_id 
_atom_site_anisotrop.pdbx_label_alt_id 
_atom_site_anisotrop.pdbx_label_comp_id 
_atom_site_anisotrop.pdbx_label_asym_id 
_atom_site_anisotrop.pdbx_label_seq_id 
_atom_site_anisotrop.pdbx_PDB_ins_code 
_atom_site_anisotrop.U[1][1] 
_atom_site_anisotrop.U[2][2] 
_atom_site_anisotrop.U[3][3] 
_atom_site_anisotrop.U[1][2] 
_atom_site_anisotrop.U[1][3] 
_atom_site_anisotrop.U[2][3] 
_atom_site_anisotrop.pdbx_auth_seq_id 
_atom_site_anisotrop.pdbx_auth_comp_id 
_atom_site_anisotrop.pdbx_auth_asym_id 
_atom_site_anisotrop.pdbx_auth_atom_id 
1    N N   . THR A 5  ? 0.3737 0.4477 0.1575 -0.0391 0.0821  -0.0492 85  THR A N   
2    C CA  . THR A 5  ? 0.3745 0.3477 0.1466 -0.0483 0.0287  -0.0500 85  THR A CA  
3    C C   . THR A 5  ? 0.3587 0.2938 0.1143 -0.0529 0.0288  -0.0150 85  THR A C   
4    O O   . THR A 5  ? 0.3230 0.3499 0.1234 -0.0767 0.0608  -0.0049 85  THR A O   
5    C CB  . THR A 5  ? 0.3772 0.4319 0.2096 -0.0325 0.0407  -0.0817 85  THR A CB  
6    O OG1 . THR A 5  ? 0.4672 0.4443 0.2282 0.0166  0.0482  -0.0595 85  THR A OG1 
7    C CG2 . THR A 5  ? 0.4743 0.4175 0.2232 -0.0317 0.0108  -0.1044 85  THR A CG2 
14   N N   . PHE A 6  ? 0.2509 0.2803 0.0931 -0.0289 0.0273  0.0081  86  PHE A N   
15   C CA  . PHE A 6  ? 0.1943 0.2598 0.1034 0.0106  0.0378  0.0192  86  PHE A CA  
16   C C   . PHE A 6  ? 0.1724 0.2369 0.1180 0.0082  0.0373  0.0002  86  PHE A C   
17   O O   . PHE A 6  ? 0.1986 0.2452 0.1486 0.0055  0.0105  0.0079  86  PHE A O   
18   C CB  . PHE A 6  ? 0.2089 0.2370 0.1168 0.0255  0.0377  0.0277  86  PHE A CB  
19   C CG  . PHE A 6  ? 0.2017 0.2665 0.1306 0.0189  0.0432  0.0467  86  PHE A CG  
20   C CD1 . PHE A 6  ? 0.2634 0.2955 0.1388 0.0198  0.0224  0.0502  86  PHE A CD1 
21   C CD2 . PHE A 6  ? 0.2477 0.2507 0.1585 0.0298  0.0282  0.0369  86  PHE A CD2 
22   C CE1 . PHE A 6  ? 0.3261 0.3080 0.1600 0.0389  0.0398  0.0681  86  PHE A CE1 
23   C CE2 . PHE A 6  ? 0.3221 0.2632 0.1894 0.0364  0.0446  0.0427  86  PHE A CE2 
24   C CZ  . PHE A 6  ? 0.3555 0.2717 0.1827 0.0088  0.0542  0.0613  86  PHE A CZ  
34   N N   . VAL A 7  ? 0.1710 0.2205 0.0918 0.0087  0.0349  -0.0072 87  VAL A N   
35   C CA  . VAL A 7  ? 0.1486 0.2088 0.0942 0.0231  0.0438  -0.0185 87  VAL A CA  
36   C C   . VAL A 7  ? 0.1335 0.1789 0.0918 0.0154  0.0259  -0.0024 87  VAL A C   
37   O O   . VAL A 7  ? 0.1542 0.1887 0.0924 0.0140  0.0435  -0.0039 87  VAL A O   
38   C CB  . VAL A 7  ? 0.1684 0.2132 0.1228 0.0384  0.0509  -0.0264 87  VAL A CB  
39   C CG1 . VAL A 7  ? 0.1849 0.2903 0.1536 0.0300  0.0436  -0.0264 87  VAL A CG1 
40   C CG2 . VAL A 7  ? 0.1655 0.2328 0.1488 0.0483  0.0507  -0.0182 87  VAL A CG2 
50   N N   . ALA A 8  ? 0.1179 0.1575 0.0894 0.0200  0.0198  -0.0157 88  ALA A N   
51   C CA  . ALA A 8  ? 0.1126 0.1530 0.0797 0.0190  0.0165  -0.0105 88  ALA A CA  
52   C C   . ALA A 8  ? 0.1128 0.1486 0.0838 0.0143  0.0250  -0.0144 88  ALA A C   
53   O O   . ALA A 8  ? 0.1152 0.1604 0.1090 0.0330  0.0194  -0.0167 88  ALA A O   
54   C CB  . ALA A 8  ? 0.1095 0.1640 0.0827 0.0201  0.0150  -0.0180 88  ALA A CB  
60   N N   . LEU A 9  ? 0.1070 0.1488 0.0861 0.0141  0.0250  -0.0011 89  LEU A N   
61   C CA  . LEU A 9  ? 0.0960 0.1666 0.0975 0.0113  0.0167  -0.0039 89  LEU A CA  
62   C C   . LEU A 9  ? 0.0863 0.1299 0.0986 0.0121  0.0145  -0.0010 89  LEU A C   
63   O O   . LEU A 9  ? 0.0913 0.1562 0.1089 0.0098  0.0114  0.0007  89  LEU A O   
64   C CB  . LEU A 9  ? 0.1303 0.1754 0.1072 -0.0146 0.0053  0.0175  89  LEU A CB  
65   C CG  . LEU A 9  ? 0.1718 0.2223 0.1309 -0.0401 0.0299  0.0286  89  LEU A CG  
66   C CD1 . LEU A 9  ? 0.3072 0.2249 0.1501 -0.0627 0.0342  0.0415  89  LEU A CD1 
67   C CD2 . LEU A 9  ? 0.2085 0.3293 0.1609 -0.0209 0.0610  0.0364  89  LEU A CD2 
79   N N   . TYR A 10 ? 0.0923 0.1236 0.0799 0.0156  0.0066  -0.0027 90  TYR A N   
80   C CA  . TYR A 10 ? 0.0906 0.1189 0.0803 0.0196  0.0096  -0.0010 90  TYR A CA  
81   C C   . TYR A 10 ? 0.0913 0.1148 0.0707 0.0236  0.0032  -0.0027 90  TYR A C   
82   O O   . TYR A 10 ? 0.0969 0.1538 0.0713 0.0090  0.0014  0.0087  90  TYR A O   
83   C CB  . TYR A 10 ? 0.1239 0.1171 0.0939 0.0238  0.0214  0.0025  90  TYR A CB  
84   C CG  . TYR A 10 ? 0.1116 0.1063 0.0935 0.0235  0.0125  0.0031  90  TYR A CG  
85   C CD1 . TYR A 10 ? 0.1491 0.1191 0.1167 0.0325  -0.0056 -0.0049 90  TYR A CD1 
86   C CD2 . TYR A 10 ? 0.1444 0.1222 0.1073 0.0057  0.0117  0.0122  90  TYR A CD2 
87   C CE1 . TYR A 10 ? 0.1507 0.1389 0.1679 0.0199  -0.0200 -0.0323 90  TYR A CE1 
88   C CE2 . TYR A 10 ? 0.1939 0.1332 0.1384 -0.0053 0.0310  0.0141  90  TYR A CE2 
89   C CZ  . TYR A 10 ? 0.1627 0.1338 0.1905 -0.0243 0.0318  -0.0195 90  TYR A CZ  
90   O OH  . TYR A 10 ? 0.2024 0.1885 0.2574 -0.0380 0.0405  -0.0497 90  TYR A OH  
100  N N   . ASP A 11 ? 0.0825 0.1007 0.0710 0.0183  -0.0019 0.0000  91  ASP A N   
101  C CA  . ASP A 11 ? 0.0893 0.0965 0.0689 0.0172  0.0000  -0.0080 91  ASP A CA  
102  C C   . ASP A 11 ? 0.0880 0.0894 0.0627 0.0195  0.0018  -0.0082 91  ASP A C   
103  O O   . ASP A 11 ? 0.0897 0.1014 0.0790 0.0205  -0.0014 -0.0121 91  ASP A O   
104  C CB  . ASP A 11 ? 0.0910 0.0941 0.0702 0.0123  0.0065  -0.0072 91  ASP A CB  
105  C CG  . ASP A 11 ? 0.0977 0.1025 0.0720 0.0179  0.0046  -0.0052 91  ASP A CG  
106  O OD1 . ASP A 11 ? 0.1265 0.1106 0.0856 0.0408  0.0241  0.0110  91  ASP A OD1 
107  O OD2 . ASP A 11 ? 0.1574 0.0995 0.0835 0.0290  0.0346  0.0060  91  ASP A OD2 
112  N N   . TYR A 12 ? 0.0870 0.0940 0.0748 0.0195  -0.0023 -0.0220 92  TYR A N   
113  C CA  . TYR A 12 ? 0.0889 0.0888 0.0707 0.0156  0.0020  -0.0144 92  TYR A CA  
114  C C   . TYR A 12 ? 0.0943 0.0816 0.0736 0.0229  -0.0015 -0.0112 92  TYR A C   
115  O O   . TYR A 12 ? 0.0933 0.1026 0.0898 0.0183  0.0032  -0.0215 92  TYR A O   
116  C CB  . TYR A 12 ? 0.0981 0.1046 0.0678 0.0130  0.0049  -0.0102 92  TYR A CB  
117  C CG  . TYR A 12 ? 0.0977 0.0915 0.0698 0.0158  0.0007  0.0008  92  TYR A CG  
118  C CD1 . TYR A 12 ? 0.1166 0.0893 0.0755 0.0138  -0.0036 0.0038  92  TYR A CD1 
119  C CD2 . TYR A 12 ? 0.0966 0.0919 0.0910 0.0142  0.0009  -0.0039 92  TYR A CD2 
120  C CE1 . TYR A 12 ? 0.1367 0.0891 0.0808 0.0257  -0.0014 0.0034  92  TYR A CE1 
121  C CE2 . TYR A 12 ? 0.0972 0.0967 0.1043 0.0147  0.0035  -0.0006 92  TYR A CE2 
122  C CZ  . TYR A 12 ? 0.1334 0.0822 0.0930 0.0352  0.0249  0.0086  92  TYR A CZ  
123  O OH  . TYR A 12 ? 0.1470 0.1062 0.1258 0.0473  0.0229  0.0073  92  TYR A OH  
133  N N   . GLU A 13 ? 0.1021 0.0895 0.0745 0.0201  0.0026  -0.0124 93  GLU A N   
134  C CA  . GLU A 13 ? 0.1005 0.0868 0.1024 0.0151  0.0195  0.0031  93  GLU A CA  
135  C C   . GLU A 13 ? 0.0893 0.0794 0.1072 0.0138  0.0202  -0.0106 93  GLU A C   
136  O O   . GLU A 13 ? 0.0964 0.0952 0.1240 0.0205  0.0082  -0.0148 93  GLU A O   
137  C CB  . GLU A 13 ? 0.1296 0.1632 0.1093 0.0134  0.0323  0.0197  93  GLU A CB  
138  C CG  . GLU A 13 ? 0.2008 0.2126 0.1575 0.0295  0.0020  0.0325  93  GLU A CG  
139  C CD  . GLU A 13 ? 0.2741 0.2193 0.1915 0.0519  -0.0007 0.0197  93  GLU A CD  
140  O OE1 . GLU A 13 ? 0.3978 0.2706 0.1955 0.1380  0.0337  -0.0540 93  GLU A OE1 
141  O OE2 . GLU A 13 ? 0.4481 0.2196 0.2170 0.0080  0.0060  0.0258  93  GLU A OE2 
148  N N   . SER A 14 ? 0.0873 0.1008 0.1373 0.0230  0.0076  -0.0298 94  SER A N   
149  C CA  A SER A 14 ? 0.0858 0.1444 0.1499 0.0398  -0.0088 -0.0477 94  SER A CA  
150  C CA  B SER A 14 ? 0.1080 0.1042 0.1405 -0.0109 0.0124  -0.0175 94  SER A CA  
151  C C   . SER A 14 ? 0.0939 0.1351 0.1426 0.0255  0.0065  -0.0292 94  SER A C   
152  O O   . SER A 14 ? 0.1246 0.1377 0.1660 0.0053  0.0463  -0.0290 94  SER A O   
153  C CB  A SER A 14 ? 0.0843 0.1831 0.1763 0.0401  -0.0066 -0.0704 94  SER A CB  
154  C CB  B SER A 14 ? 0.1326 0.1439 0.1513 0.0054  0.0099  -0.0148 94  SER A CB  
155  O OG  A SER A 14 ? 0.1245 0.1970 0.1856 0.0361  -0.0167 -0.0850 94  SER A OG  
156  O OG  B SER A 14 ? 0.1032 0.1742 0.1657 0.0218  -0.0014 -0.0390 94  SER A OG  
165  N N   . ARG A 15 ? 0.1083 0.1327 0.1287 0.0554  0.0015  -0.0242 95  ARG A N   
166  C CA  . ARG A 15 ? 0.1188 0.1469 0.1412 0.0559  -0.0031 -0.0430 95  ARG A CA  
167  C C   . ARG A 15 ? 0.1157 0.1302 0.1473 0.0417  0.0044  -0.0236 95  ARG A C   
168  O O   . ARG A 15 ? 0.1221 0.1553 0.1645 0.0468  0.0226  -0.0438 95  ARG A O   
169  C CB  . ARG A 15 ? 0.1036 0.1647 0.1646 0.0457  0.0023  -0.0548 95  ARG A CB  
170  C CG  . ARG A 15 ? 0.1414 0.1107 0.1442 0.0279  0.0372  -0.0003 95  ARG A CG  
171  C CD  . ARG A 15 ? 0.1625 0.1054 0.1525 0.0382  0.0180  -0.0155 95  ARG A CD  
172  N NE  . ARG A 15 ? 0.1301 0.1012 0.1235 0.0320  -0.0208 -0.0215 95  ARG A NE  
173  C CZ  . ARG A 15 ? 0.1206 0.0815 0.1041 0.0158  -0.0015 -0.0057 95  ARG A CZ  
174  N NH1 . ARG A 15 ? 0.1170 0.0972 0.1133 0.0263  -0.0134 -0.0219 95  ARG A NH1 
175  N NH2 . ARG A 15 ? 0.1443 0.1024 0.1157 0.0355  -0.0252 -0.0254 95  ARG A NH2 
189  N N   . THR A 16 ? 0.1072 0.1524 0.1471 0.0558  0.0171  -0.0160 96  THR A N   
190  C CA  . THR A 16 ? 0.0991 0.1368 0.1628 0.0463  0.0168  -0.0128 96  THR A CA  
191  C C   . THR A 16 ? 0.1129 0.1420 0.1440 0.0506  0.0255  0.0045  96  THR A C   
192  O O   . THR A 16 ? 0.1308 0.1584 0.1493 0.0611  0.0109  -0.0150 96  THR A O   
193  C CB  . THR A 16 ? 0.0970 0.1497 0.2074 0.0433  0.0206  0.0005  96  THR A CB  
194  O OG1 . THR A 16 ? 0.1112 0.1893 0.2158 0.0377  0.0168  0.0345  96  THR A OG1 
195  C CG2 . THR A 16 ? 0.1339 0.1572 0.2253 0.0420  0.0103  0.0055  96  THR A CG2 
203  N N   . GLU A 17 ? 0.1059 0.1488 0.1481 0.0307  0.0149  -0.0140 97  GLU A N   
204  C CA  . GLU A 17 ? 0.1209 0.1697 0.1635 0.0267  0.0193  -0.0105 97  GLU A CA  
205  C C   . GLU A 17 ? 0.1156 0.2257 0.1623 0.0457  0.0171  -0.0126 97  GLU A C   
206  O O   . GLU A 17 ? 0.1796 0.2626 0.1828 0.0335  0.0232  -0.0633 97  GLU A O   
207  C CB  . GLU A 17 ? 0.1348 0.1902 0.1921 0.0141  0.0216  -0.0187 97  GLU A CB  
208  C CG  . GLU A 17 ? 0.1443 0.1936 0.2283 0.0170  0.0244  -0.0441 97  GLU A CG  
209  C CD  . GLU A 17 ? 0.1372 0.2221 0.2551 0.0250  0.0101  -0.0507 97  GLU A CD  
210  O OE1 . GLU A 17 ? 0.1556 0.2391 0.2857 0.0046  0.0018  -0.0354 97  GLU A OE1 
211  O OE2 . GLU A 17 ? 0.1261 0.2428 0.2564 0.0392  -0.0205 -0.0747 97  GLU A OE2 
218  N N   . ASP A 18 ? 0.0901 0.2385 0.1487 0.0566  0.0033  0.0178  98  ASP A N   
219  C CA  . ASP A 18 ? 0.1107 0.3055 0.1485 0.0569  -0.0093 0.0234  98  ASP A CA  
220  C C   . ASP A 18 ? 0.0963 0.1831 0.1298 0.0335  -0.0030 -0.0110 98  ASP A C   
221  O O   . ASP A 18 ? 0.1128 0.2081 0.1184 0.0283  -0.0063 -0.0143 98  ASP A O   
222  C CB  . ASP A 18 ? 0.2011 0.3018 0.1864 0.1221  0.0312  0.0495  98  ASP A CB  
223  C CG  . ASP A 18 ? 0.1821 0.3998 0.2271 0.1157  -0.0090 -0.0042 98  ASP A CG  
224  O OD1 . ASP A 18 ? 0.1684 0.5141 0.2621 0.0749  -0.0320 -0.0540 98  ASP A OD1 
225  O OD2 . ASP A 18 ? 0.1817 0.3979 0.2509 0.0972  0.0319  -0.0083 98  ASP A OD2 
230  N N   . ASP A 19 ? 0.0824 0.1540 0.1191 0.0392  0.0027  -0.0118 99  ASP A N   
231  C CA  . ASP A 19 ? 0.0847 0.1336 0.1225 0.0278  0.0025  -0.0188 99  ASP A CA  
232  C C   . ASP A 19 ? 0.0877 0.1247 0.1213 0.0237  -0.0032 -0.0133 99  ASP A C   
233  O O   . ASP A 19 ? 0.1018 0.1425 0.1784 0.0156  0.0184  -0.0285 99  ASP A O   
234  C CB  . ASP A 19 ? 0.0805 0.1408 0.1430 0.0313  0.0009  -0.0363 99  ASP A CB  
235  C CG  . ASP A 19 ? 0.0968 0.1469 0.1750 0.0337  0.0115  -0.0272 99  ASP A CG  
236  O OD1 . ASP A 19 ? 0.1422 0.1478 0.1963 0.0040  0.0224  -0.0211 99  ASP A OD1 
237  O OD2 . ASP A 19 ? 0.1102 0.1780 0.1823 0.0130  0.0152  -0.0680 99  ASP A OD2 
242  N N   . LEU A 20 ? 0.0875 0.1143 0.1047 0.0233  -0.0029 -0.0191 100 LEU A N   
243  C CA  . LEU A 20 ? 0.0906 0.1153 0.1063 0.0224  -0.0074 -0.0290 100 LEU A CA  
244  C C   . LEU A 20 ? 0.0782 0.1092 0.1170 0.0149  -0.0085 -0.0339 100 LEU A C   
245  O O   . LEU A 20 ? 0.1076 0.1185 0.1287 0.0181  -0.0193 -0.0174 100 LEU A O   
246  C CB  . LEU A 20 ? 0.1125 0.1352 0.1062 0.0247  -0.0076 -0.0323 100 LEU A CB  
247  C CG  . LEU A 20 ? 0.1124 0.1481 0.1224 0.0282  -0.0144 -0.0517 100 LEU A CG  
248  C CD1 . LEU A 20 ? 0.1260 0.1468 0.1291 0.0324  -0.0172 -0.0423 100 LEU A CD1 
249  C CD2 . LEU A 20 ? 0.1784 0.1646 0.1529 0.0289  0.0428  -0.0615 100 LEU A CD2 
261  N N   . SER A 21 ? 0.0922 0.1133 0.1139 0.0170  -0.0027 -0.0289 101 SER A N   
262  C CA  A SER A 21 ? 0.0771 0.1527 0.1082 0.0410  -0.0085 -0.0307 101 SER A CA  
263  C CA  B SER A 21 ? 0.1280 0.0613 0.1203 0.0081  -0.0074 -0.0315 101 SER A CA  
264  C C   . SER A 21 ? 0.1121 0.1093 0.0977 0.0340  -0.0084 -0.0301 101 SER A C   
265  O O   . SER A 21 ? 0.1107 0.1565 0.1162 0.0460  -0.0163 -0.0585 101 SER A O   
266  C CB  A SER A 21 ? 0.1142 0.1636 0.1007 0.0485  0.0010  -0.0177 101 SER A CB  
267  C CB  B SER A 21 ? 0.1519 0.0813 0.1382 -0.0002 -0.0082 -0.0443 101 SER A CB  
268  O OG  A SER A 21 ? 0.1177 0.1081 0.1098 0.0110  0.0241  -0.0216 101 SER A OG  
269  O OG  B SER A 21 ? 0.2105 0.1708 0.1566 -0.0084 -0.0021 -0.0311 101 SER A OG  
278  N N   . PHE A 22 ? 0.0971 0.0979 0.0900 0.0236  -0.0029 -0.0241 102 PHE A N   
279  C CA  . PHE A 22 ? 0.0949 0.1044 0.0917 0.0270  0.0000  -0.0263 102 PHE A CA  
280  C C   . PHE A 22 ? 0.0912 0.0959 0.0823 0.0228  0.0035  -0.0206 102 PHE A C   
281  O O   . PHE A 22 ? 0.0988 0.1021 0.0909 0.0243  -0.0035 -0.0227 102 PHE A O   
282  C CB  . PHE A 22 ? 0.1084 0.1295 0.0776 0.0340  -0.0017 -0.0241 102 PHE A CB  
283  C CG  . PHE A 22 ? 0.1029 0.1188 0.0690 0.0281  0.0051  -0.0081 102 PHE A CG  
284  C CD1 . PHE A 22 ? 0.0877 0.1364 0.0859 0.0297  0.0105  -0.0007 102 PHE A CD1 
285  C CD2 . PHE A 22 ? 0.1014 0.1224 0.0857 0.0235  -0.0034 -0.0157 102 PHE A CD2 
286  C CE1 . PHE A 22 ? 0.0925 0.1248 0.0903 0.0087  0.0088  0.0035  102 PHE A CE1 
287  C CE2 . PHE A 22 ? 0.1024 0.1130 0.0906 0.0248  -0.0087 -0.0015 102 PHE A CE2 
288  C CZ  . PHE A 22 ? 0.1030 0.1128 0.0797 0.0147  0.0062  0.0023  102 PHE A CZ  
298  N N   . LYS A 23 ? 0.1082 0.1172 0.0889 0.0361  -0.0065 -0.0328 103 LYS A N   
299  C CA  . LYS A 23 ? 0.1159 0.1153 0.0887 0.0410  -0.0013 -0.0204 103 LYS A CA  
300  C C   . LYS A 23 ? 0.1064 0.1158 0.0829 0.0416  0.0115  -0.0113 103 LYS A C   
301  O O   . LYS A 23 ? 0.1225 0.1493 0.0796 0.0403  0.0093  -0.0235 103 LYS A O   
302  C CB  . LYS A 23 ? 0.1209 0.1336 0.1223 0.0305  -0.0067 -0.0053 103 LYS A CB  
303  C CG  . LYS A 23 ? 0.1469 0.1567 0.1502 0.0349  -0.0051 0.0097  103 LYS A CG  
304  C CD  . LYS A 23 ? 0.2313 0.1388 0.1816 0.0013  -0.0298 0.0152  103 LYS A CD  
305  C CE  . LYS A 23 ? 0.2544 0.1975 0.2006 -0.0313 -0.0354 0.0094  103 LYS A CE  
306  N NZ  . LYS A 23 ? 0.3007 0.3933 0.2038 -0.0498 -0.0352 -0.0279 103 LYS A NZ  
320  N N   . LYS A 24 ? 0.1109 0.1207 0.0845 0.0332  0.0080  -0.0108 104 LYS A N   
321  C CA  . LYS A 24 ? 0.1165 0.1322 0.0965 0.0331  0.0187  -0.0168 104 LYS A CA  
322  C C   . LYS A 24 ? 0.1092 0.1481 0.1020 0.0346  0.0081  -0.0254 104 LYS A C   
323  O O   . LYS A 24 ? 0.1372 0.1498 0.1256 0.0387  0.0162  -0.0376 104 LYS A O   
324  C CB  . LYS A 24 ? 0.1221 0.1624 0.1256 0.0449  -0.0012 -0.0403 104 LYS A CB  
325  C CG  . LYS A 24 ? 0.1464 0.1955 0.1700 0.0127  0.0226  -0.0298 104 LYS A CG  
326  C CD  . LYS A 24 ? 0.1787 0.2854 0.2188 0.0939  -0.0321 -0.0832 104 LYS A CD  
327  C CE  . LYS A 24 ? 0.2733 0.4156 0.2559 0.1347  -0.0366 -0.0573 104 LYS A CE  
328  N NZ  . LYS A 24 ? 0.2905 0.4737 0.2714 0.1983  -0.0118 -0.0432 104 LYS A NZ  
342  N N   . GLY A 25 ? 0.1300 0.1611 0.0916 0.0433  0.0214  -0.0207 105 GLY A N   
343  C CA  . GLY A 25 ? 0.1360 0.2094 0.1051 0.0586  0.0232  -0.0363 105 GLY A CA  
344  C C   . GLY A 25 ? 0.1548 0.1968 0.1142 0.0649  0.0153  -0.0494 105 GLY A C   
345  O O   . GLY A 25 ? 0.1650 0.2683 0.1130 0.0702  0.0076  -0.0599 105 GLY A O   
349  N N   . GLU A 26 ? 0.1403 0.1865 0.1033 0.0490  0.0144  -0.0423 106 GLU A N   
350  C CA  . GLU A 26 ? 0.1281 0.1703 0.1381 0.0292  0.0145  -0.0503 106 GLU A CA  
351  C C   . GLU A 26 ? 0.1341 0.1748 0.1256 0.0315  -0.0039 -0.0407 106 GLU A C   
352  O O   . GLU A 26 ? 0.1847 0.2099 0.1183 0.0060  -0.0096 -0.0362 106 GLU A O   
353  C CB  . GLU A 26 ? 0.1497 0.1810 0.1554 0.0361  0.0254  -0.0374 106 GLU A CB  
354  C CG  . GLU A 26 ? 0.1779 0.1963 0.1378 0.0488  -0.0175 -0.0457 106 GLU A CG  
355  C CD  . GLU A 26 ? 0.1366 0.1582 0.1483 0.0312  0.0022  -0.0466 106 GLU A CD  
356  O OE1 . GLU A 26 ? 0.1551 0.1900 0.1355 0.0384  -0.0271 -0.0704 106 GLU A OE1 
357  O OE2 . GLU A 26 ? 0.2065 0.1942 0.1138 0.0455  0.0242  -0.0432 106 GLU A OE2 
364  N N   . ARG A 27 ? 0.1490 0.1939 0.1231 0.0393  0.0014  -0.0503 107 ARG A N   
365  C CA  . ARG A 27 ? 0.1464 0.2224 0.1231 0.0361  0.0010  -0.0443 107 ARG A CA  
366  C C   . ARG A 27 ? 0.1494 0.2188 0.1032 0.0209  0.0026  -0.0514 107 ARG A C   
367  O O   . ARG A 27 ? 0.1669 0.2160 0.1351 0.0346  -0.0071 -0.0576 107 ARG A O   
368  C CB  . ARG A 27 ? 0.1833 0.2858 0.1575 0.0958  0.0411  -0.0285 107 ARG A CB  
369  C CG  . ARG A 27 ? 0.2439 0.4508 0.2207 0.0801  0.0516  -0.0289 107 ARG A CG  
370  C CD  . ARG A 27 ? 0.2647 0.5231 0.2611 0.0518  0.0433  -0.0286 107 ARG A CD  
371  N NE  . ARG A 27 ? 0.2884 0.5435 0.2909 0.0397  0.0669  -0.0309 107 ARG A NE  
372  C CZ  . ARG A 27 ? 0.2614 0.5079 0.3157 0.0700  0.0927  -0.0414 107 ARG A CZ  
373  N NH1 . ARG A 27 ? 0.3252 0.4872 0.3330 0.1382  0.1445  -0.0183 107 ARG A NH1 
374  N NH2 . ARG A 27 ? 0.3123 0.4857 0.3238 0.0764  0.0950  -0.0500 107 ARG A NH2 
388  N N   . LEU A 28 ? 0.1619 0.2155 0.1215 0.0213  -0.0079 -0.0202 108 LEU A N   
389  C CA  . LEU A 28 ? 0.1631 0.2306 0.1349 0.0415  -0.0103 -0.0171 108 LEU A CA  
390  C C   . LEU A 28 ? 0.1776 0.2975 0.1309 0.0518  0.0002  -0.0108 108 LEU A C   
391  O O   . LEU A 28 ? 0.2368 0.3099 0.1340 0.0296  -0.0157 0.0223  108 LEU A O   
392  C CB  . LEU A 28 ? 0.1962 0.2050 0.1598 0.0484  0.0128  0.0068  108 LEU A CB  
393  C CG  . LEU A 28 ? 0.1831 0.2298 0.1695 0.0367  0.0478  -0.0145 108 LEU A CG  
394  C CD1 . LEU A 28 ? 0.4436 0.2388 0.1987 0.0619  0.0525  -0.0263 108 LEU A CD1 
395  C CD2 . LEU A 28 ? 0.2597 0.2528 0.1547 0.0521  0.0024  -0.0224 108 LEU A CD2 
407  N N   . GLN A 29 ? 0.1832 0.3239 0.1132 0.0756  -0.0100 -0.0138 109 GLN A N   
408  C CA  . GLN A 29 ? 0.2654 0.3598 0.1099 0.1019  -0.0222 -0.0153 109 GLN A CA  
409  C C   . GLN A 29 ? 0.2103 0.3119 0.1068 0.0762  -0.0276 0.0029  109 GLN A C   
410  O O   . GLN A 29 ? 0.2201 0.2876 0.1481 0.0673  0.0299  0.0190  109 GLN A O   
411  C CB  . GLN A 29 ? 0.4182 0.4068 0.1458 0.1123  -0.0484 -0.0470 109 GLN A CB  
412  C CG  . GLN A 29 ? 0.5545 0.4603 0.1934 0.1227  -0.0421 -0.0248 109 GLN A CG  
413  C CD  . GLN A 29 ? 0.5657 0.4879 0.2349 0.0784  -0.0765 -0.0464 109 GLN A CD  
414  O OE1 . GLN A 29 ? 0.5505 0.5380 0.2519 0.0366  -0.1054 -0.0607 109 GLN A OE1 
415  N NE2 . GLN A 29 ? 0.5936 0.4735 0.2418 0.0712  -0.1171 -0.0797 109 GLN A NE2 
424  N N   . ILE A 30 ? 0.1738 0.3554 0.1229 0.0255  -0.0066 0.0267  110 ILE A N   
425  C CA  . ILE A 30 ? 0.1707 0.3193 0.1357 -0.0067 -0.0104 0.0367  110 ILE A CA  
426  C C   . ILE A 30 ? 0.1870 0.3307 0.1094 0.0175  -0.0174 0.0359  110 ILE A C   
427  O O   . ILE A 30 ? 0.2150 0.4507 0.1290 0.0400  0.0141  0.0614  110 ILE A O   
428  C CB  . ILE A 30 ? 0.2228 0.3737 0.1859 -0.0256 -0.0031 0.0233  110 ILE A CB  
429  C CG1 . ILE A 30 ? 0.2199 0.3948 0.2051 -0.0366 -0.0358 0.0059  110 ILE A CG1 
430  C CG2 . ILE A 30 ? 0.2786 0.3412 0.2029 -0.0020 -0.0164 0.0161  110 ILE A CG2 
431  C CD1 . ILE A 30 ? 0.2373 0.4065 0.2079 0.0020  -0.0671 0.0015  110 ILE A CD1 
443  N N   . VAL A 31 ? 0.1619 0.2908 0.0909 0.0152  -0.0059 0.0011  111 VAL A N   
444  C CA  . VAL A 31 ? 0.1793 0.2505 0.0792 0.0155  -0.0341 -0.0082 111 VAL A CA  
445  C C   . VAL A 31 ? 0.2171 0.2373 0.0906 -0.0236 -0.0404 0.0254  111 VAL A C   
446  O O   . VAL A 31 ? 0.2846 0.2509 0.0990 -0.0112 -0.0494 0.0252  111 VAL A O   
447  C CB  . VAL A 31 ? 0.1754 0.2399 0.0904 0.0145  -0.0340 -0.0088 111 VAL A CB  
448  C CG1 . VAL A 31 ? 0.1803 0.2600 0.0983 0.0137  -0.0393 -0.0077 111 VAL A CG1 
449  C CG2 . VAL A 31 ? 0.1780 0.2413 0.1245 0.0122  -0.0286 -0.0037 111 VAL A CG2 
459  N N   . ASN A 32 ? 0.2334 0.2367 0.1038 -0.0125 -0.0541 0.0310  112 ASN A N   
460  C CA  . ASN A 32 ? 0.3037 0.2257 0.1339 -0.0189 -0.0803 0.0432  112 ASN A CA  
461  C C   . ASN A 32 ? 0.2880 0.2413 0.1298 -0.0895 -0.0583 0.0615  112 ASN A C   
462  O O   . ASN A 32 ? 0.2565 0.2295 0.1164 -0.0510 -0.0400 0.0512  112 ASN A O   
463  C CB  . ASN A 32 ? 0.3240 0.2436 0.1894 -0.0125 -0.1134 0.0217  112 ASN A CB  
464  C CG  . ASN A 32 ? 0.4559 0.2231 0.2196 -0.0072 -0.1313 0.0154  112 ASN A CG  
465  O OD1 . ASN A 32 ? 0.5895 0.2374 0.2269 0.0435  -0.1597 -0.0006 112 ASN A OD1 
466  N ND2 . ASN A 32 ? 0.4271 0.2378 0.2319 0.0218  -0.1402 0.0130  112 ASN A ND2 
473  N N   . ASN A 33 ? 0.3930 0.2868 0.1618 -0.1526 -0.0776 0.0658  113 ASN A N   
474  C CA  . ASN A 33 ? 0.4317 0.3076 0.1926 -0.1803 -0.0558 0.0772  113 ASN A CA  
475  C C   . ASN A 33 ? 0.5021 0.2677 0.2140 -0.1605 -0.1173 0.0733  113 ASN A C   
476  O O   . ASN A 33 ? 0.5926 0.2693 0.2300 -0.1264 -0.1286 0.0590  113 ASN A O   
477  C CB  . ASN A 33 ? 0.4577 0.4745 0.2065 -0.1650 -0.0142 0.0281  113 ASN A CB  
478  C CG  . ASN A 33 ? 0.4253 0.5329 0.1801 -0.1525 -0.0250 0.0477  113 ASN A CG  
479  O OD1 . ASN A 33 ? 0.4977 0.4802 0.2095 -0.1400 0.0502  0.0878  113 ASN A OD1 
480  N ND2 . ASN A 33 ? 0.4264 0.6063 0.1790 -0.0895 -0.0500 0.0643  113 ASN A ND2 
487  N N   . THR A 34 ? 0.5603 0.2525 0.2302 -0.0954 -0.1512 0.0623  114 THR A N   
488  C CA  . THR A 34 ? 0.6059 0.2457 0.2619 -0.0333 -0.1263 0.0798  114 THR A CA  
489  C C   . THR A 34 ? 0.5573 0.2736 0.2676 -0.0199 -0.1574 0.0812  114 THR A C   
490  O O   . THR A 34 ? 0.6112 0.2739 0.2801 0.0253  -0.1409 0.0782  114 THR A O   
491  C CB  . THR A 34 ? 0.5634 0.2699 0.2695 0.0052  -0.1383 0.0863  114 THR A CB  
492  O OG1 . THR A 34 ? 0.6098 0.2976 0.2747 0.0205  -0.1612 0.0625  114 THR A OG1 
493  C CG2 . THR A 34 ? 0.6076 0.2932 0.2717 0.0194  -0.1235 0.0841  114 THR A CG2 
501  N N   . GLU A 35 ? 0.5056 0.2752 0.2831 0.0022  -0.1912 0.0536  115 GLU A N   
502  C CA  . GLU A 35 ? 0.5141 0.2468 0.3030 0.0301  -0.1695 0.0671  115 GLU A CA  
503  C C   . GLU A 35 ? 0.3953 0.2068 0.2913 0.0043  -0.1841 0.0418  115 GLU A C   
504  O O   . GLU A 35 ? 0.5097 0.2491 0.3157 0.0457  -0.1514 0.0432  115 GLU A O   
505  C CB  . GLU A 35 ? 0.4592 0.2986 0.3201 0.0223  -0.1905 0.0763  115 GLU A CB  
506  C CG  . GLU A 35 ? 0.5336 0.3679 0.3427 0.0098  -0.1891 0.0651  115 GLU A CG  
507  C CD  . GLU A 35 ? 0.5726 0.3810 0.3603 -0.0145 -0.1871 0.0543  115 GLU A CD  
508  O OE1 . GLU A 35 ? 0.6485 0.3193 0.3615 0.0232  -0.1840 0.0688  115 GLU A OE1 
509  O OE2 . GLU A 35 ? 0.6998 0.4221 0.3766 -0.0096 -0.1507 0.0445  115 GLU A OE2 
516  N N   . GLY A 36 ? 0.4747 0.1913 0.2817 0.0054  -0.1840 0.0347  116 GLY A N   
517  C CA  . GLY A 36 ? 0.4430 0.1663 0.2538 -0.0064 -0.1605 0.0374  116 GLY A CA  
518  C C   . GLY A 36 ? 0.3948 0.1857 0.2166 -0.0203 -0.1272 0.0618  116 GLY A C   
519  O O   . GLY A 36 ? 0.3780 0.2355 0.2005 -0.0444 -0.1042 0.0897  116 GLY A O   
523  N N   . ASP A 37 ? 0.3486 0.1476 0.2067 -0.0338 -0.0948 0.0581  117 ASP A N   
524  C CA  . ASP A 37 ? 0.2476 0.1771 0.1996 -0.0555 -0.0889 0.0610  117 ASP A CA  
525  C C   . ASP A 37 ? 0.1936 0.1645 0.1530 -0.0125 -0.0559 0.0386  117 ASP A C   
526  O O   . ASP A 37 ? 0.1805 0.1614 0.1714 0.0049  -0.0210 0.0346  117 ASP A O   
527  C CB  . ASP A 37 ? 0.3032 0.1846 0.2532 -0.0477 -0.1091 0.0499  117 ASP A CB  
528  C CG  . ASP A 37 ? 0.4072 0.2912 0.2978 -0.0560 -0.0879 0.0512  117 ASP A CG  
529  O OD1 . ASP A 37 ? 0.4352 0.3076 0.3198 -0.0933 -0.0365 0.0974  117 ASP A OD1 
530  O OD2 . ASP A 37 ? 0.4887 0.3101 0.3214 -0.0660 -0.0930 0.0181  117 ASP A OD2 
535  N N   . TRP A 38 ? 0.1878 0.1358 0.1317 0.0239  -0.0398 0.0251  118 TRP A N   
536  C CA  . TRP A 38 ? 0.1726 0.1229 0.1264 0.0271  -0.0306 0.0166  118 TRP A CA  
537  C C   . TRP A 38 ? 0.1868 0.1528 0.1117 0.0114  -0.0533 0.0303  118 TRP A C   
538  O O   . TRP A 38 ? 0.2857 0.1780 0.1434 0.0533  -0.0904 0.0093  118 TRP A O   
539  C CB  . TRP A 38 ? 0.1752 0.1274 0.1341 0.0234  -0.0423 0.0033  118 TRP A CB  
540  C CG  . TRP A 38 ? 0.1477 0.1201 0.1352 0.0185  -0.0246 -0.0092 118 TRP A CG  
541  C CD1 . TRP A 38 ? 0.1938 0.1172 0.1363 0.0053  -0.0290 0.0050  118 TRP A CD1 
542  C CD2 . TRP A 38 ? 0.1105 0.1155 0.1141 0.0144  -0.0151 -0.0004 118 TRP A CD2 
543  N NE1 . TRP A 38 ? 0.1709 0.1102 0.1288 0.0089  -0.0124 -0.0063 118 TRP A NE1 
544  C CE2 . TRP A 38 ? 0.1182 0.1145 0.1231 0.0087  -0.0031 0.0018  118 TRP A CE2 
545  C CE3 . TRP A 38 ? 0.1147 0.1113 0.1240 0.0100  0.0003  -0.0170 118 TRP A CE3 
546  C CZ2 . TRP A 38 ? 0.1172 0.1259 0.1104 0.0070  -0.0014 -0.0024 118 TRP A CZ2 
547  C CZ3 . TRP A 38 ? 0.1246 0.1139 0.1164 0.0165  0.0071  0.0080  118 TRP A CZ3 
548  C CH2 . TRP A 38 ? 0.1175 0.1280 0.1107 0.0127  0.0007  0.0110  118 TRP A CH2 
559  N N   . TRP A 39 ? 0.1739 0.1353 0.0965 0.0178  -0.0238 0.0175  119 TRP A N   
560  C CA  . TRP A 39 ? 0.2036 0.1829 0.0765 0.0033  -0.0132 0.0252  119 TRP A CA  
561  C C   . TRP A 39 ? 0.1697 0.1585 0.0753 0.0146  -0.0074 0.0141  119 TRP A C   
562  O O   . TRP A 39 ? 0.1607 0.1608 0.0854 0.0048  -0.0181 0.0096  119 TRP A O   
563  C CB  . TRP A 39 ? 0.2425 0.2119 0.0941 -0.0178 0.0174  0.0241  119 TRP A CB  
564  C CG  . TRP A 39 ? 0.2572 0.2505 0.1019 -0.0600 -0.0028 0.0575  119 TRP A CG  
565  C CD1 . TRP A 39 ? 0.3299 0.2348 0.1334 -0.0853 0.0042  0.0575  119 TRP A CD1 
566  C CD2 . TRP A 39 ? 0.2589 0.3317 0.1158 -0.1029 -0.0208 0.0524  119 TRP A CD2 
567  N NE1 . TRP A 39 ? 0.3317 0.2610 0.1423 -0.1057 -0.0150 0.0692  119 TRP A NE1 
568  C CE2 . TRP A 39 ? 0.2871 0.3263 0.1341 -0.1082 -0.0250 0.0730  119 TRP A CE2 
569  C CE3 . TRP A 39 ? 0.2564 0.4089 0.1253 -0.1083 -0.0096 0.0419  119 TRP A CE3 
570  C CZ2 . TRP A 39 ? 0.2823 0.3640 0.1457 -0.1234 -0.0324 0.0804  119 TRP A CZ2 
571  C CZ3 . TRP A 39 ? 0.2821 0.4673 0.1662 -0.0973 -0.0048 0.0372  119 TRP A CZ3 
572  C CH2 . TRP A 39 ? 0.3005 0.4274 0.1678 -0.1155 -0.0010 0.0599  119 TRP A CH2 
583  N N   . LEU A 40 ? 0.1932 0.1772 0.0762 0.0226  -0.0311 0.0140  120 LEU A N   
584  C CA  . LEU A 40 ? 0.1735 0.1621 0.0846 0.0222  -0.0257 0.0016  120 LEU A CA  
585  C C   . LEU A 40 ? 0.1582 0.1867 0.0799 0.0153  -0.0297 -0.0027 120 LEU A C   
586  O O   . LEU A 40 ? 0.1750 0.2144 0.0836 0.0216  -0.0199 0.0081  120 LEU A O   
587  C CB  . LEU A 40 ? 0.1752 0.2150 0.0944 0.0417  -0.0445 -0.0041 120 LEU A CB  
588  C CG  . LEU A 40 ? 0.1746 0.2224 0.1204 0.0261  -0.0553 -0.0220 120 LEU A CG  
589  C CD1 . LEU A 40 ? 0.1788 0.2067 0.1276 0.0182  -0.0525 -0.0043 120 LEU A CD1 
590  C CD2 . LEU A 40 ? 0.2004 0.2878 0.1289 0.0288  -0.0604 -0.0055 120 LEU A CD2 
602  N N   . ALA A 41 ? 0.1527 0.1924 0.0901 0.0327  -0.0046 -0.0155 121 ALA A N   
603  C CA  . ALA A 41 ? 0.1480 0.2151 0.0951 0.0328  -0.0090 -0.0220 121 ALA A CA  
604  C C   . ALA A 41 ? 0.1724 0.2031 0.0881 0.0622  -0.0191 -0.0294 121 ALA A C   
605  O O   . ALA A 41 ? 0.1855 0.1902 0.0984 0.0378  0.0094  -0.0365 121 ALA A O   
606  C CB  . ALA A 41 ? 0.1582 0.2171 0.1346 0.0502  -0.0126 -0.0406 121 ALA A CB  
612  N N   . HIS A 42 ? 0.1645 0.2035 0.1045 0.0486  -0.0108 -0.0312 122 HIS A N   
613  C CA  . HIS A 42 ? 0.1767 0.2096 0.1142 0.0594  -0.0243 -0.0366 122 HIS A CA  
614  C C   . HIS A 42 ? 0.1791 0.2225 0.0870 0.0654  -0.0101 -0.0445 122 HIS A C   
615  O O   . HIS A 42 ? 0.2076 0.2652 0.0990 0.0924  -0.0033 -0.0366 122 HIS A O   
616  C CB  . HIS A 42 ? 0.1936 0.2487 0.1227 0.0621  -0.0518 -0.0458 122 HIS A CB  
617  C CG  . HIS A 42 ? 0.2813 0.2380 0.1381 0.0711  -0.0850 -0.0568 122 HIS A CG  
618  N ND1 . HIS A 42 ? 0.3459 0.2497 0.1498 0.0130  -0.0708 -0.0560 122 HIS A ND1 
619  C CD2 . HIS A 42 ? 0.3615 0.2413 0.1556 0.0815  -0.0540 -0.0735 122 HIS A CD2 
620  C CE1 . HIS A 42 ? 0.3949 0.2598 0.1499 0.0305  -0.0881 -0.0530 122 HIS A CE1 
621  N NE2 . HIS A 42 ? 0.4697 0.2262 0.1613 0.0840  -0.0714 -0.0540 122 HIS A NE2 
630  N N   . SER A 43 ? 0.1707 0.1983 0.0965 0.0623  -0.0107 -0.0571 123 SER A N   
631  C CA  . SER A 43 ? 0.1519 0.2087 0.0940 0.0644  -0.0106 -0.0509 123 SER A CA  
632  C C   . SER A 43 ? 0.1659 0.1990 0.1017 0.0590  -0.0177 -0.0536 123 SER A C   
633  O O   . SER A 43 ? 0.1770 0.2027 0.1265 0.0550  0.0019  -0.0505 123 SER A O   
634  C CB  . SER A 43 ? 0.1931 0.2146 0.1073 0.0894  -0.0043 -0.0417 123 SER A CB  
635  O OG  . SER A 43 ? 0.2007 0.2356 0.1039 0.1013  -0.0107 -0.0463 123 SER A OG  
641  N N   . LEU A 44 ? 0.1541 0.2198 0.1194 0.0608  -0.0146 -0.0782 124 LEU A N   
642  C CA  . LEU A 44 ? 0.1657 0.2491 0.1217 0.0646  -0.0167 -0.0815 124 LEU A CA  
643  C C   . LEU A 44 ? 0.1695 0.2488 0.1386 0.0700  0.0001  -0.0800 124 LEU A C   
644  O O   . LEU A 44 ? 0.2181 0.2335 0.1619 0.0392  -0.0124 -0.0801 124 LEU A O   
645  C CB  . LEU A 44 ? 0.1991 0.2499 0.1285 0.0734  -0.0012 -0.0771 124 LEU A CB  
646  C CG  . LEU A 44 ? 0.2390 0.2827 0.1305 0.0792  0.0212  -0.0423 124 LEU A CG  
647  C CD1 . LEU A 44 ? 0.2829 0.3163 0.1521 0.0812  0.0147  -0.0401 124 LEU A CD1 
648  C CD2 . LEU A 44 ? 0.2834 0.3392 0.1361 0.0748  -0.0141 -0.0202 124 LEU A CD2 
660  N N   . THR A 45 ? 0.2180 0.2558 0.1409 0.1031  -0.0356 -0.0830 125 THR A N   
661  C CA  . THR A 45 ? 0.1861 0.2266 0.1816 0.0637  -0.0265 -0.1060 125 THR A CA  
662  C C   . THR A 45 ? 0.2475 0.2050 0.1897 0.0918  -0.0503 -0.0766 125 THR A C   
663  O O   . THR A 45 ? 0.2550 0.2354 0.2269 0.0943  -0.0420 -0.1057 125 THR A O   
664  C CB  . THR A 45 ? 0.1918 0.2184 0.1894 0.0572  -0.0328 -0.0865 125 THR A CB  
665  O OG1 . THR A 45 ? 0.1995 0.2519 0.1950 0.0646  -0.0466 -0.0999 125 THR A OG1 
666  C CG2 . THR A 45 ? 0.2578 0.2282 0.2040 0.0938  -0.0878 -0.0871 125 THR A CG2 
674  N N   . THR A 46 ? 0.2444 0.1994 0.1606 0.0890  -0.0377 -0.0747 126 THR A N   
675  C CA  . THR A 46 ? 0.2783 0.1722 0.1678 0.0714  -0.0548 -0.0614 126 THR A CA  
676  C C   . THR A 46 ? 0.2919 0.1393 0.1782 0.0255  -0.0309 -0.0645 126 THR A C   
677  O O   . THR A 46 ? 0.3158 0.1812 0.2052 0.0037  -0.0325 -0.0546 126 THR A O   
678  C CB  . THR A 46 ? 0.2614 0.1852 0.1491 0.0658  -0.0345 -0.0599 126 THR A CB  
679  O OG1 . THR A 46 ? 0.2022 0.1709 0.1342 0.0487  -0.0278 -0.0593 126 THR A OG1 
680  C CG2 . THR A 46 ? 0.2564 0.1918 0.1535 0.0758  -0.0335 -0.0484 126 THR A CG2 
688  N N   . GLY A 47 ? 0.2462 0.1687 0.1492 0.0610  -0.0382 -0.0707 127 GLY A N   
689  C CA  . GLY A 47 ? 0.2134 0.1862 0.1670 0.0248  -0.0344 -0.0832 127 GLY A CA  
690  C C   . GLY A 47 ? 0.2127 0.2005 0.1759 0.0295  -0.0556 -0.0773 127 GLY A C   
691  O O   . GLY A 47 ? 0.2105 0.2389 0.1942 0.0311  -0.0551 -0.0888 127 GLY A O   
695  N N   . ARG A 48 ? 0.2079 0.1650 0.1635 0.0360  -0.0455 -0.0691 128 ARG A N   
696  C CA  . ARG A 48 ? 0.1732 0.1856 0.1551 0.0244  -0.0376 -0.0630 128 ARG A CA  
697  C C   . ARG A 48 ? 0.1607 0.1779 0.1386 0.0345  -0.0275 -0.0640 128 ARG A C   
698  O O   . ARG A 48 ? 0.1889 0.1833 0.1325 0.0502  -0.0178 -0.0410 128 ARG A O   
699  C CB  . ARG A 48 ? 0.1550 0.1655 0.1710 0.0064  -0.0051 -0.0422 128 ARG A CB  
700  C CG  . ARG A 48 ? 0.1843 0.1742 0.1907 -0.0022 -0.0188 -0.0305 128 ARG A CG  
701  C CD  . ARG A 48 ? 0.2040 0.1956 0.2035 -0.0079 -0.0292 -0.0297 128 ARG A CD  
702  N NE  . ARG A 48 ? 0.1883 0.1938 0.2042 -0.0031 -0.0068 -0.0398 128 ARG A NE  
703  C CZ  . ARG A 48 ? 0.1788 0.1860 0.1907 -0.0046 -0.0119 -0.0310 128 ARG A CZ  
704  N NH1 . ARG A 48 ? 0.2503 0.1556 0.2106 0.0193  -0.0281 -0.0438 128 ARG A NH1 
705  N NH2 . ARG A 48 ? 0.2059 0.1760 0.1745 -0.0086 -0.0134 -0.0352 128 ARG A NH2 
719  N N   . THR A 49 ? 0.1564 0.1710 0.1498 0.0145  -0.0151 -0.0508 129 THR A N   
720  C CA  . THR A 49 ? 0.1610 0.1666 0.1388 0.0222  -0.0306 -0.0545 129 THR A CA  
721  C C   . THR A 49 ? 0.1342 0.1530 0.1455 0.0133  -0.0179 -0.0382 129 THR A C   
722  O O   . THR A 49 ? 0.1643 0.1717 0.1832 0.0003  0.0126  -0.0612 129 THR A O   
723  C CB  . THR A 49 ? 0.2259 0.2025 0.1510 0.0336  -0.0567 -0.0668 129 THR A CB  
724  O OG1 . THR A 49 ? 0.2749 0.2223 0.1418 0.0244  -0.0560 -0.0651 129 THR A OG1 
725  C CG2 . THR A 49 ? 0.2858 0.2269 0.1723 0.0217  -0.0899 -0.0589 129 THR A CG2 
733  N N   . GLY A 50 ? 0.1190 0.1567 0.1120 0.0229  -0.0120 -0.0283 130 GLY A N   
734  C CA  . GLY A 50 ? 0.1153 0.1553 0.1077 0.0266  -0.0122 -0.0345 130 GLY A CA  
735  C C   . GLY A 50 ? 0.1096 0.1544 0.0829 0.0364  -0.0088 -0.0197 130 GLY A C   
736  O O   . GLY A 50 ? 0.1282 0.1522 0.0876 0.0255  -0.0087 -0.0267 130 GLY A O   
740  N N   . TYR A 51 ? 0.1055 0.1527 0.0811 0.0208  -0.0120 -0.0212 131 TYR A N   
741  C CA  . TYR A 51 ? 0.1125 0.1380 0.0844 0.0240  -0.0088 -0.0102 131 TYR A CA  
742  C C   . TYR A 51 ? 0.1089 0.1221 0.0805 0.0181  0.0010  -0.0114 131 TYR A C   
743  O O   . TYR A 51 ? 0.1080 0.1397 0.0782 0.0119  -0.0042 -0.0052 131 TYR A O   
744  C CB  . TYR A 51 ? 0.1138 0.1435 0.1042 0.0342  -0.0128 -0.0136 131 TYR A CB  
745  C CG  . TYR A 51 ? 0.1214 0.1512 0.1272 0.0311  -0.0271 -0.0056 131 TYR A CG  
746  C CD1 . TYR A 51 ? 0.1698 0.1610 0.1482 0.0332  -0.0136 0.0100  131 TYR A CD1 
747  C CD2 . TYR A 51 ? 0.1473 0.1894 0.1791 0.0577  -0.0371 -0.0087 131 TYR A CD2 
748  C CE1 . TYR A 51 ? 0.2577 0.2082 0.1726 0.0629  -0.0473 0.0300  131 TYR A CE1 
749  C CE2 . TYR A 51 ? 0.1807 0.2382 0.2115 0.0429  -0.0804 -0.0006 131 TYR A CE2 
750  C CZ  . TYR A 51 ? 0.2308 0.2568 0.2096 0.0677  -0.1068 0.0113  131 TYR A CZ  
751  O OH  . TYR A 51 ? 0.3179 0.3222 0.2512 0.1090  -0.1336 0.0069  131 TYR A OH  
761  N N   . ILE A 52 ? 0.1178 0.1233 0.0772 0.0112  -0.0112 0.0044  132 ILE A N   
762  C CA  . ILE A 52 ? 0.1154 0.1185 0.0779 0.0089  -0.0083 -0.0009 132 ILE A CA  
763  C C   . ILE A 52 ? 0.1093 0.1179 0.0818 0.0107  0.0026  0.0097  132 ILE A C   
764  O O   . ILE A 52 ? 0.1326 0.1288 0.0854 0.0088  -0.0089 0.0188  132 ILE A O   
765  C CB  . ILE A 52 ? 0.1108 0.1358 0.0880 0.0219  -0.0076 -0.0005 132 ILE A CB  
766  C CG1 . ILE A 52 ? 0.1232 0.1664 0.0948 0.0175  -0.0028 0.0044  132 ILE A CG1 
767  C CG2 . ILE A 52 ? 0.1165 0.1240 0.1020 0.0126  -0.0150 -0.0173 132 ILE A CG2 
768  C CD1 . ILE A 52 ? 0.1433 0.2206 0.1259 0.0273  0.0086  -0.0084 132 ILE A CD1 
780  N N   . PRO A 53 ? 0.1118 0.1107 0.0765 0.0106  -0.0036 0.0071  133 PRO A N   
781  C CA  . PRO A 53 ? 0.1173 0.1051 0.0884 0.0044  0.0041  0.0139  133 PRO A CA  
782  C C   . PRO A 53 ? 0.1253 0.1252 0.0726 -0.0052 -0.0004 0.0079  133 PRO A C   
783  O O   . PRO A 53 ? 0.1169 0.1318 0.0892 0.0138  0.0080  0.0030  133 PRO A O   
784  C CB  . PRO A 53 ? 0.1197 0.1186 0.0891 0.0099  0.0034  -0.0033 133 PRO A CB  
785  C CG  . PRO A 53 ? 0.1125 0.1132 0.0739 0.0108  -0.0004 0.0029  133 PRO A CG  
786  C CD  . PRO A 53 ? 0.1164 0.1048 0.0722 0.0092  -0.0068 0.0081  133 PRO A CD  
794  N N   . SER A 54 ? 0.1382 0.1534 0.0795 0.0016  -0.0013 0.0211  134 SER A N   
795  C CA  . SER A 54 ? 0.1514 0.1956 0.0777 0.0006  0.0014  0.0209  134 SER A CA  
796  C C   . SER A 54 ? 0.1674 0.1841 0.0832 -0.0148 0.0126  0.0321  134 SER A C   
797  O O   . SER A 54 ? 0.1610 0.2980 0.0945 -0.0143 0.0357  0.0025  134 SER A O   
798  C CB  . SER A 54 ? 0.1854 0.2329 0.1061 -0.0133 0.0005  0.0578  134 SER A CB  
799  O OG  . SER A 54 ? 0.2653 0.1849 0.1526 -0.0287 0.0008  0.0671  134 SER A OG  
805  N N   . ASN A 55 ? 0.1325 0.1377 0.1082 -0.0043 0.0182  0.0320  135 ASN A N   
806  C CA  . ASN A 55 ? 0.1319 0.1426 0.1182 -0.0187 0.0254  0.0218  135 ASN A CA  
807  C C   . ASN A 55 ? 0.1117 0.1450 0.1166 -0.0051 0.0195  0.0156  135 ASN A C   
808  O O   . ASN A 55 ? 0.1154 0.1739 0.1634 -0.0177 -0.0150 0.0222  135 ASN A O   
809  C CB  . ASN A 55 ? 0.1338 0.1369 0.1232 -0.0209 0.0077  0.0199  135 ASN A CB  
810  C CG  . ASN A 55 ? 0.1291 0.1144 0.1133 0.0021  -0.0029 0.0150  135 ASN A CG  
811  O OD1 . ASN A 55 ? 0.1329 0.1398 0.1213 -0.0096 0.0209  -0.0018 135 ASN A OD1 
812  N ND2 . ASN A 55 ? 0.1596 0.1700 0.1219 -0.0330 0.0013  0.0155  135 ASN A ND2 
819  N N   . TYR A 56 ? 0.1105 0.1359 0.0872 0.0067  0.0153  0.0063  136 TYR A N   
820  C CA  . TYR A 56 ? 0.1090 0.1281 0.0844 0.0054  0.0122  0.0007  136 TYR A CA  
821  C C   . TYR A 56 ? 0.1242 0.1518 0.0830 0.0184  0.0223  -0.0040 136 TYR A C   
822  O O   . TYR A 56 ? 0.1456 0.1468 0.0938 0.0306  0.0311  -0.0049 136 TYR A O   
823  C CB  . TYR A 56 ? 0.1127 0.1204 0.0789 0.0091  0.0121  -0.0080 136 TYR A CB  
824  C CG  . TYR A 56 ? 0.0923 0.1298 0.0925 0.0142  0.0130  0.0034  136 TYR A CG  
825  C CD1 . TYR A 56 ? 0.1564 0.1144 0.0900 0.0147  0.0207  0.0027  136 TYR A CD1 
826  C CD2 . TYR A 56 ? 0.1119 0.1099 0.0962 0.0140  0.0093  0.0116  136 TYR A CD2 
827  C CE1 . TYR A 56 ? 0.1715 0.0976 0.1066 0.0132  0.0187  -0.0005 136 TYR A CE1 
828  C CE2 . TYR A 56 ? 0.1277 0.0986 0.0886 -0.0021 -0.0100 0.0184  136 TYR A CE2 
829  C CZ  . TYR A 56 ? 0.1279 0.0866 0.1108 0.0089  -0.0013 -0.0021 136 TYR A CZ  
830  O OH  . TYR A 56 ? 0.1734 0.0992 0.0844 0.0103  0.0068  -0.0046 136 TYR A OH  
840  N N   . VAL A 57 ? 0.1519 0.1655 0.0817 0.0184  0.0193  0.0009  137 VAL A N   
841  C CA  . VAL A 57 ? 0.1527 0.1881 0.0869 0.0181  0.0385  -0.0002 137 VAL A CA  
842  C C   . VAL A 57 ? 0.1895 0.1953 0.0951 0.0063  0.0376  -0.0031 137 VAL A C   
843  O O   . VAL A 57 ? 0.2325 0.1997 0.1330 0.0022  0.0623  0.0131  137 VAL A O   
844  C CB  . VAL A 57 ? 0.1812 0.1985 0.0977 0.0318  0.0063  -0.0118 137 VAL A CB  
845  C CG1 . VAL A 57 ? 0.1476 0.2225 0.1429 0.0228  -0.0070 0.0006  137 VAL A CG1 
846  C CG2 . VAL A 57 ? 0.2197 0.2351 0.0978 0.0380  -0.0115 0.0049  137 VAL A CG2 
856  N N   . ALA A 58 ? 0.2074 0.2087 0.1037 -0.0066 0.0700  -0.0065 138 ALA A N   
857  C CA  . ALA A 58 ? 0.2184 0.2704 0.1276 -0.0433 0.0820  -0.0017 138 ALA A CA  
858  C C   . ALA A 58 ? 0.2276 0.2313 0.1192 -0.0238 0.0859  0.0025  138 ALA A C   
859  O O   . ALA A 58 ? 0.1883 0.2332 0.1085 0.0045  0.0583  0.0088  138 ALA A O   
860  C CB  . ALA A 58 ? 0.2264 0.3715 0.1489 -0.0623 0.0713  0.0020  138 ALA A CB  
866  N N   . PRO A 59 ? 0.3144 0.2564 0.1448 -0.0203 0.1061  0.0099  139 PRO A N   
867  C CA  . PRO A 59 ? 0.3295 0.2699 0.1654 -0.0188 0.1209  0.0146  139 PRO A CA  
868  C C   . PRO A 59 ? 0.2332 0.3071 0.1951 -0.0076 0.1150  -0.0247 139 PRO A C   
869  O O   . PRO A 59 ? 0.2582 0.2661 0.2283 -0.0231 0.0997  -0.0518 139 PRO A O   
870  C CB  . PRO A 59 ? 0.4643 0.2909 0.1783 -0.0112 0.1249  0.0220  139 PRO A CB  
871  C CG  . PRO A 59 ? 0.4785 0.2997 0.1890 -0.0366 0.1234  0.0343  139 PRO A CG  
872  C CD  . PRO A 59 ? 0.3999 0.2508 0.1747 -0.0362 0.1193  0.0240  139 PRO A CD  
880  N N   . SER A 60 ? 0.3047 0.2855 0.2093 0.0159  0.0775  -0.0476 140 SER A N   
881  C CA  . SER A 60 ? 0.3806 0.3195 0.2133 0.0041  0.0585  -0.0381 140 SER A CA  
882  C C   . SER A 60 ? 0.3510 0.3417 0.2144 -0.0114 0.0505  -0.0588 140 SER A C   
883  O O   . SER A 60 ? 0.3665 0.4181 0.2120 0.0105  0.0505  -0.0635 140 SER A O   
884  C CB  . SER A 60 ? 0.5372 0.3264 0.2240 0.0306  0.0201  -0.0317 140 SER A CB  
885  O OG  . SER A 60 ? 0.6491 0.3450 0.2277 0.0365  -0.0172 -0.0486 140 SER A OG  
891  N N   . ASP A 61 ? 0.3752 0.2859 0.2256 -0.0309 0.0429  -0.0808 141 ASP A N   
892  C CA  . ASP A 61 ? 0.3882 0.2703 0.2334 -0.0334 0.0579  -0.0851 141 ASP A CA  
893  C C   . ASP A 61 ? 0.3782 0.2589 0.2052 -0.0269 0.0598  -0.0879 141 ASP A C   
894  O O   . ASP A 61 ? 0.4659 0.2306 0.1895 -0.0174 0.0443  -0.0635 141 ASP A O   
895  C CB  . ASP A 61 ? 0.4818 0.3734 0.2646 -0.0175 0.0745  -0.0559 141 ASP A CB  
896  C CG  . ASP A 61 ? 0.5794 0.4745 0.2965 0.0141  0.0805  -0.0416 141 ASP A CG  
897  O OD1 . ASP A 61 ? 0.6389 0.4751 0.3109 0.0172  0.0655  -0.0438 141 ASP A OD1 
898  O OD2 . ASP A 61 ? 0.6401 0.5182 0.3040 0.0384  0.0807  -0.0374 141 ASP A OD2 
903  C C   . ACE B 1  ? 0.1576 0.1308 0.1607 -0.0152 -0.0190 0.0137  0   ACE B C   
904  O O   . ACE B 1  ? 0.1735 0.1737 0.1808 -0.0275 -0.0030 0.0371  0   ACE B O   
905  C CH3 . ACE B 1  ? 0.1874 0.1572 0.1697 -0.0253 -0.0264 0.0160  0   ACE B CH3 
906  N N   . ALA B 2  ? 0.1545 0.1091 0.1332 -0.0038 -0.0149 0.0067  1   ALA B N   
907  C CA  . ALA B 2  ? 0.1380 0.1048 0.1308 0.0123  -0.0051 -0.0030 1   ALA B CA  
908  C C   . ALA B 2  ? 0.1520 0.1056 0.1461 0.0171  0.0102  0.0017  1   ALA B C   
909  O O   . ALA B 2  ? 0.1994 0.1112 0.1537 0.0257  -0.0033 -0.0245 1   ALA B O   
910  C CB  . ALA B 2  ? 0.1623 0.1128 0.1524 0.0259  -0.0228 -0.0078 1   ALA B CB  
916  N N   . PRO B 3  ? 0.1813 0.1242 0.1489 0.0461  0.0215  0.0257  2   PRO B N   
917  C CA  . PRO B 3  ? 0.1806 0.1107 0.1810 0.0328  0.0281  0.0260  2   PRO B CA  
918  C C   . PRO B 3  ? 0.1573 0.0843 0.1513 0.0142  0.0009  0.0185  2   PRO B C   
919  O O   . PRO B 3  ? 0.1838 0.0896 0.1296 0.0146  0.0097  -0.0094 2   PRO B O   
920  C CB  . PRO B 3  ? 0.2781 0.1761 0.1819 0.0428  0.0534  0.0394  2   PRO B CB  
921  C CG  . PRO B 3  ? 0.2727 0.2155 0.1437 -0.0502 0.0056  0.0388  2   PRO B CG  
922  C CD  . PRO B 3  ? 0.2146 0.1956 0.1410 0.0651  0.0293  0.0266  2   PRO B CD  
930  N N   . PRO B 4  ? 0.1454 0.0819 0.1699 0.0032  -0.0313 0.0063  3   PRO B N   
931  C CA  . PRO B 4  ? 0.1617 0.0819 0.1423 0.0045  -0.0246 -0.0132 3   PRO B CA  
932  C C   . PRO B 4  ? 0.1303 0.0836 0.1200 0.0079  -0.0103 -0.0019 3   PRO B C   
933  O O   . PRO B 4  ? 0.1451 0.1372 0.1246 -0.0083 -0.0039 0.0157  3   PRO B O   
934  C CB  . PRO B 4  ? 0.2101 0.0973 0.1920 0.0189  -0.0507 -0.0373 3   PRO B CB  
935  C CG  . PRO B 4  ? 0.2280 0.1414 0.2330 0.0013  -0.0435 -0.0355 3   PRO B CG  
936  C CD  . PRO B 4  ? 0.1748 0.1085 0.2293 -0.0031 -0.0369 -0.0032 3   PRO B CD  
944  N N   . LEU B 5  ? 0.1409 0.0819 0.1102 0.0051  -0.0024 -0.0120 4   LEU B N   
945  C CA  . LEU B 5  ? 0.1280 0.0742 0.1158 0.0066  0.0027  -0.0040 4   LEU B CA  
946  C C   . LEU B 5  ? 0.1205 0.0751 0.1349 0.0051  -0.0029 -0.0122 4   LEU B C   
947  O O   . LEU B 5  ? 0.1560 0.0805 0.1432 0.0081  -0.0010 -0.0125 4   LEU B O   
948  C CB  . LEU B 5  ? 0.1456 0.0820 0.1289 0.0054  0.0084  -0.0126 4   LEU B CB  
949  C CG  . LEU B 5  ? 0.1504 0.0930 0.1153 -0.0065 -0.0052 -0.0025 4   LEU B CG  
950  C CD1 . LEU B 5  ? 0.2058 0.0916 0.1388 -0.0166 0.0438  -0.0130 4   LEU B CD1 
951  C CD2 . LEU B 5  ? 0.1511 0.0837 0.1395 0.0168  0.0132  0.0024  4   LEU B CD2 
963  N N   . PRO B 6  ? 0.1360 0.0908 0.1278 0.0078  -0.0124 -0.0021 5   PRO B N   
964  C CA  . PRO B 6  ? 0.1488 0.0869 0.1550 0.0101  -0.0152 0.0095  5   PRO B CA  
965  C C   . PRO B 6  ? 0.1550 0.0790 0.1771 0.0150  -0.0238 -0.0037 5   PRO B C   
966  O O   . PRO B 6  ? 0.1503 0.0908 0.1732 0.0210  -0.0167 -0.0109 5   PRO B O   
967  C CB  . PRO B 6  ? 0.1945 0.1245 0.1502 0.0005  -0.0148 0.0235  5   PRO B CB  
968  C CG  . PRO B 6  ? 0.2617 0.1337 0.1375 0.0356  -0.0169 0.0095  5   PRO B CG  
969  C CD  . PRO B 6  ? 0.1407 0.1103 0.1172 0.0219  -0.0049 -0.0033 5   PRO B CD  
977  N N   . PRO B 7  ? 0.1649 0.0860 0.2262 0.0217  -0.0474 -0.0105 6   PRO B N   
978  C CA  . PRO B 7  ? 0.1860 0.1117 0.2638 0.0346  -0.0371 -0.0231 6   PRO B CA  
979  C C   . PRO B 7  ? 0.1559 0.1182 0.2758 0.0314  -0.0283 -0.0021 6   PRO B C   
980  O O   . PRO B 7  ? 0.1748 0.1161 0.2699 0.0275  -0.0594 -0.0006 6   PRO B O   
981  C CB  . PRO B 7  ? 0.2416 0.1188 0.2833 0.0631  -0.0735 -0.0430 6   PRO B CB  
982  C CG  . PRO B 7  ? 0.2649 0.1058 0.2776 0.0422  -0.0741 -0.0131 6   PRO B CG  
983  C CD  . PRO B 7  ? 0.2143 0.0847 0.2578 0.0226  -0.0624 0.0137  6   PRO B CD  
991  N N   . ARG B 8  ? 0.1765 0.1337 0.2882 0.0298  -0.0395 0.0138  7   ARG B N   
992  C CA  . ARG B 8  ? 0.1525 0.1395 0.3189 0.0208  -0.0671 0.0025  7   ARG B CA  
993  C C   . ARG B 8  ? 0.1767 0.1162 0.3285 0.0213  -0.0712 0.0202  7   ARG B C   
994  O O   . ARG B 8  ? 0.2139 0.1251 0.3348 0.0257  -0.0822 0.0100  7   ARG B O   
995  C CB  . ARG B 8  ? 0.1731 0.1439 0.3421 0.0259  -0.0385 -0.0020 7   ARG B CB  
996  C CG  . ARG B 8  ? 0.2207 0.1290 0.3588 0.0126  0.0114  0.0201  7   ARG B CG  
997  C CD  . ARG B 8  ? 0.1705 0.1607 0.3641 0.0252  0.0353  0.0492  7   ARG B CD  
998  N NE  . ARG B 8  ? 0.2456 0.1391 0.3640 0.0275  0.0705  0.0180  7   ARG B NE  
999  C CZ  . ARG B 8  ? 0.1911 0.1631 0.3465 0.0162  0.0948  0.0391  7   ARG B CZ  
1000 N NH1 . ARG B 8  ? 0.2319 0.1992 0.3706 -0.0233 0.1540  -0.0157 7   ARG B NH1 
1001 N NH2 . ARG B 8  ? 0.1888 0.1645 0.3354 0.0341  0.0877  0.0346  7   ARG B NH2 
1015 N N   . ASN B 9  ? 0.1918 0.1247 0.3434 0.0189  -0.1011 0.0171  8   ASN B N   
1016 C CA  . ASN B 9  ? 0.2221 0.1406 0.3569 0.0287  -0.1242 0.0229  8   ASN B CA  
1017 C C   . ASN B 9  ? 0.2529 0.1529 0.4004 0.0462  -0.1213 0.0179  8   ASN B C   
1018 O O   . ASN B 9  ? 0.2257 0.1856 0.4263 0.0607  -0.0907 0.0014  8   ASN B O   
1019 C CB  . ASN B 9  ? 0.2808 0.1515 0.3428 0.0508  -0.1398 0.0062  8   ASN B CB  
1020 C CG  . ASN B 9  ? 0.2609 0.1585 0.3185 0.0508  -0.1356 0.0107  8   ASN B CG  
1021 O OD1 . ASN B 9  ? 0.2438 0.1512 0.2984 0.0243  -0.1130 0.0357  8   ASN B OD1 
1022 N ND2 . ASN B 9  ? 0.2955 0.1986 0.3174 0.0697  -0.1628 -0.0172 8   ASN B ND2 
1029 N N   . ARG B 10 ? 0.3156 0.1655 0.4281 0.0565  -0.1415 0.0128  9   ARG B N   
1030 C CA  . ARG B 10 ? 0.3446 0.2054 0.4410 0.0890  -0.1379 0.0242  9   ARG B CA  
1031 C C   . ARG B 10 ? 0.2562 0.3493 0.4615 0.0689  -0.1448 0.0455  9   ARG B C   
1032 O O   . ARG B 10 ? 0.3255 0.4498 0.4653 0.0613  -0.1173 0.0402  9   ARG B O   
1033 C CB  . ARG B 10 ? 0.4576 0.2278 0.4614 0.1346  -0.1092 0.0330  9   ARG B CB  
1034 C CG  . ARG B 10 ? 0.4192 0.2802 0.4655 0.0931  -0.1043 0.0234  9   ARG B CG  
1035 C CD  . ARG B 10 ? 0.4325 0.3189 0.4652 0.0769  -0.1029 0.0161  9   ARG B CD  
1036 N NE  . ARG B 10 ? 0.4413 0.3597 0.4636 0.1029  -0.1140 0.0002  9   ARG B NE  
1037 C CZ  . ARG B 10 ? 0.4336 0.3994 0.4622 0.1217  -0.1352 -0.0368 9   ARG B CZ  
1038 N NH1 . ARG B 10 ? 0.5713 0.4154 0.4664 0.1509  -0.0863 -0.0042 9   ARG B NH1 
1039 N NH2 . ARG B 10 ? 0.3770 0.2259 0.4377 0.1145  -0.1946 -0.0985 9   ARG B NH2 
1053 N N   . PRO B 11 ? 0.3109 0.3543 0.4717 0.0042  -0.1139 0.0713  10  PRO B N   
1054 C CA  . PRO B 11 ? 0.2903 0.3595 0.4782 -0.0602 -0.1062 0.0713  10  PRO B CA  
1055 C C   . PRO B 11 ? 0.4975 0.3074 0.4823 -0.0163 -0.0965 0.0788  10  PRO B C   
1056 O O   . PRO B 11 ? 0.6461 0.3745 0.4907 0.0065  -0.0614 0.0809  10  PRO B O   
1057 C CB  . PRO B 11 ? 0.3363 0.4175 0.4864 -0.0425 -0.0998 0.0564  10  PRO B CB  
1058 C CG  . PRO B 11 ? 0.3526 0.4211 0.4828 -0.0091 -0.0979 0.0656  10  PRO B CG  
1059 C CD  . PRO B 11 ? 0.3845 0.3736 0.4748 0.0482  -0.0995 0.0881  10  PRO B CD  
1060 O OXT . PRO B 11 ? 0.4680 0.3006 0.4810 -0.0089 -0.1203 0.0853  10  PRO B OXT 
1068 S S   . SO4 C .  ? 0.3092 0.3756 0.4595 -0.1065 0.1401  -0.1285 201 SO4 A S   
1069 O O1  . SO4 C .  ? 0.3118 0.4451 0.4653 -0.0743 0.1513  -0.1258 201 SO4 A O1  
1070 O O2  . SO4 C .  ? 0.2867 0.3150 0.4614 -0.1128 0.1368  -0.1270 201 SO4 A O2  
1071 O O3  . SO4 C .  ? 0.4384 0.4178 0.4606 -0.0941 0.0769  -0.1205 201 SO4 A O3  
1072 O O4  . SO4 C .  ? 0.5185 0.3982 0.4655 0.0428  0.1174  -0.1337 201 SO4 A O4  
1073 C C   . ACE D .  ? 0.2904 0.3374 0.3254 0.0353  0.1257  0.1330  202 ACE A C   
1074 O O   . ACE D .  ? 0.3398 0.4264 0.3333 0.0301  0.1099  0.1095  202 ACE A O   
1075 C CH3 . ACE D .  ? 0.3084 0.3074 0.3237 0.0534  0.1100  0.1226  202 ACE A CH3 
1076 C C   . ACE E .  ? 0.2897 0.1584 0.5495 -0.0216 0.1118  -0.0276 101 ACE B C   
1077 O O   . ACE E .  ? 0.3893 0.2712 0.5511 0.0060  0.1225  -0.0091 101 ACE B O   
1078 C CH3 . ACE E .  ? 0.3959 0.2684 0.5476 0.0160  0.0959  -0.0341 101 ACE B CH3 
1079 O O   . HOH F .  ? 0.4409 0.3715 0.3276 -0.0844 -0.0760 0.0869  301 HOH A O   
1080 O O   . HOH F .  ? 0.3000 0.3970 0.4156 -0.0877 -0.0318 0.0866  302 HOH A O   
1081 O O   . HOH F .  ? 0.2254 0.5315 0.3366 0.0573  -0.0208 0.0355  303 HOH A O   
1082 O O   . HOH F .  ? 0.3763 0.2927 0.4106 -0.0197 0.0886  -0.0242 304 HOH A O   
1083 O O   . HOH F .  ? 0.2967 0.5284 0.2631 0.0696  -0.0546 -0.0872 305 HOH A O   
1084 O O   . HOH F .  ? 0.2420 0.4516 0.4055 0.0642  -0.0256 -0.1017 306 HOH A O   
1085 O O   . HOH F .  ? 0.3930 0.2847 0.2780 0.0656  0.0588  -0.0342 307 HOH A O   
1086 O O   . HOH F .  ? 0.4344 0.4369 0.3955 0.0510  0.0505  0.0249  308 HOH A O   
1087 O O   . HOH F .  ? 0.3906 0.4063 0.4453 -0.0242 0.0512  -0.1345 309 HOH A O   
1088 O O   . HOH F .  ? 0.4308 0.4028 0.2382 -0.0033 -0.0138 -0.0157 310 HOH A O   
1089 O O   . HOH F .  ? 0.4507 0.3627 0.3692 0.0196  0.0798  0.0248  311 HOH A O   
1090 O O   . HOH F .  ? 0.1463 0.1848 0.1200 0.0272  0.0013  -0.0227 312 HOH A O   
1091 O O   . HOH F .  ? 0.3230 0.2952 0.3827 -0.0162 0.0413  0.0370  313 HOH A O   
1092 O O   . HOH F .  ? 0.4399 0.3804 0.4901 0.0427  0.0649  -0.0276 314 HOH A O   
1093 O O   . HOH F .  ? 0.3416 0.4928 0.3762 -0.0013 0.0247  -0.0311 315 HOH A O   
1094 O O   . HOH F .  ? 0.3164 0.4607 0.3358 0.2031  0.0568  -0.0198 316 HOH A O   
1095 O O   . HOH F .  ? 0.2746 0.4343 0.3701 0.1183  0.1092  -0.0897 317 HOH A O   
1096 O O   . HOH F .  ? 0.4033 0.4471 0.4797 0.0296  0.0695  -0.0479 318 HOH A O   
1097 O O   . HOH F .  ? 0.4078 0.4251 0.3431 0.0816  0.0631  0.0217  319 HOH A O   
1098 O O   . HOH F .  ? 0.1648 0.3487 0.3315 0.0736  0.0136  -0.0150 320 HOH A O   
1099 O O   . HOH F .  ? 0.1010 0.1809 0.0758 -0.0116 0.0013  0.0043  321 HOH A O   
1100 O O   . HOH F .  ? 0.1711 0.2157 0.1497 0.0526  -0.0241 -0.0889 322 HOH A O   
1101 O O   . HOH F .  ? 0.1432 0.1835 0.2361 -0.0246 0.0271  -0.0641 323 HOH A O   
1102 O O   . HOH F .  ? 0.2103 0.2008 0.1896 -0.0190 -0.0168 -0.0404 324 HOH A O   
1103 O O   . HOH F .  ? 0.1813 0.3916 0.2131 0.0897  -0.0108 -0.1184 325 HOH A O   
1104 O O   . HOH F .  ? 0.3789 0.2483 0.2715 0.0993  -0.0876 -0.1292 326 HOH A O   
1105 O O   . HOH F .  ? 0.2463 0.3208 0.3179 -0.1158 -0.0235 0.0714  327 HOH A O   
1106 O O   . HOH F .  ? 0.3249 0.2604 0.3297 0.0962  -0.0645 -0.0614 328 HOH A O   
1107 O O   . HOH F .  ? 0.2706 0.4012 0.2970 -0.1262 -0.0194 0.0430  329 HOH A O   
1108 O O   . HOH F .  ? 0.5010 0.2579 0.2318 0.0456  -0.1335 0.0528  330 HOH A O   
1109 O O   . HOH F .  ? 0.3915 0.1812 0.4368 0.0198  -0.0999 0.0567  331 HOH A O   
1110 O O   . HOH F .  ? 0.3584 0.2789 0.3418 -0.0154 0.0660  0.0208  332 HOH A O   
1111 O O   . HOH F .  ? 0.4291 0.2711 0.3785 -0.0036 0.0437  -0.0454 333 HOH A O   
1112 O O   . HOH F .  ? 0.4693 0.5273 0.5094 0.0132  -0.0091 0.0329  334 HOH A O   
1113 O O   . HOH F .  ? 0.4126 0.3713 0.4277 0.0074  -0.0019 -0.0393 335 HOH A O   
1114 O O   . HOH F .  ? 0.3765 0.4916 0.2117 0.0434  0.0467  0.0592  336 HOH A O   
1115 O O   . HOH F .  ? 0.4553 0.4358 0.3017 0.0053  0.0050  -0.0795 337 HOH A O   
1116 O O   . HOH F .  ? 0.3255 0.4434 0.3765 -0.0062 0.0717  -0.0227 338 HOH A O   
1117 O O   . HOH F .  ? 0.4608 0.4857 0.4281 -0.0178 -0.0519 -0.0107 339 HOH A O   
1118 O O   . HOH F .  ? 0.5150 0.5659 0.5310 -0.0039 0.0630  -0.0033 340 HOH A O   
1119 O O   . HOH F .  ? 0.5324 0.3570 0.2325 0.0003  0.1226  -0.0431 341 HOH A O   
1120 O O   . HOH F .  ? 0.4731 0.5292 0.4029 -0.0240 -0.0083 0.0238  342 HOH A O   
1121 O O   . HOH F .  ? 0.3706 0.4273 0.2578 0.0560  0.0222  0.0185  343 HOH A O   
1122 O O   . HOH F .  ? 0.2946 0.5234 0.4862 -0.0888 0.0141  -0.0214 344 HOH A O   
1123 O O   . HOH F .  ? 0.5334 0.5391 0.4958 0.0065  -0.0304 -0.0516 345 HOH A O   
1124 O O   . HOH F .  ? 0.5664 0.5911 0.5836 -0.0097 0.0221  0.0030  346 HOH A O   
1125 O O   . HOH F .  ? 0.3612 0.4896 0.3148 -0.0584 -0.0768 -0.0676 347 HOH A O   
1126 O O   . HOH F .  ? 0.4599 0.4897 0.5280 -0.0135 -0.0464 -0.0079 348 HOH A O   
1127 O O   . HOH F .  ? 0.4546 0.5087 0.4827 -0.0732 -0.0369 0.0007  349 HOH A O   
1128 O O   . HOH F .  ? 0.5120 0.5446 0.5097 -0.0556 -0.0218 -0.0385 350 HOH A O   
1129 O O   . HOH F .  ? 0.5201 0.6110 0.5688 -0.0053 0.0478  0.0138  351 HOH A O   
1130 O O   . HOH F .  ? 0.6019 0.5533 0.5940 0.0046  -0.0175 -0.0148 352 HOH A O   
1131 O O   . HOH F .  ? 0.5423 0.5950 0.5569 0.0019  0.0609  0.0224  353 HOH A O   
1132 O O   . HOH F .  ? 0.1674 0.2516 0.1323 0.0678  -0.0167 -0.0328 354 HOH A O   
1133 O O   . HOH F .  ? 0.4501 0.4912 0.4780 -0.0469 0.0225  0.0070  355 HOH A O   
1134 O O   . HOH F .  ? 0.4258 0.4534 0.4938 0.0349  0.0193  -0.0179 356 HOH A O   
1135 O O   . HOH F .  ? 0.4964 0.4917 0.4760 -0.0306 0.0154  0.0605  357 HOH A O   
1136 O O   . HOH F .  ? 0.4682 0.4384 0.4651 0.0468  0.0425  0.0044  358 HOH A O   
1137 O O   . HOH F .  ? 0.5537 0.5253 0.5627 0.0309  0.0060  -0.0438 359 HOH A O   
1138 O O   . HOH F .  ? 0.4639 0.4942 0.4796 0.0222  -0.0062 0.0209  360 HOH A O   
1139 O O   . HOH F .  ? 0.5208 0.4276 0.4845 0.0251  0.0477  0.0228  361 HOH A O   
1140 O O   . HOH F .  ? 0.5405 0.5440 0.5240 0.0100  0.0089  -0.0218 362 HOH A O   
1141 O O   . HOH F .  ? 0.3896 0.3471 0.1999 0.1627  0.0622  0.0332  363 HOH A O   
1142 O O   . HOH F .  ? 0.4663 0.2165 0.4157 -0.0465 -0.1347 -0.0807 364 HOH A O   
1143 O O   . HOH F .  ? 0.4077 0.3289 0.4182 0.0148  -0.0776 -0.0714 365 HOH A O   
1144 O O   . HOH F .  ? 0.4426 0.5050 0.4527 -0.0841 0.0600  0.0979  366 HOH A O   
1145 O O   . HOH F .  ? 0.4858 0.4252 0.3816 -0.0120 0.0156  -0.1789 367 HOH A O   
1146 O O   . HOH F .  ? 0.5069 0.5648 0.5262 0.0018  0.0077  0.0561  368 HOH A O   
1147 O O   . HOH F .  ? 0.5887 0.5477 0.5527 0.0069  0.0529  -0.0182 369 HOH A O   
1148 O O   . HOH F .  ? 0.5433 0.5112 0.4716 -0.0141 -0.0040 0.0238  370 HOH A O   
1149 O O   . HOH F .  ? 0.5546 0.5141 0.5182 0.0027  -0.0106 -0.0217 371 HOH A O   
1150 O O   . HOH F .  ? 0.2942 0.3963 0.2456 0.1897  -0.0484 -0.0950 372 HOH A O   
1151 O O   . HOH F .  ? 0.5033 0.5475 0.5336 -0.0320 -0.0417 0.0200  373 HOH A O   
1152 O O   . HOH F .  ? 0.6206 0.5904 0.6161 0.0116  0.0224  0.0020  374 HOH A O   
1153 O O   . HOH F .  ? 0.5568 0.5625 0.5460 -0.0027 0.0005  -0.0043 375 HOH A O   
1154 O O   . HOH G .  ? 0.2606 0.2280 0.2671 -0.0737 0.0728  -0.0417 201 HOH B O   
1155 O O   . HOH G .  ? 0.2502 0.3414 0.4556 0.0287  -0.0257 0.0411  202 HOH B O   
1156 O O   . HOH G .  ? 0.4000 0.2299 0.4097 -0.0340 0.1396  -0.0805 203 HOH B O   
1157 O O   . HOH G .  ? 0.3043 0.1538 0.4861 -0.0021 -0.0587 -0.0415 204 HOH B O   
1158 O O   . HOH G .  ? 0.3785 0.2266 0.3254 0.0187  -0.0716 0.0171  205 HOH B O   
1159 O O   . HOH G .  ? 0.4353 0.4850 0.4077 -0.0344 0.0782  -0.0179 206 HOH B O   
1160 O O   . HOH G .  ? 0.3031 0.3672 0.5136 0.0469  0.0602  -0.0222 207 HOH B O   
1161 O O   . HOH G .  ? 0.2647 0.5095 0.4142 -0.1149 -0.0479 -0.0616 208 HOH B O   
1162 O O   . HOH G .  ? 0.4615 0.4416 0.4483 -0.0076 -0.0352 0.1326  209 HOH B O   
1163 O O   . HOH G .  ? 0.5304 0.5689 0.5146 -0.0384 -0.0128 0.0341  210 HOH B O   
1164 O O   . HOH G .  ? 0.5694 0.5490 0.5681 0.0207  0.0196  0.0090  211 HOH B O   
1165 O O   . HOH G .  ? 0.5228 0.2355 0.3607 0.0376  0.0271  -0.0084 212 HOH B O   
1166 O O   . HOH G .  ? 0.5699 0.4876 0.5032 0.0397  -0.0090 -0.0538 213 HOH B O   
1167 O O   . HOH G .  ? 0.4497 0.3663 0.4881 -0.0377 0.0140  0.0547  214 HOH B O   
# 
loop_
_pdbx_poly_seq_scheme.asym_id 
_pdbx_poly_seq_scheme.entity_id 
_pdbx_poly_seq_scheme.seq_id 
_pdbx_poly_seq_scheme.mon_id 
_pdbx_poly_seq_scheme.ndb_seq_num 
_pdbx_poly_seq_scheme.pdb_seq_num 
_pdbx_poly_seq_scheme.auth_seq_num 
_pdbx_poly_seq_scheme.pdb_mon_id 
_pdbx_poly_seq_scheme.auth_mon_id 
_pdbx_poly_seq_scheme.pdb_strand_id 
_pdbx_poly_seq_scheme.pdb_ins_code 
_pdbx_poly_seq_scheme.hetero 
A 1 1  GLY 1  81  ?   ?   ?   A . n 
A 1 2  SER 2  82  ?   ?   ?   A . n 
A 1 3  HIS 3  83  ?   ?   ?   A . n 
A 1 4  MET 4  84  ?   ?   ?   A . n 
A 1 5  THR 5  85  85  THR THR A . n 
A 1 6  PHE 6  86  86  PHE PHE A . n 
A 1 7  VAL 7  87  87  VAL VAL A . n 
A 1 8  ALA 8  88  88  ALA ALA A . n 
A 1 9  LEU 9  89  89  LEU LEU A . n 
A 1 10 TYR 10 90  90  TYR TYR A . n 
A 1 11 ASP 11 91  91  ASP ASP A . n 
A 1 12 TYR 12 92  92  TYR TYR A . n 
A 1 13 GLU 13 93  93  GLU GLU A . n 
A 1 14 SER 14 94  94  SER SER A . n 
A 1 15 ARG 15 95  95  ARG ARG A . n 
A 1 16 THR 16 96  96  THR THR A . n 
A 1 17 GLU 17 97  97  GLU GLU A . n 
A 1 18 ASP 18 98  98  ASP ASP A . n 
A 1 19 ASP 19 99  99  ASP ASP A . n 
A 1 20 LEU 20 100 100 LEU LEU A . n 
A 1 21 SER 21 101 101 SER SER A . n 
A 1 22 PHE 22 102 102 PHE PHE A . n 
A 1 23 LYS 23 103 103 LYS LYS A . n 
A 1 24 LYS 24 104 104 LYS LYS A . n 
A 1 25 GLY 25 105 105 GLY GLY A . n 
A 1 26 GLU 26 106 106 GLU GLU A . n 
A 1 27 ARG 27 107 107 ARG ARG A . n 
A 1 28 LEU 28 108 108 LEU LEU A . n 
A 1 29 GLN 29 109 109 GLN GLN A . n 
A 1 30 ILE 30 110 110 ILE ILE A . n 
A 1 31 VAL 31 111 111 VAL VAL A . n 
A 1 32 ASN 32 112 112 ASN ASN A . n 
A 1 33 ASN 33 113 113 ASN ASN A . n 
A 1 34 THR 34 114 114 THR THR A . n 
A 1 35 GLU 35 115 115 GLU GLU A . n 
A 1 36 GLY 36 116 116 GLY GLY A . n 
A 1 37 ASP 37 117 117 ASP ASP A . n 
A 1 38 TRP 38 118 118 TRP TRP A . n 
A 1 39 TRP 39 119 119 TRP TRP A . n 
A 1 40 LEU 40 120 120 LEU LEU A . n 
A 1 41 ALA 41 121 121 ALA ALA A . n 
A 1 42 HIS 42 122 122 HIS HIS A . n 
A 1 43 SER 43 123 123 SER SER A . n 
A 1 44 LEU 44 124 124 LEU LEU A . n 
A 1 45 THR 45 125 125 THR THR A . n 
A 1 46 THR 46 126 126 THR THR A . n 
A 1 47 GLY 47 127 127 GLY GLY A . n 
A 1 48 ARG 48 128 128 ARG ARG A . n 
A 1 49 THR 49 129 129 THR THR A . n 
A 1 50 GLY 50 130 130 GLY GLY A . n 
A 1 51 TYR 51 131 131 TYR TYR A . n 
A 1 52 ILE 52 132 132 ILE ILE A . n 
A 1 53 PRO 53 133 133 PRO PRO A . n 
A 1 54 SER 54 134 134 SER SER A . n 
A 1 55 ASN 55 135 135 ASN ASN A . n 
A 1 56 TYR 56 136 136 TYR TYR A . n 
A 1 57 VAL 57 137 137 VAL VAL A . n 
A 1 58 ALA 58 138 138 ALA ALA A . n 
A 1 59 PRO 59 139 139 PRO PRO A . n 
A 1 60 SER 60 140 140 SER SER A . n 
A 1 61 ASP 61 141 141 ASP ASP A . n 
B 2 1  ACE 1  0   0   ACE ACE B . n 
B 2 2  ALA 2  1   1   ALA ALA B . n 
B 2 3  PRO 3  2   2   PRO PRO B . n 
B 2 4  PRO 4  3   3   PRO PRO B . n 
B 2 5  LEU 5  4   4   LEU LEU B . n 
B 2 6  PRO 6  5   5   PRO PRO B . n 
B 2 7  PRO 7  6   6   PRO PRO B . n 
B 2 8  ARG 8  7   7   ARG ARG B . n 
B 2 9  ASN 9  8   8   ASN ASN B . n 
B 2 10 ARG 10 9   9   ARG ARG B . n 
B 2 11 PRO 11 10  10  PRO PRO B . n 
# 
loop_
_pdbx_nonpoly_scheme.asym_id 
_pdbx_nonpoly_scheme.entity_id 
_pdbx_nonpoly_scheme.mon_id 
_pdbx_nonpoly_scheme.ndb_seq_num 
_pdbx_nonpoly_scheme.pdb_seq_num 
_pdbx_nonpoly_scheme.auth_seq_num 
_pdbx_nonpoly_scheme.pdb_mon_id 
_pdbx_nonpoly_scheme.auth_mon_id 
_pdbx_nonpoly_scheme.pdb_strand_id 
_pdbx_nonpoly_scheme.pdb_ins_code 
C 3 SO4 1  201 1  SO4 SO4 A . 
D 4 ACE 1  202 3  ACE ACE A . 
E 4 ACE 1  101 6  ACE ACE B . 
F 5 HOH 1  301 2  HOH HOH A . 
F 5 HOH 2  302 3  HOH HOH A . 
F 5 HOH 3  303 4  HOH HOH A . 
F 5 HOH 4  304 5  HOH HOH A . 
F 5 HOH 5  305 7  HOH HOH A . 
F 5 HOH 6  306 8  HOH HOH A . 
F 5 HOH 7  307 9  HOH HOH A . 
F 5 HOH 8  308 10 HOH HOH A . 
F 5 HOH 9  309 11 HOH HOH A . 
F 5 HOH 10 310 12 HOH HOH A . 
F 5 HOH 11 311 13 HOH HOH A . 
F 5 HOH 12 312 14 HOH HOH A . 
F 5 HOH 13 313 15 HOH HOH A . 
F 5 HOH 14 314 16 HOH HOH A . 
F 5 HOH 15 315 17 HOH HOH A . 
F 5 HOH 16 316 18 HOH HOH A . 
F 5 HOH 17 317 19 HOH HOH A . 
F 5 HOH 18 318 20 HOH HOH A . 
F 5 HOH 19 319 21 HOH HOH A . 
F 5 HOH 20 320 23 HOH HOH A . 
F 5 HOH 21 321 24 HOH HOH A . 
F 5 HOH 22 322 25 HOH HOH A . 
F 5 HOH 23 323 26 HOH HOH A . 
F 5 HOH 24 324 27 HOH HOH A . 
F 5 HOH 25 325 28 HOH HOH A . 
F 5 HOH 26 326 29 HOH HOH A . 
F 5 HOH 27 327 30 HOH HOH A . 
F 5 HOH 28 328 31 HOH HOH A . 
F 5 HOH 29 329 32 HOH HOH A . 
F 5 HOH 30 330 34 HOH HOH A . 
F 5 HOH 31 331 36 HOH HOH A . 
F 5 HOH 32 332 37 HOH HOH A . 
F 5 HOH 33 333 38 HOH HOH A . 
F 5 HOH 34 334 39 HOH HOH A . 
F 5 HOH 35 335 40 HOH HOH A . 
F 5 HOH 36 336 41 HOH HOH A . 
F 5 HOH 37 337 43 HOH HOH A . 
F 5 HOH 38 338 44 HOH HOH A . 
F 5 HOH 39 339 45 HOH HOH A . 
F 5 HOH 40 340 46 HOH HOH A . 
F 5 HOH 41 341 47 HOH HOH A . 
F 5 HOH 42 342 48 HOH HOH A . 
F 5 HOH 43 343 49 HOH HOH A . 
F 5 HOH 44 344 51 HOH HOH A . 
F 5 HOH 45 345 52 HOH HOH A . 
F 5 HOH 46 346 54 HOH HOH A . 
F 5 HOH 47 347 55 HOH HOH A . 
F 5 HOH 48 348 56 HOH HOH A . 
F 5 HOH 49 349 58 HOH HOH A . 
F 5 HOH 50 350 59 HOH HOH A . 
F 5 HOH 51 351 60 HOH HOH A . 
F 5 HOH 52 352 61 HOH HOH A . 
F 5 HOH 53 353 63 HOH HOH A . 
F 5 HOH 54 354 64 HOH HOH A . 
F 5 HOH 55 355 65 HOH HOH A . 
F 5 HOH 56 356 66 HOH HOH A . 
F 5 HOH 57 357 67 HOH HOH A . 
F 5 HOH 58 358 68 HOH HOH A . 
F 5 HOH 59 359 70 HOH HOH A . 
F 5 HOH 60 360 71 HOH HOH A . 
F 5 HOH 61 361 73 HOH HOH A . 
F 5 HOH 62 362 74 HOH HOH A . 
F 5 HOH 63 363 75 HOH HOH A . 
F 5 HOH 64 364 76 HOH HOH A . 
F 5 HOH 65 365 77 HOH HOH A . 
F 5 HOH 66 366 78 HOH HOH A . 
F 5 HOH 67 367 79 HOH HOH A . 
F 5 HOH 68 368 80 HOH HOH A . 
F 5 HOH 69 369 82 HOH HOH A . 
F 5 HOH 70 370 84 HOH HOH A . 
F 5 HOH 71 371 85 HOH HOH A . 
F 5 HOH 72 372 86 HOH HOH A . 
F 5 HOH 73 373 87 HOH HOH A . 
F 5 HOH 74 374 88 HOH HOH A . 
F 5 HOH 75 375 89 HOH HOH A . 
G 5 HOH 1  201 1  HOH HOH B . 
G 5 HOH 2  202 6  HOH HOH B . 
G 5 HOH 3  203 22 HOH HOH B . 
G 5 HOH 4  204 33 HOH HOH B . 
G 5 HOH 5  205 35 HOH HOH B . 
G 5 HOH 6  206 42 HOH HOH B . 
G 5 HOH 7  207 50 HOH HOH B . 
G 5 HOH 8  208 53 HOH HOH B . 
G 5 HOH 9  209 57 HOH HOH B . 
G 5 HOH 10 210 62 HOH HOH B . 
G 5 HOH 11 211 69 HOH HOH B . 
G 5 HOH 12 212 72 HOH HOH B . 
G 5 HOH 13 213 81 HOH HOH B . 
G 5 HOH 14 214 83 HOH HOH B . 
# 
loop_
_pdbx_struct_assembly.id 
_pdbx_struct_assembly.details 
_pdbx_struct_assembly.method_details 
_pdbx_struct_assembly.oligomeric_details 
_pdbx_struct_assembly.oligomeric_count 
1 author_and_software_defined_assembly PISA dimeric    2 
2 software_defined_assembly            PISA tetrameric 4 
# 
loop_
_pdbx_struct_assembly_gen.assembly_id 
_pdbx_struct_assembly_gen.oper_expression 
_pdbx_struct_assembly_gen.asym_id_list 
1 1   A,B,C,D,E,F,G 
2 1,2 A,B,C,D,E,F,G 
# 
loop_
_pdbx_struct_assembly_prop.biol_id 
_pdbx_struct_assembly_prop.type 
_pdbx_struct_assembly_prop.value 
_pdbx_struct_assembly_prop.details 
1 'ABSA (A^2)' 1630 ? 
1 MORE         -16  ? 
1 'SSA (A^2)'  4330 ? 
2 'ABSA (A^2)' 4720 ? 
2 MORE         -37  ? 
2 'SSA (A^2)'  7210 ? 
# 
loop_
_pdbx_struct_oper_list.id 
_pdbx_struct_oper_list.type 
_pdbx_struct_oper_list.name 
_pdbx_struct_oper_list.symmetry_operation 
_pdbx_struct_oper_list.matrix[1][1] 
_pdbx_struct_oper_list.matrix[1][2] 
_pdbx_struct_oper_list.matrix[1][3] 
_pdbx_struct_oper_list.vector[1] 
_pdbx_struct_oper_list.matrix[2][1] 
_pdbx_struct_oper_list.matrix[2][2] 
_pdbx_struct_oper_list.matrix[2][3] 
_pdbx_struct_oper_list.vector[2] 
_pdbx_struct_oper_list.matrix[3][1] 
_pdbx_struct_oper_list.matrix[3][2] 
_pdbx_struct_oper_list.matrix[3][3] 
_pdbx_struct_oper_list.vector[3] 
1 'identity operation'         1_555 x,y,z      1.0000000000 0.0000000000 0.0000000000  0.0000000000 0.0000000000 1.0000000000  0.0000000000  0.0000000000  0.0000000000  0.0000000000  1.0000000000  0.0000000000  
2 'crystal symmetry operation' 4_645 y+1,x-1,-z 0.4174056866 0.9087075992 -0.0047950065 6.2196491963 0.9087075992 -0.4174219078 -0.0030741085 -9.5979298961 -0.0047950065 -0.0030741085 -0.9999837788 19.6150530671 
# 
loop_
_pdbx_struct_special_symmetry.id 
_pdbx_struct_special_symmetry.PDB_model_num 
_pdbx_struct_special_symmetry.auth_asym_id 
_pdbx_struct_special_symmetry.auth_comp_id 
_pdbx_struct_special_symmetry.auth_seq_id 
_pdbx_struct_special_symmetry.PDB_ins_code 
_pdbx_struct_special_symmetry.label_asym_id 
_pdbx_struct_special_symmetry.label_comp_id 
_pdbx_struct_special_symmetry.label_seq_id 
1 1 A GLU 93  ? A GLU 13 
2 1 A HOH 375 ? F HOH .  
# 
loop_
_pdbx_audit_revision_history.ordinal 
_pdbx_audit_revision_history.data_content_type 
_pdbx_audit_revision_history.major_revision 
_pdbx_audit_revision_history.minor_revision 
_pdbx_audit_revision_history.revision_date 
1 'Structure model' 1 0 2013-05-01 
2 'Structure model' 1 1 2013-06-19 
3 'Structure model' 1 2 2023-09-20 
# 
_pdbx_audit_revision_details.ordinal             1 
_pdbx_audit_revision_details.revision_ordinal    1 
_pdbx_audit_revision_details.data_content_type   'Structure model' 
_pdbx_audit_revision_details.provider            repository 
_pdbx_audit_revision_details.type                'Initial release' 
_pdbx_audit_revision_details.description         ? 
_pdbx_audit_revision_details.details             ? 
# 
loop_
_pdbx_audit_revision_group.ordinal 
_pdbx_audit_revision_group.revision_ordinal 
_pdbx_audit_revision_group.data_content_type 
_pdbx_audit_revision_group.group 
1 2 'Structure model' 'Database references'    
2 3 'Structure model' 'Data collection'        
3 3 'Structure model' 'Database references'    
4 3 'Structure model' 'Derived calculations'   
5 3 'Structure model' 'Refinement description' 
# 
loop_
_pdbx_audit_revision_category.ordinal 
_pdbx_audit_revision_category.revision_ordinal 
_pdbx_audit_revision_category.data_content_type 
_pdbx_audit_revision_category.category 
1 3 'Structure model' chem_comp_atom                
2 3 'Structure model' chem_comp_bond                
3 3 'Structure model' database_2                    
4 3 'Structure model' pdbx_initial_refinement_model 
5 3 'Structure model' struct_conn                   
6 3 'Structure model' struct_ref_seq_dif            
7 3 'Structure model' struct_site                   
# 
loop_
_pdbx_audit_revision_item.ordinal 
_pdbx_audit_revision_item.revision_ordinal 
_pdbx_audit_revision_item.data_content_type 
_pdbx_audit_revision_item.item 
1 3 'Structure model' '_database_2.pdbx_DOI'                
2 3 'Structure model' '_database_2.pdbx_database_accession' 
3 3 'Structure model' '_struct_conn.pdbx_leaving_atom_flag' 
4 3 'Structure model' '_struct_ref_seq_dif.details'         
5 3 'Structure model' '_struct_site.pdbx_auth_asym_id'      
6 3 'Structure model' '_struct_site.pdbx_auth_comp_id'      
7 3 'Structure model' '_struct_site.pdbx_auth_seq_id'       
# 
loop_
_software.pdbx_ordinal 
_software.name 
_software.version 
_software.date 
_software.type 
_software.contact_author 
_software.contact_author_email 
_software.classification 
_software.location 
_software.language 
_software.citation_id 
1 Aimless     0.1.27   11/07/12         program 'Phil Evans'    ?                        'data scaling'    
http://www.mrc-lmb.cam.ac.uk/harry/pre/aimless.html ?   ? 
2 PHENIX      1.8_1069 ?                package 'Paul D. Adams' PDAdams@lbl.gov          refinement        
http://www.phenix-online.org/                       C++ ? 
3 PDB_EXTRACT 3.11     'April 22, 2011' package PDB             deposit@deposit.rcsb.org 'data extraction' 
http://sw-tools.pdb.org/apps/PDB_EXTRACT/           C++ ? 
4 ADSC        Quantum  ?                ?       ?               ?                        'data collection' ? ?   ? 
5 XDS         .        ?                ?       ?               ?                        'data reduction'  ? ?   ? 
6 PHASER      .        ?                ?       ?               ?                        phasing           ? ?   ? 
# 
loop_
_pdbx_unobs_or_zero_occ_residues.id 
_pdbx_unobs_or_zero_occ_residues.PDB_model_num 
_pdbx_unobs_or_zero_occ_residues.polymer_flag 
_pdbx_unobs_or_zero_occ_residues.occupancy_flag 
_pdbx_unobs_or_zero_occ_residues.auth_asym_id 
_pdbx_unobs_or_zero_occ_residues.auth_comp_id 
_pdbx_unobs_or_zero_occ_residues.auth_seq_id 
_pdbx_unobs_or_zero_occ_residues.PDB_ins_code 
_pdbx_unobs_or_zero_occ_residues.label_asym_id 
_pdbx_unobs_or_zero_occ_residues.label_comp_id 
_pdbx_unobs_or_zero_occ_residues.label_seq_id 
1 1 Y 1 A GLY 81 ? A GLY 1 
2 1 Y 1 A SER 82 ? A SER 2 
3 1 Y 1 A HIS 83 ? A HIS 3 
4 1 Y 1 A MET 84 ? A MET 4 
# 
loop_
_chem_comp_atom.comp_id 
_chem_comp_atom.atom_id 
_chem_comp_atom.type_symbol 
_chem_comp_atom.pdbx_aromatic_flag 
_chem_comp_atom.pdbx_stereo_config 
_chem_comp_atom.pdbx_ordinal 
ACE C    C N N 1   
ACE O    O N N 2   
ACE CH3  C N N 3   
ACE H    H N N 4   
ACE H1   H N N 5   
ACE H2   H N N 6   
ACE H3   H N N 7   
ALA N    N N N 8   
ALA CA   C N S 9   
ALA C    C N N 10  
ALA O    O N N 11  
ALA CB   C N N 12  
ALA OXT  O N N 13  
ALA H    H N N 14  
ALA H2   H N N 15  
ALA HA   H N N 16  
ALA HB1  H N N 17  
ALA HB2  H N N 18  
ALA HB3  H N N 19  
ALA HXT  H N N 20  
ARG N    N N N 21  
ARG CA   C N S 22  
ARG C    C N N 23  
ARG O    O N N 24  
ARG CB   C N N 25  
ARG CG   C N N 26  
ARG CD   C N N 27  
ARG NE   N N N 28  
ARG CZ   C N N 29  
ARG NH1  N N N 30  
ARG NH2  N N N 31  
ARG OXT  O N N 32  
ARG H    H N N 33  
ARG H2   H N N 34  
ARG HA   H N N 35  
ARG HB2  H N N 36  
ARG HB3  H N N 37  
ARG HG2  H N N 38  
ARG HG3  H N N 39  
ARG HD2  H N N 40  
ARG HD3  H N N 41  
ARG HE   H N N 42  
ARG HH11 H N N 43  
ARG HH12 H N N 44  
ARG HH21 H N N 45  
ARG HH22 H N N 46  
ARG HXT  H N N 47  
ASN N    N N N 48  
ASN CA   C N S 49  
ASN C    C N N 50  
ASN O    O N N 51  
ASN CB   C N N 52  
ASN CG   C N N 53  
ASN OD1  O N N 54  
ASN ND2  N N N 55  
ASN OXT  O N N 56  
ASN H    H N N 57  
ASN H2   H N N 58  
ASN HA   H N N 59  
ASN HB2  H N N 60  
ASN HB3  H N N 61  
ASN HD21 H N N 62  
ASN HD22 H N N 63  
ASN HXT  H N N 64  
ASP N    N N N 65  
ASP CA   C N S 66  
ASP C    C N N 67  
ASP O    O N N 68  
ASP CB   C N N 69  
ASP CG   C N N 70  
ASP OD1  O N N 71  
ASP OD2  O N N 72  
ASP OXT  O N N 73  
ASP H    H N N 74  
ASP H2   H N N 75  
ASP HA   H N N 76  
ASP HB2  H N N 77  
ASP HB3  H N N 78  
ASP HD2  H N N 79  
ASP HXT  H N N 80  
GLN N    N N N 81  
GLN CA   C N S 82  
GLN C    C N N 83  
GLN O    O N N 84  
GLN CB   C N N 85  
GLN CG   C N N 86  
GLN CD   C N N 87  
GLN OE1  O N N 88  
GLN NE2  N N N 89  
GLN OXT  O N N 90  
GLN H    H N N 91  
GLN H2   H N N 92  
GLN HA   H N N 93  
GLN HB2  H N N 94  
GLN HB3  H N N 95  
GLN HG2  H N N 96  
GLN HG3  H N N 97  
GLN HE21 H N N 98  
GLN HE22 H N N 99  
GLN HXT  H N N 100 
GLU N    N N N 101 
GLU CA   C N S 102 
GLU C    C N N 103 
GLU O    O N N 104 
GLU CB   C N N 105 
GLU CG   C N N 106 
GLU CD   C N N 107 
GLU OE1  O N N 108 
GLU OE2  O N N 109 
GLU OXT  O N N 110 
GLU H    H N N 111 
GLU H2   H N N 112 
GLU HA   H N N 113 
GLU HB2  H N N 114 
GLU HB3  H N N 115 
GLU HG2  H N N 116 
GLU HG3  H N N 117 
GLU HE2  H N N 118 
GLU HXT  H N N 119 
GLY N    N N N 120 
GLY CA   C N N 121 
GLY C    C N N 122 
GLY O    O N N 123 
GLY OXT  O N N 124 
GLY H    H N N 125 
GLY H2   H N N 126 
GLY HA2  H N N 127 
GLY HA3  H N N 128 
GLY HXT  H N N 129 
HIS N    N N N 130 
HIS CA   C N S 131 
HIS C    C N N 132 
HIS O    O N N 133 
HIS CB   C N N 134 
HIS CG   C Y N 135 
HIS ND1  N Y N 136 
HIS CD2  C Y N 137 
HIS CE1  C Y N 138 
HIS NE2  N Y N 139 
HIS OXT  O N N 140 
HIS H    H N N 141 
HIS H2   H N N 142 
HIS HA   H N N 143 
HIS HB2  H N N 144 
HIS HB3  H N N 145 
HIS HD1  H N N 146 
HIS HD2  H N N 147 
HIS HE1  H N N 148 
HIS HE2  H N N 149 
HIS HXT  H N N 150 
HOH O    O N N 151 
HOH H1   H N N 152 
HOH H2   H N N 153 
ILE N    N N N 154 
ILE CA   C N S 155 
ILE C    C N N 156 
ILE O    O N N 157 
ILE CB   C N S 158 
ILE CG1  C N N 159 
ILE CG2  C N N 160 
ILE CD1  C N N 161 
ILE OXT  O N N 162 
ILE H    H N N 163 
ILE H2   H N N 164 
ILE HA   H N N 165 
ILE HB   H N N 166 
ILE HG12 H N N 167 
ILE HG13 H N N 168 
ILE HG21 H N N 169 
ILE HG22 H N N 170 
ILE HG23 H N N 171 
ILE HD11 H N N 172 
ILE HD12 H N N 173 
ILE HD13 H N N 174 
ILE HXT  H N N 175 
LEU N    N N N 176 
LEU CA   C N S 177 
LEU C    C N N 178 
LEU O    O N N 179 
LEU CB   C N N 180 
LEU CG   C N N 181 
LEU CD1  C N N 182 
LEU CD2  C N N 183 
LEU OXT  O N N 184 
LEU H    H N N 185 
LEU H2   H N N 186 
LEU HA   H N N 187 
LEU HB2  H N N 188 
LEU HB3  H N N 189 
LEU HG   H N N 190 
LEU HD11 H N N 191 
LEU HD12 H N N 192 
LEU HD13 H N N 193 
LEU HD21 H N N 194 
LEU HD22 H N N 195 
LEU HD23 H N N 196 
LEU HXT  H N N 197 
LYS N    N N N 198 
LYS CA   C N S 199 
LYS C    C N N 200 
LYS O    O N N 201 
LYS CB   C N N 202 
LYS CG   C N N 203 
LYS CD   C N N 204 
LYS CE   C N N 205 
LYS NZ   N N N 206 
LYS OXT  O N N 207 
LYS H    H N N 208 
LYS H2   H N N 209 
LYS HA   H N N 210 
LYS HB2  H N N 211 
LYS HB3  H N N 212 
LYS HG2  H N N 213 
LYS HG3  H N N 214 
LYS HD2  H N N 215 
LYS HD3  H N N 216 
LYS HE2  H N N 217 
LYS HE3  H N N 218 
LYS HZ1  H N N 219 
LYS HZ2  H N N 220 
LYS HZ3  H N N 221 
LYS HXT  H N N 222 
MET N    N N N 223 
MET CA   C N S 224 
MET C    C N N 225 
MET O    O N N 226 
MET CB   C N N 227 
MET CG   C N N 228 
MET SD   S N N 229 
MET CE   C N N 230 
MET OXT  O N N 231 
MET H    H N N 232 
MET H2   H N N 233 
MET HA   H N N 234 
MET HB2  H N N 235 
MET HB3  H N N 236 
MET HG2  H N N 237 
MET HG3  H N N 238 
MET HE1  H N N 239 
MET HE2  H N N 240 
MET HE3  H N N 241 
MET HXT  H N N 242 
PHE N    N N N 243 
PHE CA   C N S 244 
PHE C    C N N 245 
PHE O    O N N 246 
PHE CB   C N N 247 
PHE CG   C Y N 248 
PHE CD1  C Y N 249 
PHE CD2  C Y N 250 
PHE CE1  C Y N 251 
PHE CE2  C Y N 252 
PHE CZ   C Y N 253 
PHE OXT  O N N 254 
PHE H    H N N 255 
PHE H2   H N N 256 
PHE HA   H N N 257 
PHE HB2  H N N 258 
PHE HB3  H N N 259 
PHE HD1  H N N 260 
PHE HD2  H N N 261 
PHE HE1  H N N 262 
PHE HE2  H N N 263 
PHE HZ   H N N 264 
PHE HXT  H N N 265 
PRO N    N N N 266 
PRO CA   C N S 267 
PRO C    C N N 268 
PRO O    O N N 269 
PRO CB   C N N 270 
PRO CG   C N N 271 
PRO CD   C N N 272 
PRO OXT  O N N 273 
PRO H    H N N 274 
PRO HA   H N N 275 
PRO HB2  H N N 276 
PRO HB3  H N N 277 
PRO HG2  H N N 278 
PRO HG3  H N N 279 
PRO HD2  H N N 280 
PRO HD3  H N N 281 
PRO HXT  H N N 282 
SER N    N N N 283 
SER CA   C N S 284 
SER C    C N N 285 
SER O    O N N 286 
SER CB   C N N 287 
SER OG   O N N 288 
SER OXT  O N N 289 
SER H    H N N 290 
SER H2   H N N 291 
SER HA   H N N 292 
SER HB2  H N N 293 
SER HB3  H N N 294 
SER HG   H N N 295 
SER HXT  H N N 296 
SO4 S    S N N 297 
SO4 O1   O N N 298 
SO4 O2   O N N 299 
SO4 O3   O N N 300 
SO4 O4   O N N 301 
THR N    N N N 302 
THR CA   C N S 303 
THR C    C N N 304 
THR O    O N N 305 
THR CB   C N R 306 
THR OG1  O N N 307 
THR CG2  C N N 308 
THR OXT  O N N 309 
THR H    H N N 310 
THR H2   H N N 311 
THR HA   H N N 312 
THR HB   H N N 313 
THR HG1  H N N 314 
THR HG21 H N N 315 
THR HG22 H N N 316 
THR HG23 H N N 317 
THR HXT  H N N 318 
TRP N    N N N 319 
TRP CA   C N S 320 
TRP C    C N N 321 
TRP O    O N N 322 
TRP CB   C N N 323 
TRP CG   C Y N 324 
TRP CD1  C Y N 325 
TRP CD2  C Y N 326 
TRP NE1  N Y N 327 
TRP CE2  C Y N 328 
TRP CE3  C Y N 329 
TRP CZ2  C Y N 330 
TRP CZ3  C Y N 331 
TRP CH2  C Y N 332 
TRP OXT  O N N 333 
TRP H    H N N 334 
TRP H2   H N N 335 
TRP HA   H N N 336 
TRP HB2  H N N 337 
TRP HB3  H N N 338 
TRP HD1  H N N 339 
TRP HE1  H N N 340 
TRP HE3  H N N 341 
TRP HZ2  H N N 342 
TRP HZ3  H N N 343 
TRP HH2  H N N 344 
TRP HXT  H N N 345 
TYR N    N N N 346 
TYR CA   C N S 347 
TYR C    C N N 348 
TYR O    O N N 349 
TYR CB   C N N 350 
TYR CG   C Y N 351 
TYR CD1  C Y N 352 
TYR CD2  C Y N 353 
TYR CE1  C Y N 354 
TYR CE2  C Y N 355 
TYR CZ   C Y N 356 
TYR OH   O N N 357 
TYR OXT  O N N 358 
TYR H    H N N 359 
TYR H2   H N N 360 
TYR HA   H N N 361 
TYR HB2  H N N 362 
TYR HB3  H N N 363 
TYR HD1  H N N 364 
TYR HD2  H N N 365 
TYR HE1  H N N 366 
TYR HE2  H N N 367 
TYR HH   H N N 368 
TYR HXT  H N N 369 
VAL N    N N N 370 
VAL CA   C N S 371 
VAL C    C N N 372 
VAL O    O N N 373 
VAL CB   C N N 374 
VAL CG1  C N N 375 
VAL CG2  C N N 376 
VAL OXT  O N N 377 
VAL H    H N N 378 
VAL H2   H N N 379 
VAL HA   H N N 380 
VAL HB   H N N 381 
VAL HG11 H N N 382 
VAL HG12 H N N 383 
VAL HG13 H N N 384 
VAL HG21 H N N 385 
VAL HG22 H N N 386 
VAL HG23 H N N 387 
VAL HXT  H N N 388 
# 
loop_
_chem_comp_bond.comp_id 
_chem_comp_bond.atom_id_1 
_chem_comp_bond.atom_id_2 
_chem_comp_bond.value_order 
_chem_comp_bond.pdbx_aromatic_flag 
_chem_comp_bond.pdbx_stereo_config 
_chem_comp_bond.pdbx_ordinal 
ACE C   O    doub N N 1   
ACE C   CH3  sing N N 2   
ACE C   H    sing N N 3   
ACE CH3 H1   sing N N 4   
ACE CH3 H2   sing N N 5   
ACE CH3 H3   sing N N 6   
ALA N   CA   sing N N 7   
ALA N   H    sing N N 8   
ALA N   H2   sing N N 9   
ALA CA  C    sing N N 10  
ALA CA  CB   sing N N 11  
ALA CA  HA   sing N N 12  
ALA C   O    doub N N 13  
ALA C   OXT  sing N N 14  
ALA CB  HB1  sing N N 15  
ALA CB  HB2  sing N N 16  
ALA CB  HB3  sing N N 17  
ALA OXT HXT  sing N N 18  
ARG N   CA   sing N N 19  
ARG N   H    sing N N 20  
ARG N   H2   sing N N 21  
ARG CA  C    sing N N 22  
ARG CA  CB   sing N N 23  
ARG CA  HA   sing N N 24  
ARG C   O    doub N N 25  
ARG C   OXT  sing N N 26  
ARG CB  CG   sing N N 27  
ARG CB  HB2  sing N N 28  
ARG CB  HB3  sing N N 29  
ARG CG  CD   sing N N 30  
ARG CG  HG2  sing N N 31  
ARG CG  HG3  sing N N 32  
ARG CD  NE   sing N N 33  
ARG CD  HD2  sing N N 34  
ARG CD  HD3  sing N N 35  
ARG NE  CZ   sing N N 36  
ARG NE  HE   sing N N 37  
ARG CZ  NH1  sing N N 38  
ARG CZ  NH2  doub N N 39  
ARG NH1 HH11 sing N N 40  
ARG NH1 HH12 sing N N 41  
ARG NH2 HH21 sing N N 42  
ARG NH2 HH22 sing N N 43  
ARG OXT HXT  sing N N 44  
ASN N   CA   sing N N 45  
ASN N   H    sing N N 46  
ASN N   H2   sing N N 47  
ASN CA  C    sing N N 48  
ASN CA  CB   sing N N 49  
ASN CA  HA   sing N N 50  
ASN C   O    doub N N 51  
ASN C   OXT  sing N N 52  
ASN CB  CG   sing N N 53  
ASN CB  HB2  sing N N 54  
ASN CB  HB3  sing N N 55  
ASN CG  OD1  doub N N 56  
ASN CG  ND2  sing N N 57  
ASN ND2 HD21 sing N N 58  
ASN ND2 HD22 sing N N 59  
ASN OXT HXT  sing N N 60  
ASP N   CA   sing N N 61  
ASP N   H    sing N N 62  
ASP N   H2   sing N N 63  
ASP CA  C    sing N N 64  
ASP CA  CB   sing N N 65  
ASP CA  HA   sing N N 66  
ASP C   O    doub N N 67  
ASP C   OXT  sing N N 68  
ASP CB  CG   sing N N 69  
ASP CB  HB2  sing N N 70  
ASP CB  HB3  sing N N 71  
ASP CG  OD1  doub N N 72  
ASP CG  OD2  sing N N 73  
ASP OD2 HD2  sing N N 74  
ASP OXT HXT  sing N N 75  
GLN N   CA   sing N N 76  
GLN N   H    sing N N 77  
GLN N   H2   sing N N 78  
GLN CA  C    sing N N 79  
GLN CA  CB   sing N N 80  
GLN CA  HA   sing N N 81  
GLN C   O    doub N N 82  
GLN C   OXT  sing N N 83  
GLN CB  CG   sing N N 84  
GLN CB  HB2  sing N N 85  
GLN CB  HB3  sing N N 86  
GLN CG  CD   sing N N 87  
GLN CG  HG2  sing N N 88  
GLN CG  HG3  sing N N 89  
GLN CD  OE1  doub N N 90  
GLN CD  NE2  sing N N 91  
GLN NE2 HE21 sing N N 92  
GLN NE2 HE22 sing N N 93  
GLN OXT HXT  sing N N 94  
GLU N   CA   sing N N 95  
GLU N   H    sing N N 96  
GLU N   H2   sing N N 97  
GLU CA  C    sing N N 98  
GLU CA  CB   sing N N 99  
GLU CA  HA   sing N N 100 
GLU C   O    doub N N 101 
GLU C   OXT  sing N N 102 
GLU CB  CG   sing N N 103 
GLU CB  HB2  sing N N 104 
GLU CB  HB3  sing N N 105 
GLU CG  CD   sing N N 106 
GLU CG  HG2  sing N N 107 
GLU CG  HG3  sing N N 108 
GLU CD  OE1  doub N N 109 
GLU CD  OE2  sing N N 110 
GLU OE2 HE2  sing N N 111 
GLU OXT HXT  sing N N 112 
GLY N   CA   sing N N 113 
GLY N   H    sing N N 114 
GLY N   H2   sing N N 115 
GLY CA  C    sing N N 116 
GLY CA  HA2  sing N N 117 
GLY CA  HA3  sing N N 118 
GLY C   O    doub N N 119 
GLY C   OXT  sing N N 120 
GLY OXT HXT  sing N N 121 
HIS N   CA   sing N N 122 
HIS N   H    sing N N 123 
HIS N   H2   sing N N 124 
HIS CA  C    sing N N 125 
HIS CA  CB   sing N N 126 
HIS CA  HA   sing N N 127 
HIS C   O    doub N N 128 
HIS C   OXT  sing N N 129 
HIS CB  CG   sing N N 130 
HIS CB  HB2  sing N N 131 
HIS CB  HB3  sing N N 132 
HIS CG  ND1  sing Y N 133 
HIS CG  CD2  doub Y N 134 
HIS ND1 CE1  doub Y N 135 
HIS ND1 HD1  sing N N 136 
HIS CD2 NE2  sing Y N 137 
HIS CD2 HD2  sing N N 138 
HIS CE1 NE2  sing Y N 139 
HIS CE1 HE1  sing N N 140 
HIS NE2 HE2  sing N N 141 
HIS OXT HXT  sing N N 142 
HOH O   H1   sing N N 143 
HOH O   H2   sing N N 144 
ILE N   CA   sing N N 145 
ILE N   H    sing N N 146 
ILE N   H2   sing N N 147 
ILE CA  C    sing N N 148 
ILE CA  CB   sing N N 149 
ILE CA  HA   sing N N 150 
ILE C   O    doub N N 151 
ILE C   OXT  sing N N 152 
ILE CB  CG1  sing N N 153 
ILE CB  CG2  sing N N 154 
ILE CB  HB   sing N N 155 
ILE CG1 CD1  sing N N 156 
ILE CG1 HG12 sing N N 157 
ILE CG1 HG13 sing N N 158 
ILE CG2 HG21 sing N N 159 
ILE CG2 HG22 sing N N 160 
ILE CG2 HG23 sing N N 161 
ILE CD1 HD11 sing N N 162 
ILE CD1 HD12 sing N N 163 
ILE CD1 HD13 sing N N 164 
ILE OXT HXT  sing N N 165 
LEU N   CA   sing N N 166 
LEU N   H    sing N N 167 
LEU N   H2   sing N N 168 
LEU CA  C    sing N N 169 
LEU CA  CB   sing N N 170 
LEU CA  HA   sing N N 171 
LEU C   O    doub N N 172 
LEU C   OXT  sing N N 173 
LEU CB  CG   sing N N 174 
LEU CB  HB2  sing N N 175 
LEU CB  HB3  sing N N 176 
LEU CG  CD1  sing N N 177 
LEU CG  CD2  sing N N 178 
LEU CG  HG   sing N N 179 
LEU CD1 HD11 sing N N 180 
LEU CD1 HD12 sing N N 181 
LEU CD1 HD13 sing N N 182 
LEU CD2 HD21 sing N N 183 
LEU CD2 HD22 sing N N 184 
LEU CD2 HD23 sing N N 185 
LEU OXT HXT  sing N N 186 
LYS N   CA   sing N N 187 
LYS N   H    sing N N 188 
LYS N   H2   sing N N 189 
LYS CA  C    sing N N 190 
LYS CA  CB   sing N N 191 
LYS CA  HA   sing N N 192 
LYS C   O    doub N N 193 
LYS C   OXT  sing N N 194 
LYS CB  CG   sing N N 195 
LYS CB  HB2  sing N N 196 
LYS CB  HB3  sing N N 197 
LYS CG  CD   sing N N 198 
LYS CG  HG2  sing N N 199 
LYS CG  HG3  sing N N 200 
LYS CD  CE   sing N N 201 
LYS CD  HD2  sing N N 202 
LYS CD  HD3  sing N N 203 
LYS CE  NZ   sing N N 204 
LYS CE  HE2  sing N N 205 
LYS CE  HE3  sing N N 206 
LYS NZ  HZ1  sing N N 207 
LYS NZ  HZ2  sing N N 208 
LYS NZ  HZ3  sing N N 209 
LYS OXT HXT  sing N N 210 
MET N   CA   sing N N 211 
MET N   H    sing N N 212 
MET N   H2   sing N N 213 
MET CA  C    sing N N 214 
MET CA  CB   sing N N 215 
MET CA  HA   sing N N 216 
MET C   O    doub N N 217 
MET C   OXT  sing N N 218 
MET CB  CG   sing N N 219 
MET CB  HB2  sing N N 220 
MET CB  HB3  sing N N 221 
MET CG  SD   sing N N 222 
MET CG  HG2  sing N N 223 
MET CG  HG3  sing N N 224 
MET SD  CE   sing N N 225 
MET CE  HE1  sing N N 226 
MET CE  HE2  sing N N 227 
MET CE  HE3  sing N N 228 
MET OXT HXT  sing N N 229 
PHE N   CA   sing N N 230 
PHE N   H    sing N N 231 
PHE N   H2   sing N N 232 
PHE CA  C    sing N N 233 
PHE CA  CB   sing N N 234 
PHE CA  HA   sing N N 235 
PHE C   O    doub N N 236 
PHE C   OXT  sing N N 237 
PHE CB  CG   sing N N 238 
PHE CB  HB2  sing N N 239 
PHE CB  HB3  sing N N 240 
PHE CG  CD1  doub Y N 241 
PHE CG  CD2  sing Y N 242 
PHE CD1 CE1  sing Y N 243 
PHE CD1 HD1  sing N N 244 
PHE CD2 CE2  doub Y N 245 
PHE CD2 HD2  sing N N 246 
PHE CE1 CZ   doub Y N 247 
PHE CE1 HE1  sing N N 248 
PHE CE2 CZ   sing Y N 249 
PHE CE2 HE2  sing N N 250 
PHE CZ  HZ   sing N N 251 
PHE OXT HXT  sing N N 252 
PRO N   CA   sing N N 253 
PRO N   CD   sing N N 254 
PRO N   H    sing N N 255 
PRO CA  C    sing N N 256 
PRO CA  CB   sing N N 257 
PRO CA  HA   sing N N 258 
PRO C   O    doub N N 259 
PRO C   OXT  sing N N 260 
PRO CB  CG   sing N N 261 
PRO CB  HB2  sing N N 262 
PRO CB  HB3  sing N N 263 
PRO CG  CD   sing N N 264 
PRO CG  HG2  sing N N 265 
PRO CG  HG3  sing N N 266 
PRO CD  HD2  sing N N 267 
PRO CD  HD3  sing N N 268 
PRO OXT HXT  sing N N 269 
SER N   CA   sing N N 270 
SER N   H    sing N N 271 
SER N   H2   sing N N 272 
SER CA  C    sing N N 273 
SER CA  CB   sing N N 274 
SER CA  HA   sing N N 275 
SER C   O    doub N N 276 
SER C   OXT  sing N N 277 
SER CB  OG   sing N N 278 
SER CB  HB2  sing N N 279 
SER CB  HB3  sing N N 280 
SER OG  HG   sing N N 281 
SER OXT HXT  sing N N 282 
SO4 S   O1   doub N N 283 
SO4 S   O2   doub N N 284 
SO4 S   O3   sing N N 285 
SO4 S   O4   sing N N 286 
THR N   CA   sing N N 287 
THR N   H    sing N N 288 
THR N   H2   sing N N 289 
THR CA  C    sing N N 290 
THR CA  CB   sing N N 291 
THR CA  HA   sing N N 292 
THR C   O    doub N N 293 
THR C   OXT  sing N N 294 
THR CB  OG1  sing N N 295 
THR CB  CG2  sing N N 296 
THR CB  HB   sing N N 297 
THR OG1 HG1  sing N N 298 
THR CG2 HG21 sing N N 299 
THR CG2 HG22 sing N N 300 
THR CG2 HG23 sing N N 301 
THR OXT HXT  sing N N 302 
TRP N   CA   sing N N 303 
TRP N   H    sing N N 304 
TRP N   H2   sing N N 305 
TRP CA  C    sing N N 306 
TRP CA  CB   sing N N 307 
TRP CA  HA   sing N N 308 
TRP C   O    doub N N 309 
TRP C   OXT  sing N N 310 
TRP CB  CG   sing N N 311 
TRP CB  HB2  sing N N 312 
TRP CB  HB3  sing N N 313 
TRP CG  CD1  doub Y N 314 
TRP CG  CD2  sing Y N 315 
TRP CD1 NE1  sing Y N 316 
TRP CD1 HD1  sing N N 317 
TRP CD2 CE2  doub Y N 318 
TRP CD2 CE3  sing Y N 319 
TRP NE1 CE2  sing Y N 320 
TRP NE1 HE1  sing N N 321 
TRP CE2 CZ2  sing Y N 322 
TRP CE3 CZ3  doub Y N 323 
TRP CE3 HE3  sing N N 324 
TRP CZ2 CH2  doub Y N 325 
TRP CZ2 HZ2  sing N N 326 
TRP CZ3 CH2  sing Y N 327 
TRP CZ3 HZ3  sing N N 328 
TRP CH2 HH2  sing N N 329 
TRP OXT HXT  sing N N 330 
TYR N   CA   sing N N 331 
TYR N   H    sing N N 332 
TYR N   H2   sing N N 333 
TYR CA  C    sing N N 334 
TYR CA  CB   sing N N 335 
TYR CA  HA   sing N N 336 
TYR C   O    doub N N 337 
TYR C   OXT  sing N N 338 
TYR CB  CG   sing N N 339 
TYR CB  HB2  sing N N 340 
TYR CB  HB3  sing N N 341 
TYR CG  CD1  doub Y N 342 
TYR CG  CD2  sing Y N 343 
TYR CD1 CE1  sing Y N 344 
TYR CD1 HD1  sing N N 345 
TYR CD2 CE2  doub Y N 346 
TYR CD2 HD2  sing N N 347 
TYR CE1 CZ   doub Y N 348 
TYR CE1 HE1  sing N N 349 
TYR CE2 CZ   sing Y N 350 
TYR CE2 HE2  sing N N 351 
TYR CZ  OH   sing N N 352 
TYR OH  HH   sing N N 353 
TYR OXT HXT  sing N N 354 
VAL N   CA   sing N N 355 
VAL N   H    sing N N 356 
VAL N   H2   sing N N 357 
VAL CA  C    sing N N 358 
VAL CA  CB   sing N N 359 
VAL CA  HA   sing N N 360 
VAL C   O    doub N N 361 
VAL C   OXT  sing N N 362 
VAL CB  CG1  sing N N 363 
VAL CB  CG2  sing N N 364 
VAL CB  HB   sing N N 365 
VAL CG1 HG11 sing N N 366 
VAL CG1 HG12 sing N N 367 
VAL CG1 HG13 sing N N 368 
VAL CG2 HG21 sing N N 369 
VAL CG2 HG22 sing N N 370 
VAL CG2 HG23 sing N N 371 
VAL OXT HXT  sing N N 372 
# 
loop_
_pdbx_entity_nonpoly.entity_id 
_pdbx_entity_nonpoly.name 
_pdbx_entity_nonpoly.comp_id 
3 'SULFATE ION'  SO4 
4 'ACETYL GROUP' ACE 
5 water          HOH 
# 
_pdbx_initial_refinement_model.id               1 
_pdbx_initial_refinement_model.entity_id_list   ? 
_pdbx_initial_refinement_model.type             'experimental model' 
_pdbx_initial_refinement_model.source_name      PDB 
_pdbx_initial_refinement_model.accession_code   3FJ5 
_pdbx_initial_refinement_model.details          'PDB entry 3FJ5' 
# 
